data_2LTK
#
_entry.id   2LTK
#
_cell.length_a   1.000
_cell.length_b   1.000
_cell.length_c   1.000
_cell.angle_alpha   90.00
_cell.angle_beta   90.00
_cell.angle_gamma   90.00
#
_symmetry.space_group_name_H-M   'P 1'
#
_entity_poly.entity_id   1
_entity_poly.type   'polypeptide(L)'
_entity_poly.pdbx_seq_one_letter_code
;GAMVKKDIDDTIKSEDVVTFIKGLPEAPMCAYSKRMIDVLEALGLEYTSFDVLAHPVVRSYVKEVSEWPTIPQLFIKAEF
VGGLDIVTKMLESGDLKKMLRDKGITCRDL
;
_entity_poly.pdbx_strand_id   A
#
# COMPACT_ATOMS: atom_id res chain seq x y z
N GLY A 1 -6.44 -15.19 -16.18
CA GLY A 1 -7.89 -15.21 -15.99
C GLY A 1 -8.31 -14.22 -14.92
N ALA A 2 -9.53 -14.35 -14.42
CA ALA A 2 -10.07 -13.47 -13.37
C ALA A 2 -9.33 -13.59 -12.03
N MET A 3 -9.21 -12.47 -11.33
CA MET A 3 -8.57 -12.37 -10.00
C MET A 3 -9.55 -12.79 -8.89
N VAL A 4 -9.13 -13.75 -8.07
CA VAL A 4 -9.84 -14.22 -6.86
C VAL A 4 -9.18 -13.67 -5.59
N LYS A 5 -9.84 -13.75 -4.43
CA LYS A 5 -9.33 -13.17 -3.17
C LYS A 5 -8.00 -13.80 -2.72
N LYS A 6 -7.79 -15.09 -3.05
CA LYS A 6 -6.51 -15.80 -2.89
C LYS A 6 -5.38 -15.23 -3.76
N ASP A 7 -5.66 -14.58 -4.90
CA ASP A 7 -4.61 -13.90 -5.69
C ASP A 7 -4.11 -12.63 -5.02
N ILE A 8 -4.98 -11.91 -4.29
CA ILE A 8 -4.57 -10.78 -3.45
C ILE A 8 -3.73 -11.28 -2.26
N ASP A 9 -4.17 -12.37 -1.62
CA ASP A 9 -3.48 -12.94 -0.45
C ASP A 9 -2.06 -13.47 -0.79
N ASP A 10 -1.91 -14.15 -1.93
CA ASP A 10 -0.62 -14.62 -2.46
C ASP A 10 0.26 -13.47 -2.97
N THR A 11 -0.36 -12.41 -3.53
CA THR A 11 0.35 -11.17 -3.91
C THR A 11 0.90 -10.42 -2.69
N ILE A 12 0.17 -10.36 -1.57
CA ILE A 12 0.68 -9.77 -0.31
C ILE A 12 1.88 -10.56 0.23
N LYS A 13 1.94 -11.88 0.00
CA LYS A 13 3.10 -12.75 0.25
C LYS A 13 4.22 -12.64 -0.80
N SER A 14 3.93 -12.14 -2.01
CA SER A 14 4.84 -12.04 -3.15
C SER A 14 5.61 -10.72 -3.24
N GLU A 15 4.93 -9.60 -2.99
CA GLU A 15 5.43 -8.23 -3.15
C GLU A 15 6.01 -7.68 -1.84
N ASP A 16 6.89 -6.68 -1.94
CA ASP A 16 7.57 -6.11 -0.77
C ASP A 16 6.79 -4.92 -0.20
N VAL A 17 6.04 -4.26 -1.07
CA VAL A 17 5.14 -3.14 -0.77
C VAL A 17 3.79 -3.37 -1.45
N VAL A 18 2.70 -3.28 -0.68
CA VAL A 18 1.32 -3.35 -1.21
C VAL A 18 0.47 -2.23 -0.62
N THR A 19 -0.51 -1.74 -1.38
CA THR A 19 -1.48 -0.74 -0.89
C THR A 19 -2.88 -0.98 -1.45
N PHE A 20 -3.89 -0.57 -0.68
CA PHE A 20 -5.31 -0.58 -1.03
C PHE A 20 -5.83 0.85 -1.10
N ILE A 21 -6.26 1.31 -2.28
CA ILE A 21 -6.64 2.71 -2.54
C ILE A 21 -7.98 2.87 -3.27
N LYS A 22 -8.54 4.08 -3.20
CA LYS A 22 -9.75 4.48 -3.95
C LYS A 22 -9.33 5.06 -5.31
N GLY A 23 -8.90 4.20 -6.23
CA GLY A 23 -8.74 4.52 -7.66
C GLY A 23 -7.54 3.78 -8.29
N LEU A 24 -7.28 4.00 -9.58
CA LEU A 24 -5.97 3.74 -10.17
C LEU A 24 -4.88 4.63 -9.53
N PRO A 25 -3.61 4.18 -9.50
CA PRO A 25 -2.51 4.90 -8.87
C PRO A 25 -2.11 6.16 -9.68
N GLU A 26 -2.48 6.19 -10.95
CA GLU A 26 -2.28 7.30 -11.89
C GLU A 26 -3.45 8.29 -11.97
N ALA A 27 -4.64 7.88 -11.55
CA ALA A 27 -5.85 8.70 -11.58
C ALA A 27 -6.80 8.32 -10.43
N PRO A 28 -6.40 8.55 -9.16
CA PRO A 28 -7.21 8.17 -8.01
C PRO A 28 -8.48 9.00 -7.89
N MET A 29 -9.48 8.40 -7.26
CA MET A 29 -10.82 8.96 -7.01
C MET A 29 -10.96 9.53 -5.59
N CYS A 30 -9.81 9.79 -4.93
CA CYS A 30 -9.67 10.27 -3.56
C CYS A 30 -8.32 10.98 -3.37
N ALA A 31 -8.27 12.10 -2.64
CA ALA A 31 -7.03 12.86 -2.42
C ALA A 31 -6.00 12.09 -1.58
N TYR A 32 -6.45 11.40 -0.52
CA TYR A 32 -5.58 10.58 0.33
C TYR A 32 -4.98 9.40 -0.44
N SER A 33 -5.66 8.92 -1.49
CA SER A 33 -5.10 7.91 -2.40
C SER A 33 -3.99 8.49 -3.29
N LYS A 34 -4.17 9.70 -3.85
CA LYS A 34 -3.08 10.48 -4.48
C LYS A 34 -1.89 10.65 -3.53
N ARG A 35 -2.16 11.04 -2.27
CA ARG A 35 -1.13 11.33 -1.26
C ARG A 35 -0.35 10.10 -0.82
N MET A 36 -0.97 8.92 -0.74
CA MET A 36 -0.26 7.66 -0.46
C MET A 36 0.66 7.25 -1.62
N ILE A 37 0.17 7.33 -2.85
CA ILE A 37 0.98 7.06 -4.05
C ILE A 37 2.18 8.02 -4.14
N ASP A 38 2.04 9.28 -3.73
CA ASP A 38 3.16 10.22 -3.67
C ASP A 38 4.25 9.83 -2.66
N VAL A 39 3.94 9.11 -1.59
CA VAL A 39 4.96 8.52 -0.71
C VAL A 39 5.74 7.44 -1.45
N LEU A 40 5.03 6.60 -2.20
CA LEU A 40 5.56 5.44 -2.91
C LEU A 40 6.38 5.84 -4.17
N GLU A 41 5.93 6.88 -4.89
CA GLU A 41 6.65 7.48 -6.02
C GLU A 41 7.80 8.39 -5.58
N ALA A 42 7.61 9.24 -4.56
CA ALA A 42 8.62 10.25 -4.20
C ALA A 42 9.88 9.64 -3.55
N LEU A 43 9.75 8.47 -2.92
CA LEU A 43 10.87 7.67 -2.39
C LEU A 43 11.44 6.68 -3.42
N GLY A 44 10.85 6.56 -4.61
CA GLY A 44 11.35 5.69 -5.69
C GLY A 44 11.20 4.19 -5.40
N LEU A 45 10.06 3.75 -4.88
CA LEU A 45 9.80 2.35 -4.49
C LEU A 45 9.21 1.53 -5.66
N GLU A 46 9.15 0.21 -5.46
CA GLU A 46 8.34 -0.74 -6.23
C GLU A 46 7.21 -1.33 -5.39
N TYR A 47 5.99 -1.28 -5.91
CA TYR A 47 4.77 -1.65 -5.19
C TYR A 47 3.69 -2.22 -6.11
N THR A 48 2.72 -2.92 -5.52
CA THR A 48 1.45 -3.30 -6.16
C THR A 48 0.31 -2.53 -5.50
N SER A 49 -0.47 -1.81 -6.31
CA SER A 49 -1.61 -1.00 -5.87
C SER A 49 -2.94 -1.62 -6.31
N PHE A 50 -3.79 -1.92 -5.33
CA PHE A 50 -5.11 -2.51 -5.53
C PHE A 50 -6.24 -1.48 -5.38
N ASP A 51 -7.11 -1.41 -6.37
CA ASP A 51 -8.25 -0.47 -6.41
C ASP A 51 -9.53 -1.16 -5.90
N VAL A 52 -10.13 -0.62 -4.83
CA VAL A 52 -11.40 -1.17 -4.26
C VAL A 52 -12.60 -0.91 -5.15
N LEU A 53 -12.60 0.20 -5.88
CA LEU A 53 -13.76 0.63 -6.69
C LEU A 53 -13.90 -0.14 -7.99
N ALA A 54 -12.81 -0.74 -8.49
CA ALA A 54 -12.77 -1.47 -9.75
C ALA A 54 -13.06 -2.98 -9.65
N HIS A 55 -13.10 -3.57 -8.45
CA HIS A 55 -13.25 -5.02 -8.28
C HIS A 55 -13.80 -5.37 -6.88
N PRO A 56 -14.94 -6.07 -6.76
CA PRO A 56 -15.54 -6.43 -5.47
C PRO A 56 -14.64 -7.32 -4.61
N VAL A 57 -13.82 -8.17 -5.25
CA VAL A 57 -12.82 -9.00 -4.56
C VAL A 57 -11.81 -8.16 -3.76
N VAL A 58 -11.41 -6.99 -4.26
CA VAL A 58 -10.48 -6.10 -3.54
C VAL A 58 -11.17 -5.47 -2.34
N ARG A 59 -12.37 -4.88 -2.52
CA ARG A 59 -13.12 -4.27 -1.40
C ARG A 59 -13.58 -5.32 -0.37
N SER A 60 -13.76 -6.58 -0.76
CA SER A 60 -14.04 -7.71 0.14
C SER A 60 -12.80 -8.13 0.96
N TYR A 61 -11.61 -8.18 0.36
CA TYR A 61 -10.35 -8.40 1.09
C TYR A 61 -10.16 -7.34 2.19
N VAL A 62 -10.39 -6.07 1.85
CA VAL A 62 -10.32 -4.96 2.81
C VAL A 62 -11.33 -5.10 3.95
N LYS A 63 -12.53 -5.61 3.65
CA LYS A 63 -13.62 -5.80 4.62
C LYS A 63 -13.24 -6.87 5.65
N GLU A 64 -12.88 -8.06 5.19
CA GLU A 64 -12.70 -9.25 6.04
C GLU A 64 -11.28 -9.43 6.60
N VAL A 65 -10.25 -8.99 5.87
CA VAL A 65 -8.84 -9.35 6.14
C VAL A 65 -7.99 -8.15 6.55
N SER A 66 -8.16 -6.98 5.90
CA SER A 66 -7.48 -5.72 6.26
C SER A 66 -8.25 -4.95 7.34
N GLU A 67 -8.47 -5.60 8.50
CA GLU A 67 -9.46 -5.25 9.53
C GLU A 67 -9.26 -3.91 10.26
N TRP A 68 -8.22 -3.14 9.92
CA TRP A 68 -8.02 -1.76 10.39
C TRP A 68 -9.09 -0.80 9.82
N PRO A 69 -9.55 0.23 10.57
CA PRO A 69 -10.63 1.12 10.14
C PRO A 69 -10.28 2.05 8.95
N THR A 70 -9.10 2.70 8.99
CA THR A 70 -8.69 3.75 8.03
C THR A 70 -8.55 3.25 6.59
N ILE A 71 -8.87 4.11 5.61
CA ILE A 71 -8.57 3.95 4.18
C ILE A 71 -7.96 5.25 3.64
N PRO A 72 -6.92 5.22 2.79
CA PRO A 72 -6.23 4.03 2.29
C PRO A 72 -5.23 3.40 3.28
N GLN A 73 -4.71 2.21 2.96
CA GLN A 73 -3.83 1.40 3.82
C GLN A 73 -2.51 1.02 3.15
N LEU A 74 -1.45 0.89 3.97
CA LEU A 74 -0.10 0.48 3.57
C LEU A 74 0.27 -0.88 4.20
N PHE A 75 0.90 -1.73 3.38
CA PHE A 75 1.47 -3.03 3.75
C PHE A 75 2.94 -3.12 3.33
N ILE A 76 3.80 -3.64 4.21
CA ILE A 76 5.22 -3.92 3.95
C ILE A 76 5.49 -5.40 4.28
N LYS A 77 6.15 -6.15 3.38
CA LYS A 77 6.56 -7.55 3.58
C LYS A 77 5.46 -8.45 4.22
N ALA A 78 4.26 -8.45 3.63
CA ALA A 78 3.07 -9.18 4.09
C ALA A 78 2.47 -8.74 5.44
N GLU A 79 2.78 -7.55 5.94
CA GLU A 79 2.25 -7.01 7.19
C GLU A 79 1.61 -5.63 7.05
N PHE A 80 0.52 -5.35 7.77
CA PHE A 80 -0.10 -4.02 7.79
C PHE A 80 0.70 -3.04 8.67
N VAL A 81 0.92 -1.83 8.15
CA VAL A 81 1.74 -0.78 8.79
C VAL A 81 0.89 0.37 9.34
N GLY A 82 -0.01 0.93 8.53
CA GLY A 82 -0.82 2.10 8.90
C GLY A 82 -1.65 2.67 7.75
N GLY A 83 -2.49 3.65 8.08
CA GLY A 83 -3.19 4.51 7.12
C GLY A 83 -2.34 5.67 6.59
N LEU A 84 -2.93 6.51 5.74
CA LEU A 84 -2.25 7.67 5.15
C LEU A 84 -1.80 8.68 6.21
N ASP A 85 -2.60 8.88 7.26
CA ASP A 85 -2.28 9.74 8.41
C ASP A 85 -0.88 9.43 9.01
N ILE A 86 -0.50 8.16 9.07
CA ILE A 86 0.70 7.64 9.75
C ILE A 86 1.97 7.55 8.87
N VAL A 87 1.84 7.20 7.59
CA VAL A 87 3.02 7.01 6.71
C VAL A 87 3.89 8.26 6.57
N THR A 88 3.26 9.43 6.62
CA THR A 88 3.94 10.73 6.66
C THR A 88 4.82 10.91 7.90
N LYS A 89 4.39 10.41 9.06
CA LYS A 89 5.12 10.50 10.33
C LYS A 89 6.40 9.65 10.31
N MET A 90 6.32 8.44 9.72
CA MET A 90 7.52 7.62 9.43
C MET A 90 8.45 8.31 8.42
N LEU A 91 7.91 8.99 7.42
CA LEU A 91 8.66 9.71 6.39
C LEU A 91 9.48 10.85 7.04
N GLU A 92 8.81 11.71 7.80
CA GLU A 92 9.40 12.79 8.59
C GLU A 92 10.50 12.30 9.53
N SER A 93 10.21 11.28 10.34
CA SER A 93 11.13 10.71 11.34
C SER A 93 12.33 9.97 10.75
N GLY A 94 12.30 9.58 9.47
CA GLY A 94 13.30 8.72 8.84
C GLY A 94 13.07 7.21 9.07
N ASP A 95 12.09 6.84 9.89
CA ASP A 95 11.79 5.45 10.23
C ASP A 95 11.28 4.61 9.03
N LEU A 96 10.70 5.26 8.01
CA LEU A 96 10.23 4.59 6.80
C LEU A 96 11.43 4.14 5.93
N LYS A 97 12.36 5.08 5.62
CA LYS A 97 13.65 4.76 4.99
C LYS A 97 14.50 3.80 5.83
N LYS A 98 14.39 3.86 7.17
CA LYS A 98 15.04 2.89 8.07
C LYS A 98 14.53 1.46 7.86
N MET A 99 13.21 1.24 7.78
CA MET A 99 12.67 -0.11 7.52
C MET A 99 13.03 -0.61 6.12
N LEU A 100 12.89 0.24 5.09
CA LEU A 100 13.23 -0.14 3.71
C LEU A 100 14.70 -0.58 3.60
N ARG A 101 15.62 0.21 4.17
CA ARG A 101 17.06 -0.12 4.16
C ARG A 101 17.40 -1.38 4.98
N ASP A 102 16.71 -1.60 6.10
CA ASP A 102 16.87 -2.81 6.93
C ASP A 102 16.36 -4.09 6.27
N LYS A 103 15.26 -4.00 5.50
CA LYS A 103 14.65 -5.13 4.78
C LYS A 103 15.25 -5.36 3.40
N GLY A 104 16.02 -4.40 2.88
CA GLY A 104 16.61 -4.47 1.54
C GLY A 104 15.62 -4.13 0.42
N ILE A 105 14.70 -3.18 0.64
CA ILE A 105 13.68 -2.74 -0.32
C ILE A 105 14.21 -1.54 -1.11
N THR A 106 13.84 -1.43 -2.39
CA THR A 106 14.32 -0.37 -3.29
C THR A 106 13.83 1.01 -2.85
N CYS A 107 14.74 1.98 -2.70
CA CYS A 107 14.41 3.39 -2.52
C CYS A 107 15.58 4.34 -2.86
N ARG A 108 15.25 5.63 -2.93
CA ARG A 108 16.17 6.77 -3.08
C ARG A 108 17.17 6.90 -1.92
N ASP A 109 18.21 7.67 -2.22
CA ASP A 109 19.50 7.77 -1.55
C ASP A 109 19.39 7.88 -0.02
N LEU A 110 19.93 6.87 0.67
CA LEU A 110 19.74 6.56 2.10
C LEU A 110 20.33 7.61 3.06
N GLY A 1 -10.10 -12.20 -18.30
CA GLY A 1 -9.94 -13.18 -17.20
C GLY A 1 -10.81 -12.82 -16.01
N ALA A 2 -10.42 -13.23 -14.81
CA ALA A 2 -10.93 -12.69 -13.54
C ALA A 2 -9.94 -12.85 -12.39
N MET A 3 -9.97 -11.92 -11.43
CA MET A 3 -9.22 -11.98 -10.17
C MET A 3 -10.10 -12.50 -9.03
N VAL A 4 -9.54 -13.37 -8.17
CA VAL A 4 -10.21 -13.92 -6.97
C VAL A 4 -9.53 -13.42 -5.69
N LYS A 5 -10.18 -13.52 -4.53
CA LYS A 5 -9.60 -13.05 -3.25
C LYS A 5 -8.23 -13.68 -2.95
N LYS A 6 -8.04 -14.96 -3.30
CA LYS A 6 -6.75 -15.66 -3.17
C LYS A 6 -5.60 -15.00 -3.96
N ASP A 7 -5.87 -14.33 -5.09
CA ASP A 7 -4.82 -13.62 -5.83
C ASP A 7 -4.23 -12.45 -5.02
N ILE A 8 -5.04 -11.79 -4.19
CA ILE A 8 -4.58 -10.70 -3.30
C ILE A 8 -3.80 -11.29 -2.12
N ASP A 9 -4.28 -12.39 -1.54
CA ASP A 9 -3.59 -13.13 -0.46
C ASP A 9 -2.18 -13.57 -0.88
N ASP A 10 -2.07 -14.12 -2.10
CA ASP A 10 -0.82 -14.59 -2.70
C ASP A 10 0.08 -13.45 -3.18
N THR A 11 -0.48 -12.33 -3.63
CA THR A 11 0.27 -11.13 -4.04
C THR A 11 0.87 -10.42 -2.83
N ILE A 12 0.17 -10.32 -1.69
CA ILE A 12 0.74 -9.76 -0.45
C ILE A 12 1.93 -10.61 0.07
N LYS A 13 1.92 -11.93 -0.16
CA LYS A 13 3.04 -12.83 0.10
C LYS A 13 4.18 -12.76 -0.93
N SER A 14 3.93 -12.26 -2.15
CA SER A 14 4.88 -12.15 -3.28
C SER A 14 5.61 -10.80 -3.36
N GLU A 15 4.95 -9.71 -2.98
CA GLU A 15 5.44 -8.33 -3.11
C GLU A 15 6.15 -7.82 -1.84
N ASP A 16 7.01 -6.82 -1.97
CA ASP A 16 7.66 -6.19 -0.80
C ASP A 16 6.80 -5.02 -0.26
N VAL A 17 6.00 -4.40 -1.13
CA VAL A 17 5.16 -3.23 -0.85
C VAL A 17 3.79 -3.41 -1.51
N VAL A 18 2.70 -3.32 -0.73
CA VAL A 18 1.31 -3.41 -1.24
C VAL A 18 0.42 -2.35 -0.62
N THR A 19 -0.47 -1.72 -1.40
CA THR A 19 -1.40 -0.68 -0.92
C THR A 19 -2.81 -0.83 -1.50
N PHE A 20 -3.82 -0.31 -0.79
CA PHE A 20 -5.24 -0.33 -1.16
C PHE A 20 -5.79 1.11 -1.20
N ILE A 21 -6.35 1.54 -2.34
CA ILE A 21 -6.80 2.94 -2.55
C ILE A 21 -8.16 3.06 -3.27
N LYS A 22 -8.82 4.20 -3.03
CA LYS A 22 -9.82 4.80 -3.94
C LYS A 22 -9.12 5.28 -5.23
N GLY A 23 -8.85 4.35 -6.14
CA GLY A 23 -8.55 4.59 -7.56
C GLY A 23 -7.60 3.55 -8.17
N LEU A 24 -7.20 3.77 -9.42
CA LEU A 24 -5.92 3.36 -9.99
C LEU A 24 -4.78 4.26 -9.50
N PRO A 25 -3.53 3.79 -9.52
CA PRO A 25 -2.37 4.52 -9.02
C PRO A 25 -1.84 5.56 -10.01
N GLU A 26 -2.20 5.44 -11.30
CA GLU A 26 -1.93 6.44 -12.34
C GLU A 26 -2.97 7.59 -12.39
N ALA A 27 -4.21 7.32 -11.96
CA ALA A 27 -5.30 8.31 -11.96
C ALA A 27 -6.22 8.21 -10.72
N PRO A 28 -5.69 8.39 -9.49
CA PRO A 28 -6.43 8.18 -8.25
C PRO A 28 -7.65 9.08 -8.11
N MET A 29 -8.68 8.51 -7.48
CA MET A 29 -10.02 9.08 -7.36
C MET A 29 -10.22 9.84 -6.04
N CYS A 30 -9.21 9.90 -5.17
CA CYS A 30 -9.28 10.52 -3.84
C CYS A 30 -7.94 11.12 -3.40
N ALA A 31 -7.96 12.12 -2.51
CA ALA A 31 -6.77 12.86 -2.07
C ALA A 31 -5.73 11.97 -1.38
N TYR A 32 -6.13 11.24 -0.33
CA TYR A 32 -5.18 10.40 0.43
C TYR A 32 -4.72 9.17 -0.37
N SER A 33 -5.54 8.72 -1.33
CA SER A 33 -5.12 7.79 -2.39
C SER A 33 -3.95 8.35 -3.22
N LYS A 34 -4.11 9.55 -3.79
CA LYS A 34 -3.06 10.31 -4.49
C LYS A 34 -1.82 10.55 -3.63
N ARG A 35 -2.01 10.89 -2.35
CA ARG A 35 -0.95 11.19 -1.37
C ARG A 35 -0.16 9.94 -0.93
N MET A 36 -0.80 8.78 -0.80
CA MET A 36 -0.11 7.50 -0.56
C MET A 36 0.81 7.14 -1.74
N ILE A 37 0.30 7.20 -2.96
CA ILE A 37 1.08 6.93 -4.18
C ILE A 37 2.25 7.91 -4.31
N ASP A 38 2.10 9.18 -3.89
CA ASP A 38 3.22 10.14 -3.85
C ASP A 38 4.35 9.74 -2.90
N VAL A 39 4.07 9.14 -1.74
CA VAL A 39 5.11 8.60 -0.83
C VAL A 39 5.88 7.46 -1.52
N LEU A 40 5.17 6.60 -2.25
CA LEU A 40 5.70 5.41 -2.92
C LEU A 40 6.49 5.77 -4.19
N GLU A 41 6.02 6.76 -4.97
CA GLU A 41 6.72 7.31 -6.13
C GLU A 41 7.87 8.24 -5.74
N ALA A 42 7.71 9.10 -4.73
CA ALA A 42 8.71 10.11 -4.36
C ALA A 42 9.95 9.49 -3.70
N LEU A 43 9.84 8.28 -3.14
CA LEU A 43 10.97 7.47 -2.65
C LEU A 43 11.52 6.47 -3.70
N GLY A 44 10.87 6.34 -4.86
CA GLY A 44 11.33 5.50 -5.97
C GLY A 44 11.20 3.99 -5.73
N LEU A 45 10.12 3.54 -5.08
CA LEU A 45 9.90 2.14 -4.68
C LEU A 45 9.20 1.34 -5.80
N GLU A 46 9.03 0.04 -5.56
CA GLU A 46 8.34 -0.90 -6.43
C GLU A 46 7.26 -1.68 -5.67
N TYR A 47 6.01 -1.45 -6.08
CA TYR A 47 4.81 -1.83 -5.34
C TYR A 47 3.73 -2.48 -6.23
N THR A 48 2.69 -2.98 -5.57
CA THR A 48 1.40 -3.32 -6.19
C THR A 48 0.27 -2.54 -5.50
N SER A 49 -0.61 -1.93 -6.29
CA SER A 49 -1.76 -1.15 -5.80
C SER A 49 -3.09 -1.79 -6.21
N PHE A 50 -4.01 -1.93 -5.26
CA PHE A 50 -5.32 -2.57 -5.42
C PHE A 50 -6.47 -1.57 -5.33
N ASP A 51 -7.50 -1.78 -6.16
CA ASP A 51 -8.58 -0.85 -6.43
C ASP A 51 -9.95 -1.27 -5.85
N VAL A 52 -10.48 -0.51 -4.88
CA VAL A 52 -11.77 -0.82 -4.22
C VAL A 52 -13.00 -0.43 -5.01
N LEU A 53 -12.89 0.62 -5.84
CA LEU A 53 -14.01 1.15 -6.62
C LEU A 53 -14.25 0.37 -7.91
N ALA A 54 -13.20 -0.29 -8.41
CA ALA A 54 -13.31 -1.16 -9.57
C ALA A 54 -13.72 -2.59 -9.21
N HIS A 55 -13.35 -3.09 -8.02
CA HIS A 55 -13.32 -4.53 -7.74
C HIS A 55 -13.85 -4.90 -6.35
N PRO A 56 -15.05 -5.49 -6.25
CA PRO A 56 -15.60 -5.93 -4.97
C PRO A 56 -14.74 -6.98 -4.24
N VAL A 57 -14.03 -7.88 -4.95
CA VAL A 57 -13.03 -8.76 -4.31
C VAL A 57 -11.93 -7.98 -3.56
N VAL A 58 -11.51 -6.80 -4.06
CA VAL A 58 -10.51 -5.98 -3.36
C VAL A 58 -11.07 -5.41 -2.06
N ARG A 59 -12.25 -4.76 -2.11
CA ARG A 59 -12.86 -4.17 -0.90
C ARG A 59 -13.34 -5.21 0.11
N SER A 60 -13.67 -6.41 -0.38
CA SER A 60 -13.94 -7.60 0.43
C SER A 60 -12.69 -8.12 1.14
N TYR A 61 -11.51 -8.12 0.49
CA TYR A 61 -10.24 -8.44 1.16
C TYR A 61 -9.98 -7.49 2.34
N VAL A 62 -10.26 -6.19 2.18
CA VAL A 62 -10.10 -5.22 3.27
C VAL A 62 -11.05 -5.50 4.44
N LYS A 63 -12.33 -5.78 4.18
CA LYS A 63 -13.33 -6.01 5.27
C LYS A 63 -13.12 -7.35 5.98
N GLU A 64 -12.64 -8.38 5.25
CA GLU A 64 -12.59 -9.75 5.74
C GLU A 64 -11.17 -10.24 6.12
N VAL A 65 -10.10 -9.61 5.64
CA VAL A 65 -8.70 -10.00 5.91
C VAL A 65 -7.87 -8.86 6.51
N SER A 66 -7.91 -7.65 5.92
CA SER A 66 -7.22 -6.44 6.41
C SER A 66 -8.11 -5.63 7.35
N GLU A 67 -8.62 -6.31 8.40
CA GLU A 67 -9.82 -5.97 9.19
C GLU A 67 -9.74 -4.67 10.02
N TRP A 68 -8.69 -3.86 9.85
CA TRP A 68 -8.56 -2.49 10.34
C TRP A 68 -9.53 -1.54 9.58
N PRO A 69 -10.14 -0.54 10.23
CA PRO A 69 -11.25 0.23 9.64
C PRO A 69 -10.83 1.29 8.60
N THR A 70 -9.60 1.81 8.69
CA THR A 70 -9.09 2.96 7.91
C THR A 70 -8.81 2.60 6.45
N ILE A 71 -9.06 3.55 5.55
CA ILE A 71 -8.59 3.58 4.15
C ILE A 71 -7.94 4.95 3.86
N PRO A 72 -6.88 5.02 3.02
CA PRO A 72 -6.14 3.90 2.42
C PRO A 72 -5.27 3.13 3.43
N GLN A 73 -4.73 1.99 3.02
CA GLN A 73 -3.83 1.15 3.82
C GLN A 73 -2.51 0.86 3.08
N LEU A 74 -1.42 0.73 3.83
CA LEU A 74 -0.11 0.26 3.36
C LEU A 74 0.30 -1.03 4.10
N PHE A 75 0.92 -1.94 3.36
CA PHE A 75 1.59 -3.15 3.84
C PHE A 75 3.05 -3.16 3.37
N ILE A 76 3.97 -3.59 4.24
CA ILE A 76 5.39 -3.80 3.93
C ILE A 76 5.78 -5.22 4.38
N LYS A 77 6.37 -6.02 3.47
CA LYS A 77 6.75 -7.42 3.68
C LYS A 77 5.63 -8.26 4.33
N ALA A 78 4.45 -8.29 3.72
CA ALA A 78 3.21 -8.94 4.18
C ALA A 78 2.64 -8.52 5.55
N GLU A 79 3.23 -7.55 6.25
CA GLU A 79 2.70 -7.00 7.50
C GLU A 79 2.05 -5.62 7.30
N PHE A 80 0.93 -5.36 7.99
CA PHE A 80 0.21 -4.09 7.89
C PHE A 80 0.98 -2.95 8.56
N VAL A 81 1.07 -1.79 7.91
CA VAL A 81 1.92 -0.64 8.29
C VAL A 81 1.13 0.57 8.80
N GLY A 82 -0.09 0.82 8.29
CA GLY A 82 -0.95 1.92 8.75
C GLY A 82 -1.69 2.65 7.61
N GLY A 83 -2.38 3.74 7.98
CA GLY A 83 -2.99 4.70 7.06
C GLY A 83 -2.07 5.86 6.65
N LEU A 84 -2.63 6.85 5.94
CA LEU A 84 -1.86 7.95 5.33
C LEU A 84 -1.22 8.89 6.37
N ASP A 85 -1.89 9.15 7.49
CA ASP A 85 -1.31 9.89 8.62
C ASP A 85 -0.06 9.20 9.19
N ILE A 86 -0.10 7.87 9.32
CA ILE A 86 0.99 7.07 9.89
C ILE A 86 2.24 7.10 9.00
N VAL A 87 2.10 6.85 7.70
CA VAL A 87 3.24 6.82 6.76
C VAL A 87 3.90 8.19 6.64
N THR A 88 3.09 9.26 6.67
CA THR A 88 3.61 10.63 6.62
C THR A 88 4.33 11.02 7.91
N LYS A 89 3.85 10.57 9.08
CA LYS A 89 4.58 10.68 10.35
C LYS A 89 5.93 9.95 10.31
N MET A 90 5.99 8.72 9.80
CA MET A 90 7.27 8.01 9.59
C MET A 90 8.21 8.72 8.61
N LEU A 91 7.66 9.48 7.65
CA LEU A 91 8.40 10.31 6.69
C LEU A 91 9.05 11.51 7.37
N GLU A 92 8.32 12.25 8.21
CA GLU A 92 8.91 13.29 9.08
C GLU A 92 9.99 12.74 10.01
N SER A 93 9.75 11.53 10.53
CA SER A 93 10.56 10.86 11.55
C SER A 93 11.84 10.20 11.04
N GLY A 94 12.02 10.03 9.73
CA GLY A 94 13.13 9.25 9.13
C GLY A 94 12.97 7.72 9.22
N ASP A 95 11.95 7.24 9.93
CA ASP A 95 11.72 5.83 10.25
C ASP A 95 11.22 4.99 9.06
N LEU A 96 10.54 5.62 8.09
CA LEU A 96 10.00 4.95 6.91
C LEU A 96 11.16 4.50 6.01
N LYS A 97 12.07 5.43 5.68
CA LYS A 97 13.31 5.13 4.93
C LYS A 97 14.21 4.14 5.66
N LYS A 98 14.24 4.17 7.00
CA LYS A 98 15.01 3.22 7.82
C LYS A 98 14.50 1.78 7.62
N MET A 99 13.19 1.55 7.62
CA MET A 99 12.62 0.23 7.37
C MET A 99 12.96 -0.33 5.98
N LEU A 100 12.99 0.51 4.94
CA LEU A 100 13.28 0.06 3.57
C LEU A 100 14.69 -0.52 3.45
N ARG A 101 15.69 0.19 3.99
CA ARG A 101 17.07 -0.35 4.01
C ARG A 101 17.23 -1.57 4.91
N ASP A 102 16.52 -1.59 6.03
CA ASP A 102 16.48 -2.73 6.95
C ASP A 102 15.95 -4.02 6.31
N LYS A 103 14.92 -3.85 5.47
CA LYS A 103 14.23 -4.94 4.75
C LYS A 103 14.77 -5.23 3.34
N GLY A 104 15.77 -4.49 2.87
CA GLY A 104 16.35 -4.74 1.54
C GLY A 104 15.50 -4.29 0.34
N ILE A 105 14.84 -3.12 0.43
CA ILE A 105 13.90 -2.60 -0.58
C ILE A 105 14.53 -1.42 -1.35
N THR A 106 14.27 -1.34 -2.66
CA THR A 106 14.74 -0.25 -3.54
C THR A 106 14.23 1.11 -3.08
N CYS A 107 15.10 2.12 -2.95
CA CYS A 107 14.73 3.48 -2.54
C CYS A 107 15.81 4.55 -2.83
N ARG A 108 15.39 5.81 -2.73
CA ARG A 108 16.24 7.02 -2.79
C ARG A 108 17.01 7.28 -1.49
N ASP A 109 18.08 8.06 -1.60
CA ASP A 109 19.25 8.14 -0.71
C ASP A 109 18.93 8.21 0.79
N LEU A 110 19.43 7.19 1.51
CA LEU A 110 19.15 6.84 2.92
C LEU A 110 19.86 7.69 3.97
N GLY A 1 -9.43 -14.46 -15.62
CA GLY A 1 -10.73 -15.16 -15.60
C GLY A 1 -11.36 -15.11 -14.21
N ALA A 2 -11.82 -13.92 -13.81
CA ALA A 2 -12.23 -13.53 -12.46
C ALA A 2 -11.16 -13.71 -11.37
N MET A 3 -10.74 -12.59 -10.80
CA MET A 3 -9.88 -12.55 -9.61
C MET A 3 -10.65 -13.08 -8.40
N VAL A 4 -9.95 -13.78 -7.52
CA VAL A 4 -10.44 -14.24 -6.21
C VAL A 4 -9.54 -13.68 -5.11
N LYS A 5 -10.02 -13.61 -3.86
CA LYS A 5 -9.23 -13.00 -2.77
C LYS A 5 -7.87 -13.69 -2.55
N LYS A 6 -7.80 -15.01 -2.80
CA LYS A 6 -6.57 -15.80 -2.86
C LYS A 6 -5.48 -15.23 -3.80
N ASP A 7 -5.87 -14.57 -4.90
CA ASP A 7 -4.93 -13.91 -5.84
C ASP A 7 -4.29 -12.64 -5.25
N ILE A 8 -5.03 -11.92 -4.38
CA ILE A 8 -4.51 -10.76 -3.65
C ILE A 8 -3.57 -11.22 -2.54
N ASP A 9 -3.93 -12.29 -1.81
CA ASP A 9 -3.03 -12.91 -0.84
C ASP A 9 -1.72 -13.39 -1.51
N ASP A 10 -1.82 -14.01 -2.70
CA ASP A 10 -0.68 -14.49 -3.51
C ASP A 10 0.20 -13.36 -4.06
N THR A 11 -0.41 -12.21 -4.36
CA THR A 11 0.31 -10.99 -4.73
C THR A 11 1.00 -10.38 -3.50
N ILE A 12 0.32 -10.29 -2.36
CA ILE A 12 0.89 -9.76 -1.11
C ILE A 12 2.05 -10.62 -0.59
N LYS A 13 2.01 -11.95 -0.76
CA LYS A 13 3.07 -12.92 -0.44
C LYS A 13 4.25 -12.98 -1.43
N SER A 14 4.11 -12.34 -2.58
CA SER A 14 5.14 -12.17 -3.62
C SER A 14 5.82 -10.79 -3.59
N GLU A 15 5.02 -9.71 -3.61
CA GLU A 15 5.49 -8.34 -3.80
C GLU A 15 5.96 -7.69 -2.50
N ASP A 16 6.93 -6.80 -2.61
CA ASP A 16 7.69 -6.28 -1.47
C ASP A 16 6.96 -5.10 -0.82
N VAL A 17 6.17 -4.40 -1.62
CA VAL A 17 5.32 -3.27 -1.23
C VAL A 17 3.95 -3.41 -1.91
N VAL A 18 2.87 -3.34 -1.13
CA VAL A 18 1.48 -3.38 -1.66
C VAL A 18 0.63 -2.28 -1.01
N THR A 19 -0.28 -1.70 -1.77
CA THR A 19 -1.21 -0.66 -1.28
C THR A 19 -2.63 -0.86 -1.81
N PHE A 20 -3.61 -0.43 -1.01
CA PHE A 20 -5.04 -0.41 -1.35
C PHE A 20 -5.52 1.04 -1.38
N ILE A 21 -5.98 1.51 -2.54
CA ILE A 21 -6.39 2.89 -2.78
C ILE A 21 -7.78 3.03 -3.42
N LYS A 22 -8.25 4.27 -3.55
CA LYS A 22 -9.59 4.63 -4.02
C LYS A 22 -9.51 5.22 -5.44
N GLY A 23 -9.15 4.38 -6.40
CA GLY A 23 -9.07 4.66 -7.84
C GLY A 23 -7.89 3.91 -8.49
N LEU A 24 -7.56 4.20 -9.75
CA LEU A 24 -6.26 3.84 -10.32
C LEU A 24 -5.07 4.63 -9.73
N PRO A 25 -3.83 4.15 -9.92
CA PRO A 25 -2.62 4.82 -9.45
C PRO A 25 -2.34 6.12 -10.23
N GLU A 26 -2.55 6.11 -11.55
CA GLU A 26 -2.44 7.29 -12.43
C GLU A 26 -3.70 8.16 -12.46
N ALA A 27 -4.84 7.60 -12.04
CA ALA A 27 -6.14 8.26 -11.99
C ALA A 27 -6.94 7.90 -10.71
N PRO A 28 -6.49 8.37 -9.52
CA PRO A 28 -7.23 8.15 -8.29
C PRO A 28 -8.46 9.06 -8.22
N MET A 29 -9.48 8.56 -7.54
CA MET A 29 -10.74 9.26 -7.31
C MET A 29 -10.73 10.02 -5.97
N CYS A 30 -9.56 10.25 -5.36
CA CYS A 30 -9.41 10.84 -4.03
C CYS A 30 -8.00 11.43 -3.79
N ALA A 31 -7.91 12.51 -3.00
CA ALA A 31 -6.65 13.20 -2.70
C ALA A 31 -5.62 12.29 -2.02
N TYR A 32 -5.99 11.65 -0.90
CA TYR A 32 -5.07 10.80 -0.14
C TYR A 32 -4.61 9.57 -0.95
N SER A 33 -5.40 9.14 -1.94
CA SER A 33 -4.99 8.07 -2.86
C SER A 33 -3.92 8.54 -3.85
N LYS A 34 -4.00 9.79 -4.35
CA LYS A 34 -2.88 10.42 -5.09
C LYS A 34 -1.64 10.51 -4.18
N ARG A 35 -1.84 10.92 -2.92
CA ARG A 35 -0.77 11.12 -1.94
C ARG A 35 -0.06 9.82 -1.54
N MET A 36 -0.77 8.70 -1.42
CA MET A 36 -0.17 7.38 -1.17
C MET A 36 0.80 6.98 -2.30
N ILE A 37 0.40 7.19 -3.55
CA ILE A 37 1.27 6.99 -4.71
C ILE A 37 2.44 7.99 -4.70
N ASP A 38 2.22 9.24 -4.28
CA ASP A 38 3.31 10.23 -4.15
C ASP A 38 4.37 9.82 -3.13
N VAL A 39 4.02 9.23 -1.98
CA VAL A 39 4.95 8.66 -0.98
C VAL A 39 5.83 7.59 -1.63
N LEU A 40 5.18 6.66 -2.34
CA LEU A 40 5.81 5.51 -2.97
C LEU A 40 6.72 5.92 -4.14
N GLU A 41 6.34 6.96 -4.89
CA GLU A 41 7.14 7.52 -5.98
C GLU A 41 8.21 8.51 -5.50
N ALA A 42 7.94 9.32 -4.46
CA ALA A 42 8.88 10.33 -3.95
C ALA A 42 10.08 9.70 -3.22
N LEU A 43 9.92 8.47 -2.72
CA LEU A 43 10.99 7.62 -2.20
C LEU A 43 11.57 6.65 -3.23
N GLY A 44 10.96 6.53 -4.42
CA GLY A 44 11.46 5.74 -5.56
C GLY A 44 11.25 4.22 -5.46
N LEU A 45 10.16 3.76 -4.83
CA LEU A 45 9.89 2.35 -4.54
C LEU A 45 9.22 1.61 -5.72
N GLU A 46 9.23 0.29 -5.63
CA GLU A 46 8.60 -0.68 -6.53
C GLU A 46 7.45 -1.43 -5.83
N TYR A 47 6.22 -1.32 -6.35
CA TYR A 47 4.98 -1.74 -5.68
C TYR A 47 3.92 -2.33 -6.63
N THR A 48 2.87 -2.91 -6.06
CA THR A 48 1.62 -3.25 -6.75
C THR A 48 0.44 -2.60 -6.02
N SER A 49 -0.41 -1.87 -6.75
CA SER A 49 -1.56 -1.13 -6.22
C SER A 49 -2.90 -1.78 -6.60
N PHE A 50 -3.82 -1.81 -5.64
CA PHE A 50 -5.17 -2.39 -5.76
C PHE A 50 -6.26 -1.34 -5.50
N ASP A 51 -7.41 -1.49 -6.19
CA ASP A 51 -8.54 -0.55 -6.12
C ASP A 51 -9.82 -1.20 -5.54
N VAL A 52 -10.31 -0.62 -4.44
CA VAL A 52 -11.47 -1.14 -3.67
C VAL A 52 -12.82 -0.93 -4.36
N LEU A 53 -12.91 0.11 -5.21
CA LEU A 53 -14.15 0.52 -5.87
C LEU A 53 -14.48 -0.29 -7.14
N ALA A 54 -13.54 -1.11 -7.59
CA ALA A 54 -13.67 -1.86 -8.83
C ALA A 54 -13.97 -3.36 -8.64
N HIS A 55 -13.79 -3.92 -7.43
CA HIS A 55 -14.05 -5.34 -7.14
C HIS A 55 -14.29 -5.54 -5.63
N PRO A 56 -15.43 -6.12 -5.19
CA PRO A 56 -15.75 -6.28 -3.76
C PRO A 56 -14.79 -7.23 -3.02
N VAL A 57 -14.13 -8.18 -3.70
CA VAL A 57 -12.95 -8.92 -3.19
C VAL A 57 -11.87 -7.98 -2.62
N VAL A 58 -11.53 -6.89 -3.34
CA VAL A 58 -10.44 -6.00 -2.95
C VAL A 58 -10.83 -5.20 -1.69
N ARG A 59 -12.06 -4.69 -1.60
CA ARG A 59 -12.55 -4.01 -0.39
C ARG A 59 -12.75 -4.97 0.79
N SER A 60 -12.98 -6.26 0.55
CA SER A 60 -13.06 -7.28 1.60
C SER A 60 -11.69 -7.67 2.17
N TYR A 61 -10.59 -7.60 1.39
CA TYR A 61 -9.24 -7.93 1.90
C TYR A 61 -8.86 -7.06 3.11
N VAL A 62 -9.01 -5.73 3.00
CA VAL A 62 -8.77 -4.82 4.14
C VAL A 62 -9.80 -4.95 5.27
N LYS A 63 -11.02 -5.41 4.95
CA LYS A 63 -12.09 -5.61 5.94
C LYS A 63 -11.85 -6.86 6.81
N GLU A 64 -11.21 -7.89 6.25
CA GLU A 64 -11.01 -9.21 6.90
C GLU A 64 -9.56 -9.48 7.36
N VAL A 65 -8.53 -8.85 6.76
CA VAL A 65 -7.11 -9.19 7.01
C VAL A 65 -6.39 -8.12 7.85
N SER A 66 -6.36 -6.86 7.41
CA SER A 66 -5.94 -5.74 8.29
C SER A 66 -7.05 -5.38 9.29
N GLU A 67 -8.31 -5.65 8.93
CA GLU A 67 -9.53 -5.45 9.74
C GLU A 67 -9.73 -3.98 10.14
N TRP A 68 -9.41 -3.08 9.21
CA TRP A 68 -9.08 -1.68 9.50
C TRP A 68 -9.91 -0.66 8.69
N PRO A 69 -10.40 0.44 9.32
CA PRO A 69 -11.30 1.40 8.69
C PRO A 69 -10.62 2.41 7.76
N THR A 70 -9.40 2.84 8.07
CA THR A 70 -8.68 3.91 7.36
C THR A 70 -8.45 3.58 5.88
N ILE A 71 -8.60 4.56 4.98
CA ILE A 71 -8.26 4.43 3.55
C ILE A 71 -7.46 5.68 3.12
N PRO A 72 -6.42 5.54 2.27
CA PRO A 72 -5.83 4.29 1.76
C PRO A 72 -5.01 3.51 2.82
N GLN A 73 -4.52 2.31 2.48
CA GLN A 73 -3.71 1.44 3.38
C GLN A 73 -2.39 0.97 2.73
N LEU A 74 -1.38 0.70 3.56
CA LEU A 74 -0.04 0.25 3.17
C LEU A 74 0.33 -1.10 3.83
N PHE A 75 0.99 -1.97 3.06
CA PHE A 75 1.57 -3.24 3.46
C PHE A 75 3.04 -3.32 2.99
N ILE A 76 3.93 -3.83 3.84
CA ILE A 76 5.36 -4.05 3.55
C ILE A 76 5.72 -5.51 3.84
N LYS A 77 6.30 -6.22 2.85
CA LYS A 77 6.70 -7.64 2.91
C LYS A 77 5.62 -8.52 3.57
N ALA A 78 4.38 -8.39 3.10
CA ALA A 78 3.16 -9.12 3.52
C ALA A 78 2.51 -8.79 4.89
N GLU A 79 2.99 -7.79 5.64
CA GLU A 79 2.36 -7.32 6.88
C GLU A 79 1.89 -5.85 6.80
N PHE A 80 0.79 -5.51 7.50
CA PHE A 80 0.15 -4.16 7.52
C PHE A 80 0.94 -3.12 8.32
N VAL A 81 0.98 -1.88 7.81
CA VAL A 81 1.69 -0.74 8.40
C VAL A 81 0.73 0.33 8.94
N GLY A 82 -0.20 0.81 8.11
CA GLY A 82 -1.11 1.90 8.46
C GLY A 82 -1.69 2.65 7.26
N GLY A 83 -2.42 3.72 7.55
CA GLY A 83 -2.96 4.68 6.57
C GLY A 83 -2.01 5.81 6.15
N LEU A 84 -2.51 6.75 5.36
CA LEU A 84 -1.74 7.85 4.76
C LEU A 84 -1.11 8.79 5.80
N ASP A 85 -1.82 9.12 6.87
CA ASP A 85 -1.28 9.93 7.99
C ASP A 85 -0.13 9.19 8.69
N ILE A 86 -0.24 7.87 8.82
CA ILE A 86 0.77 7.02 9.46
C ILE A 86 2.04 6.91 8.62
N VAL A 87 1.95 6.60 7.32
CA VAL A 87 3.15 6.49 6.46
C VAL A 87 3.91 7.81 6.38
N THR A 88 3.19 8.93 6.37
CA THR A 88 3.76 10.28 6.33
C THR A 88 4.36 10.70 7.66
N LYS A 89 3.74 10.35 8.81
CA LYS A 89 4.35 10.48 10.14
C LYS A 89 5.64 9.66 10.25
N MET A 90 5.60 8.39 9.87
CA MET A 90 6.77 7.50 9.87
C MET A 90 7.90 7.98 8.92
N LEU A 91 7.58 8.70 7.84
CA LEU A 91 8.55 9.37 6.97
C LEU A 91 9.29 10.51 7.71
N GLU A 92 8.55 11.37 8.41
CA GLU A 92 9.11 12.45 9.23
C GLU A 92 9.91 11.95 10.44
N SER A 93 9.42 10.88 11.08
CA SER A 93 10.04 10.27 12.27
C SER A 93 11.28 9.41 11.97
N GLY A 94 11.51 9.07 10.71
CA GLY A 94 12.61 8.20 10.23
C GLY A 94 12.28 6.70 10.22
N ASP A 95 11.17 6.28 10.84
CA ASP A 95 10.72 4.88 10.94
C ASP A 95 10.47 4.22 9.58
N LEU A 96 9.85 4.93 8.64
CA LEU A 96 9.48 4.39 7.33
C LEU A 96 10.74 4.05 6.52
N LYS A 97 11.69 4.98 6.50
CA LYS A 97 13.00 4.81 5.87
C LYS A 97 13.83 3.73 6.56
N LYS A 98 13.71 3.57 7.89
CA LYS A 98 14.32 2.46 8.65
C LYS A 98 13.79 1.11 8.19
N MET A 99 12.47 0.93 8.09
CA MET A 99 11.90 -0.34 7.65
C MET A 99 12.31 -0.74 6.22
N LEU A 100 12.41 0.22 5.28
CA LEU A 100 12.85 -0.07 3.90
C LEU A 100 14.28 -0.58 3.84
N ARG A 101 15.23 0.12 4.50
CA ARG A 101 16.63 -0.34 4.58
C ARG A 101 16.78 -1.69 5.30
N ASP A 102 15.97 -1.89 6.35
CA ASP A 102 15.91 -3.13 7.12
C ASP A 102 15.45 -4.34 6.30
N LYS A 103 14.41 -4.13 5.48
CA LYS A 103 13.80 -5.16 4.62
C LYS A 103 14.48 -5.32 3.25
N GLY A 104 15.40 -4.42 2.91
CA GLY A 104 16.12 -4.48 1.63
C GLY A 104 15.33 -3.99 0.42
N ILE A 105 14.55 -2.91 0.55
CA ILE A 105 13.68 -2.37 -0.52
C ILE A 105 14.33 -1.15 -1.21
N THR A 106 14.17 -1.03 -2.52
CA THR A 106 14.68 0.06 -3.37
C THR A 106 14.18 1.43 -2.90
N CYS A 107 15.08 2.32 -2.47
CA CYS A 107 14.70 3.66 -2.02
C CYS A 107 15.84 4.70 -2.03
N ARG A 108 15.42 5.97 -2.11
CA ARG A 108 16.22 7.22 -2.07
C ARG A 108 16.72 7.57 -0.65
N ASP A 109 17.62 8.54 -0.56
CA ASP A 109 18.71 8.65 0.43
C ASP A 109 18.37 8.28 1.89
N LEU A 110 19.04 7.23 2.38
CA LEU A 110 19.02 6.71 3.76
C LEU A 110 20.04 7.44 4.65
N GLY A 1 -14.22 -11.61 -17.20
CA GLY A 1 -13.40 -12.39 -16.24
C GLY A 1 -13.29 -11.66 -14.91
N ALA A 2 -12.90 -12.38 -13.85
CA ALA A 2 -12.88 -11.89 -12.47
C ALA A 2 -11.54 -12.12 -11.75
N MET A 3 -11.36 -11.40 -10.65
CA MET A 3 -10.33 -11.60 -9.63
C MET A 3 -10.85 -12.51 -8.50
N VAL A 4 -9.98 -13.32 -7.90
CA VAL A 4 -10.27 -14.14 -6.72
C VAL A 4 -9.39 -13.74 -5.53
N LYS A 5 -9.84 -13.99 -4.29
CA LYS A 5 -9.15 -13.53 -3.06
C LYS A 5 -7.68 -13.98 -3.00
N LYS A 6 -7.41 -15.18 -3.52
CA LYS A 6 -6.06 -15.74 -3.68
C LYS A 6 -5.15 -14.94 -4.60
N ASP A 7 -5.67 -14.24 -5.62
CA ASP A 7 -4.84 -13.39 -6.49
C ASP A 7 -4.16 -12.29 -5.66
N ILE A 8 -4.92 -11.62 -4.79
CA ILE A 8 -4.44 -10.58 -3.87
C ILE A 8 -3.55 -11.18 -2.79
N ASP A 9 -3.96 -12.32 -2.21
CA ASP A 9 -3.24 -12.95 -1.11
C ASP A 9 -1.83 -13.43 -1.51
N ASP A 10 -1.72 -14.06 -2.67
CA ASP A 10 -0.45 -14.45 -3.29
C ASP A 10 0.34 -13.22 -3.78
N THR A 11 -0.32 -12.14 -4.22
CA THR A 11 0.36 -10.86 -4.52
C THR A 11 0.99 -10.27 -3.26
N ILE A 12 0.29 -10.23 -2.13
CA ILE A 12 0.82 -9.72 -0.86
C ILE A 12 2.01 -10.55 -0.34
N LYS A 13 2.08 -11.84 -0.66
CA LYS A 13 3.23 -12.71 -0.44
C LYS A 13 4.35 -12.56 -1.48
N SER A 14 4.03 -12.17 -2.71
CA SER A 14 4.99 -12.01 -3.83
C SER A 14 5.65 -10.62 -3.87
N GLU A 15 4.96 -9.61 -3.35
CA GLU A 15 5.40 -8.22 -3.30
C GLU A 15 6.15 -7.88 -2.02
N ASP A 16 6.88 -6.78 -2.05
CA ASP A 16 7.57 -6.21 -0.88
C ASP A 16 6.80 -5.00 -0.31
N VAL A 17 6.10 -4.27 -1.18
CA VAL A 17 5.27 -3.10 -0.86
C VAL A 17 3.91 -3.22 -1.53
N VAL A 18 2.82 -3.13 -0.76
CA VAL A 18 1.44 -3.16 -1.28
C VAL A 18 0.60 -2.04 -0.66
N THR A 19 -0.32 -1.45 -1.42
CA THR A 19 -1.27 -0.45 -0.92
C THR A 19 -2.68 -0.69 -1.45
N PHE A 20 -3.68 -0.39 -0.64
CA PHE A 20 -5.10 -0.39 -1.01
C PHE A 20 -5.60 1.05 -1.01
N ILE A 21 -6.04 1.53 -2.18
CA ILE A 21 -6.46 2.91 -2.45
C ILE A 21 -7.84 2.97 -3.10
N LYS A 22 -8.37 4.20 -3.24
CA LYS A 22 -9.52 4.53 -4.09
C LYS A 22 -9.03 5.03 -5.45
N GLY A 23 -8.66 4.11 -6.35
CA GLY A 23 -8.49 4.36 -7.79
C GLY A 23 -7.32 3.56 -8.41
N LEU A 24 -6.97 3.86 -9.67
CA LEU A 24 -5.65 3.64 -10.24
C LEU A 24 -4.63 4.64 -9.66
N PRO A 25 -3.32 4.34 -9.72
CA PRO A 25 -2.29 5.19 -9.15
C PRO A 25 -1.97 6.41 -10.02
N GLU A 26 -2.17 6.34 -11.35
CA GLU A 26 -2.10 7.50 -12.26
C GLU A 26 -3.36 8.39 -12.26
N ALA A 27 -4.52 7.81 -11.92
CA ALA A 27 -5.82 8.48 -11.96
C ALA A 27 -6.69 8.07 -10.75
N PRO A 28 -6.29 8.46 -9.52
CA PRO A 28 -7.04 8.11 -8.34
C PRO A 28 -8.36 8.87 -8.25
N MET A 29 -9.31 8.24 -7.56
CA MET A 29 -10.66 8.72 -7.32
C MET A 29 -10.80 9.38 -5.93
N CYS A 30 -9.67 9.72 -5.30
CA CYS A 30 -9.58 10.27 -3.94
C CYS A 30 -8.24 11.01 -3.74
N ALA A 31 -8.23 12.14 -3.03
CA ALA A 31 -7.01 12.92 -2.79
C ALA A 31 -5.97 12.16 -1.97
N TYR A 32 -6.41 11.42 -0.94
CA TYR A 32 -5.54 10.64 -0.06
C TYR A 32 -4.88 9.46 -0.81
N SER A 33 -5.52 8.92 -1.86
CA SER A 33 -4.90 7.95 -2.76
C SER A 33 -3.69 8.55 -3.49
N LYS A 34 -3.83 9.75 -4.07
CA LYS A 34 -2.73 10.51 -4.70
C LYS A 34 -1.58 10.69 -3.70
N ARG A 35 -1.90 11.11 -2.47
CA ARG A 35 -0.91 11.37 -1.42
C ARG A 35 -0.19 10.09 -0.94
N MET A 36 -0.84 8.92 -0.96
CA MET A 36 -0.23 7.61 -0.70
C MET A 36 0.80 7.24 -1.79
N ILE A 37 0.40 7.36 -3.06
CA ILE A 37 1.25 7.04 -4.21
C ILE A 37 2.46 7.97 -4.29
N ASP A 38 2.33 9.24 -3.91
CA ASP A 38 3.44 10.19 -3.83
C ASP A 38 4.53 9.81 -2.82
N VAL A 39 4.20 9.08 -1.75
CA VAL A 39 5.21 8.52 -0.83
C VAL A 39 6.01 7.41 -1.54
N LEU A 40 5.29 6.52 -2.22
CA LEU A 40 5.84 5.35 -2.91
C LEU A 40 6.69 5.76 -4.13
N GLU A 41 6.26 6.78 -4.86
CA GLU A 41 6.93 7.30 -6.04
C GLU A 41 8.05 8.30 -5.71
N ALA A 42 7.91 9.13 -4.66
CA ALA A 42 8.96 10.09 -4.27
C ALA A 42 10.14 9.46 -3.51
N LEU A 43 9.96 8.26 -2.97
CA LEU A 43 11.05 7.42 -2.44
C LEU A 43 11.59 6.43 -3.48
N GLY A 44 10.96 6.32 -4.65
CA GLY A 44 11.44 5.52 -5.78
C GLY A 44 11.30 4.00 -5.61
N LEU A 45 10.22 3.53 -4.96
CA LEU A 45 9.97 2.12 -4.69
C LEU A 45 9.26 1.45 -5.87
N GLU A 46 9.32 0.12 -5.90
CA GLU A 46 8.52 -0.75 -6.76
C GLU A 46 7.49 -1.51 -5.90
N TYR A 47 6.22 -1.24 -6.17
CA TYR A 47 5.07 -1.59 -5.33
C TYR A 47 3.93 -2.22 -6.16
N THR A 48 2.85 -2.63 -5.48
CA THR A 48 1.56 -2.92 -6.12
C THR A 48 0.44 -2.15 -5.42
N SER A 49 -0.30 -1.36 -6.18
CA SER A 49 -1.49 -0.63 -5.75
C SER A 49 -2.76 -1.36 -6.21
N PHE A 50 -3.76 -1.47 -5.33
CA PHE A 50 -5.07 -2.08 -5.57
C PHE A 50 -6.21 -1.06 -5.38
N ASP A 51 -7.21 -1.09 -6.26
CA ASP A 51 -8.39 -0.22 -6.18
C ASP A 51 -9.56 -0.94 -5.46
N VAL A 52 -10.01 -0.39 -4.33
CA VAL A 52 -11.18 -0.92 -3.59
C VAL A 52 -12.49 -0.72 -4.34
N LEU A 53 -12.51 0.19 -5.32
CA LEU A 53 -13.69 0.53 -6.12
C LEU A 53 -13.84 -0.34 -7.38
N ALA A 54 -12.81 -1.10 -7.76
CA ALA A 54 -12.80 -1.88 -8.99
C ALA A 54 -13.43 -3.28 -8.84
N HIS A 55 -13.30 -3.90 -7.67
CA HIS A 55 -13.69 -5.29 -7.43
C HIS A 55 -14.01 -5.47 -5.93
N PRO A 56 -15.17 -6.04 -5.56
CA PRO A 56 -15.55 -6.24 -4.16
C PRO A 56 -14.60 -7.18 -3.42
N VAL A 57 -13.98 -8.16 -4.09
CA VAL A 57 -12.91 -9.00 -3.52
C VAL A 57 -11.74 -8.17 -2.96
N VAL A 58 -11.42 -7.00 -3.54
CA VAL A 58 -10.38 -6.08 -3.04
C VAL A 58 -10.82 -5.42 -1.72
N ARG A 59 -12.00 -4.81 -1.66
CA ARG A 59 -12.51 -4.16 -0.42
C ARG A 59 -12.84 -5.17 0.68
N SER A 60 -13.23 -6.40 0.30
CA SER A 60 -13.41 -7.54 1.20
C SER A 60 -12.10 -8.12 1.74
N TYR A 61 -10.99 -8.01 1.00
CA TYR A 61 -9.65 -8.35 1.51
C TYR A 61 -9.26 -7.40 2.64
N VAL A 62 -9.44 -6.08 2.44
CA VAL A 62 -9.20 -5.07 3.48
C VAL A 62 -10.11 -5.30 4.70
N LYS A 63 -11.39 -5.66 4.49
CA LYS A 63 -12.34 -5.95 5.56
C LYS A 63 -11.86 -7.08 6.47
N GLU A 64 -11.47 -8.21 5.90
CA GLU A 64 -11.18 -9.41 6.70
C GLU A 64 -9.72 -9.53 7.19
N VAL A 65 -8.75 -8.94 6.48
CA VAL A 65 -7.33 -9.29 6.66
C VAL A 65 -6.52 -8.25 7.43
N SER A 66 -6.76 -6.94 7.27
CA SER A 66 -6.24 -5.93 8.21
C SER A 66 -7.18 -5.68 9.39
N GLU A 67 -8.49 -5.93 9.19
CA GLU A 67 -9.61 -5.62 10.09
C GLU A 67 -9.78 -4.12 10.43
N TRP A 68 -8.87 -3.26 9.94
CA TRP A 68 -8.75 -1.84 10.30
C TRP A 68 -9.70 -0.96 9.46
N PRO A 69 -10.36 0.05 10.06
CA PRO A 69 -11.41 0.83 9.38
C PRO A 69 -10.87 1.85 8.37
N THR A 70 -9.73 2.48 8.65
CA THR A 70 -9.22 3.64 7.90
C THR A 70 -8.63 3.26 6.55
N ILE A 71 -8.91 4.05 5.50
CA ILE A 71 -8.46 3.88 4.10
C ILE A 71 -8.06 5.26 3.55
N PRO A 72 -6.99 5.38 2.73
CA PRO A 72 -6.12 4.29 2.23
C PRO A 72 -5.26 3.54 3.26
N GLN A 73 -4.69 2.39 2.86
CA GLN A 73 -3.85 1.51 3.71
C GLN A 73 -2.52 1.12 3.05
N LEU A 74 -1.47 0.94 3.86
CA LEU A 74 -0.13 0.48 3.47
C LEU A 74 0.21 -0.89 4.09
N PHE A 75 0.89 -1.73 3.33
CA PHE A 75 1.44 -3.03 3.72
C PHE A 75 2.92 -3.14 3.30
N ILE A 76 3.76 -3.71 4.16
CA ILE A 76 5.17 -4.04 3.89
C ILE A 76 5.42 -5.52 4.20
N LYS A 77 6.04 -6.25 3.27
CA LYS A 77 6.39 -7.69 3.38
C LYS A 77 5.28 -8.54 4.05
N ALA A 78 4.08 -8.54 3.49
CA ALA A 78 2.90 -9.26 3.98
C ALA A 78 2.38 -8.89 5.40
N GLU A 79 2.68 -7.69 5.93
CA GLU A 79 2.08 -7.13 7.14
C GLU A 79 1.47 -5.74 6.90
N PHE A 80 0.32 -5.44 7.54
CA PHE A 80 -0.26 -4.10 7.56
C PHE A 80 0.63 -3.12 8.37
N VAL A 81 0.67 -1.85 7.95
CA VAL A 81 1.55 -0.81 8.53
C VAL A 81 0.78 0.42 9.05
N GLY A 82 -0.32 0.82 8.40
CA GLY A 82 -1.15 1.96 8.83
C GLY A 82 -1.85 2.69 7.68
N GLY A 83 -2.57 3.76 8.03
CA GLY A 83 -3.21 4.70 7.09
C GLY A 83 -2.29 5.78 6.51
N LEU A 84 -2.87 6.74 5.78
CA LEU A 84 -2.16 7.82 5.08
C LEU A 84 -1.52 8.82 6.07
N ASP A 85 -2.17 9.11 7.21
CA ASP A 85 -1.54 9.89 8.28
C ASP A 85 -0.29 9.19 8.84
N ILE A 86 -0.36 7.88 9.03
CA ILE A 86 0.73 7.09 9.61
C ILE A 86 1.95 7.08 8.68
N VAL A 87 1.80 6.79 7.39
CA VAL A 87 2.97 6.72 6.47
C VAL A 87 3.65 8.07 6.34
N THR A 88 2.88 9.16 6.39
CA THR A 88 3.42 10.52 6.34
C THR A 88 4.17 10.89 7.62
N LYS A 89 3.70 10.46 8.80
CA LYS A 89 4.48 10.60 10.05
C LYS A 89 5.78 9.80 10.00
N MET A 90 5.74 8.55 9.55
CA MET A 90 6.95 7.72 9.36
C MET A 90 7.96 8.39 8.41
N LEU A 91 7.48 9.07 7.36
CA LEU A 91 8.30 9.79 6.39
C LEU A 91 9.03 10.95 7.06
N GLU A 92 8.27 11.85 7.69
CA GLU A 92 8.78 13.00 8.46
C GLU A 92 9.78 12.56 9.53
N SER A 93 9.41 11.56 10.32
CA SER A 93 10.15 11.10 11.50
C SER A 93 11.30 10.12 11.19
N GLY A 94 11.44 9.67 9.94
CA GLY A 94 12.55 8.81 9.47
C GLY A 94 12.37 7.29 9.66
N ASP A 95 11.29 6.84 10.30
CA ASP A 95 11.02 5.41 10.51
C ASP A 95 10.59 4.65 9.23
N LEU A 96 10.16 5.35 8.16
CA LEU A 96 9.71 4.71 6.93
C LEU A 96 10.91 4.14 6.14
N LYS A 97 11.91 4.98 5.85
CA LYS A 97 13.21 4.54 5.30
C LYS A 97 13.90 3.48 6.16
N LYS A 98 13.73 3.56 7.48
CA LYS A 98 14.33 2.63 8.45
C LYS A 98 13.81 1.21 8.28
N MET A 99 12.53 1.04 7.93
CA MET A 99 11.98 -0.24 7.52
C MET A 99 12.49 -0.68 6.14
N LEU A 100 12.54 0.21 5.14
CA LEU A 100 13.01 -0.14 3.78
C LEU A 100 14.43 -0.72 3.80
N ARG A 101 15.36 -0.06 4.48
CA ARG A 101 16.76 -0.52 4.61
C ARG A 101 16.91 -1.85 5.38
N ASP A 102 16.09 -2.07 6.40
CA ASP A 102 16.05 -3.34 7.13
C ASP A 102 15.47 -4.48 6.28
N LYS A 103 14.37 -4.19 5.56
CA LYS A 103 13.63 -5.15 4.72
C LYS A 103 14.33 -5.45 3.40
N GLY A 104 15.31 -4.63 2.99
CA GLY A 104 16.02 -4.80 1.72
C GLY A 104 15.26 -4.28 0.51
N ILE A 105 14.49 -3.20 0.64
CA ILE A 105 13.60 -2.67 -0.42
C ILE A 105 14.27 -1.52 -1.17
N THR A 106 14.11 -1.48 -2.49
CA THR A 106 14.67 -0.45 -3.38
C THR A 106 14.15 0.96 -3.02
N CYS A 107 15.04 1.94 -2.85
CA CYS A 107 14.67 3.35 -2.65
C CYS A 107 15.82 4.34 -2.92
N ARG A 108 15.47 5.63 -2.99
CA ARG A 108 16.39 6.77 -2.96
C ARG A 108 17.15 6.85 -1.63
N ASP A 109 18.24 7.62 -1.64
CA ASP A 109 19.36 7.60 -0.70
C ASP A 109 18.96 7.64 0.80
N LEU A 110 19.47 6.62 1.50
CA LEU A 110 19.41 6.37 2.95
C LEU A 110 20.46 7.17 3.74
N GLY A 1 -7.75 -13.85 -17.60
CA GLY A 1 -8.63 -14.55 -16.65
C GLY A 1 -9.23 -13.57 -15.67
N ALA A 2 -9.30 -13.95 -14.38
CA ALA A 2 -9.87 -13.11 -13.33
C ALA A 2 -9.08 -13.18 -12.01
N MET A 3 -9.22 -12.14 -11.18
CA MET A 3 -8.65 -12.09 -9.83
C MET A 3 -9.61 -12.70 -8.82
N VAL A 4 -9.12 -13.58 -7.95
CA VAL A 4 -9.84 -14.11 -6.78
C VAL A 4 -9.24 -13.55 -5.49
N LYS A 5 -9.96 -13.63 -4.37
CA LYS A 5 -9.51 -13.10 -3.06
C LYS A 5 -8.18 -13.75 -2.60
N LYS A 6 -7.93 -15.02 -2.95
CA LYS A 6 -6.65 -15.72 -2.78
C LYS A 6 -5.47 -15.09 -3.56
N ASP A 7 -5.70 -14.45 -4.72
CA ASP A 7 -4.65 -13.76 -5.48
C ASP A 7 -4.14 -12.51 -4.75
N ILE A 8 -5.02 -11.77 -4.05
CA ILE A 8 -4.63 -10.61 -3.23
C ILE A 8 -3.75 -11.08 -2.07
N ASP A 9 -4.09 -12.22 -1.47
CA ASP A 9 -3.33 -12.80 -0.36
C ASP A 9 -1.90 -13.24 -0.77
N ASP A 10 -1.77 -13.91 -1.92
CA ASP A 10 -0.47 -14.34 -2.47
C ASP A 10 0.35 -13.13 -2.98
N THR A 11 -0.33 -12.11 -3.49
CA THR A 11 0.30 -10.84 -3.89
C THR A 11 0.88 -10.13 -2.67
N ILE A 12 0.16 -9.98 -1.55
CA ILE A 12 0.71 -9.37 -0.33
C ILE A 12 1.86 -10.18 0.24
N LYS A 13 1.84 -11.52 0.17
CA LYS A 13 2.98 -12.37 0.53
C LYS A 13 4.22 -12.15 -0.34
N SER A 14 4.05 -11.90 -1.63
CA SER A 14 5.12 -11.92 -2.64
C SER A 14 5.68 -10.54 -3.01
N GLU A 15 5.01 -9.46 -2.62
CA GLU A 15 5.43 -8.06 -2.81
C GLU A 15 6.30 -7.54 -1.65
N ASP A 16 7.02 -6.44 -1.92
CA ASP A 16 7.77 -5.71 -0.90
C ASP A 16 6.93 -4.57 -0.29
N VAL A 17 6.04 -3.98 -1.10
CA VAL A 17 5.14 -2.88 -0.72
C VAL A 17 3.76 -3.09 -1.36
N VAL A 18 2.69 -2.94 -0.58
CA VAL A 18 1.30 -2.98 -1.09
C VAL A 18 0.45 -1.85 -0.49
N THR A 19 -0.51 -1.33 -1.25
CA THR A 19 -1.50 -0.34 -0.79
C THR A 19 -2.90 -0.60 -1.38
N PHE A 20 -3.93 -0.13 -0.67
CA PHE A 20 -5.33 -0.18 -1.08
C PHE A 20 -5.87 1.26 -1.20
N ILE A 21 -6.41 1.64 -2.37
CA ILE A 21 -6.85 3.01 -2.67
C ILE A 21 -8.19 3.09 -3.43
N LYS A 22 -8.64 4.31 -3.71
CA LYS A 22 -9.88 4.64 -4.41
C LYS A 22 -9.59 5.19 -5.81
N GLY A 23 -9.12 4.33 -6.72
CA GLY A 23 -8.94 4.62 -8.15
C GLY A 23 -7.71 3.89 -8.75
N LEU A 24 -7.36 4.20 -9.99
CA LEU A 24 -6.06 3.88 -10.57
C LEU A 24 -4.93 4.72 -9.95
N PRO A 25 -3.67 4.27 -10.03
CA PRO A 25 -2.55 4.93 -9.36
C PRO A 25 -2.12 6.23 -10.10
N GLU A 26 -2.22 6.25 -11.44
CA GLU A 26 -2.08 7.48 -12.24
C GLU A 26 -3.37 8.32 -12.35
N ALA A 27 -4.52 7.72 -12.04
CA ALA A 27 -5.84 8.33 -12.16
C ALA A 27 -6.75 8.01 -10.94
N PRO A 28 -6.39 8.46 -9.72
CA PRO A 28 -7.19 8.19 -8.55
C PRO A 28 -8.48 9.02 -8.58
N MET A 29 -9.54 8.47 -8.00
CA MET A 29 -10.85 9.11 -7.90
C MET A 29 -10.98 9.95 -6.62
N CYS A 30 -9.89 10.10 -5.84
CA CYS A 30 -9.86 10.73 -4.53
C CYS A 30 -8.50 11.39 -4.23
N ALA A 31 -8.51 12.57 -3.59
CA ALA A 31 -7.30 13.34 -3.28
C ALA A 31 -6.33 12.62 -2.30
N TYR A 32 -6.87 11.96 -1.26
CA TYR A 32 -6.05 11.18 -0.33
C TYR A 32 -5.41 9.96 -1.01
N SER A 33 -6.12 9.37 -1.99
CA SER A 33 -5.55 8.29 -2.81
C SER A 33 -4.40 8.78 -3.70
N LYS A 34 -4.49 9.99 -4.28
CA LYS A 34 -3.36 10.67 -4.93
C LYS A 34 -2.18 10.84 -3.97
N ARG A 35 -2.43 11.31 -2.75
CA ARG A 35 -1.38 11.55 -1.75
C ARG A 35 -0.61 10.26 -1.38
N MET A 36 -1.28 9.12 -1.28
CA MET A 36 -0.62 7.83 -0.97
C MET A 36 0.31 7.36 -2.10
N ILE A 37 -0.13 7.47 -3.36
CA ILE A 37 0.71 7.16 -4.52
C ILE A 37 1.94 8.07 -4.57
N ASP A 38 1.79 9.36 -4.22
CA ASP A 38 2.93 10.27 -4.14
C ASP A 38 3.97 9.85 -3.09
N VAL A 39 3.58 9.29 -1.94
CA VAL A 39 4.53 8.75 -0.93
C VAL A 39 5.38 7.62 -1.52
N LEU A 40 4.75 6.79 -2.36
CA LEU A 40 5.35 5.61 -2.98
C LEU A 40 6.23 5.96 -4.19
N GLU A 41 5.81 6.92 -5.02
CA GLU A 41 6.60 7.46 -6.11
C GLU A 41 7.70 8.41 -5.60
N ALA A 42 7.46 9.20 -4.55
CA ALA A 42 8.43 10.19 -4.04
C ALA A 42 9.64 9.56 -3.32
N LEU A 43 9.61 8.26 -3.02
CA LEU A 43 10.75 7.48 -2.52
C LEU A 43 11.34 6.52 -3.58
N GLY A 44 10.68 6.36 -4.73
CA GLY A 44 11.16 5.56 -5.88
C GLY A 44 11.01 4.05 -5.72
N LEU A 45 9.94 3.56 -5.08
CA LEU A 45 9.78 2.16 -4.69
C LEU A 45 9.16 1.29 -5.82
N GLU A 46 9.17 -0.02 -5.59
CA GLU A 46 8.34 -1.01 -6.27
C GLU A 46 7.15 -1.45 -5.40
N TYR A 47 5.94 -1.21 -5.88
CA TYR A 47 4.70 -1.45 -5.13
C TYR A 47 3.58 -2.07 -5.97
N THR A 48 2.57 -2.61 -5.31
CA THR A 48 1.26 -2.93 -5.91
C THR A 48 0.17 -2.07 -5.27
N SER A 49 -0.69 -1.48 -6.10
CA SER A 49 -1.86 -0.72 -5.70
C SER A 49 -3.14 -1.44 -6.12
N PHE A 50 -4.10 -1.60 -5.19
CA PHE A 50 -5.40 -2.25 -5.41
C PHE A 50 -6.56 -1.24 -5.27
N ASP A 51 -7.48 -1.22 -6.22
CA ASP A 51 -8.72 -0.42 -6.18
C ASP A 51 -9.96 -1.20 -5.74
N VAL A 52 -10.61 -0.71 -4.67
CA VAL A 52 -11.88 -1.25 -4.12
C VAL A 52 -13.09 -1.06 -5.02
N LEU A 53 -13.03 -0.07 -5.92
CA LEU A 53 -14.16 0.30 -6.80
C LEU A 53 -14.24 -0.53 -8.08
N ALA A 54 -13.09 -1.03 -8.55
CA ALA A 54 -13.01 -1.89 -9.73
C ALA A 54 -13.44 -3.34 -9.46
N HIS A 55 -13.40 -3.79 -8.20
CA HIS A 55 -13.65 -5.19 -7.85
C HIS A 55 -14.08 -5.36 -6.38
N PRO A 56 -15.25 -5.97 -6.09
CA PRO A 56 -15.69 -6.27 -4.73
C PRO A 56 -14.73 -7.24 -4.02
N VAL A 57 -14.06 -8.12 -4.76
CA VAL A 57 -13.00 -9.01 -4.24
C VAL A 57 -11.90 -8.24 -3.47
N VAL A 58 -11.58 -7.00 -3.86
CA VAL A 58 -10.62 -6.16 -3.12
C VAL A 58 -11.21 -5.68 -1.79
N ARG A 59 -12.40 -5.06 -1.79
CA ARG A 59 -13.02 -4.54 -0.56
C ARG A 59 -13.46 -5.66 0.41
N SER A 60 -13.73 -6.86 -0.11
CA SER A 60 -13.98 -8.10 0.63
C SER A 60 -12.71 -8.68 1.28
N TYR A 61 -11.52 -8.52 0.69
CA TYR A 61 -10.24 -8.82 1.33
C TYR A 61 -9.94 -7.80 2.46
N VAL A 62 -10.14 -6.51 2.18
CA VAL A 62 -9.92 -5.43 3.15
C VAL A 62 -10.76 -5.62 4.41
N LYS A 63 -12.02 -6.02 4.28
CA LYS A 63 -12.94 -6.20 5.41
C LYS A 63 -12.45 -7.29 6.38
N GLU A 64 -11.96 -8.40 5.84
CA GLU A 64 -11.73 -9.65 6.61
C GLU A 64 -10.26 -9.88 7.00
N VAL A 65 -9.29 -9.34 6.23
CA VAL A 65 -7.85 -9.60 6.37
C VAL A 65 -7.03 -8.32 6.58
N SER A 66 -7.32 -7.23 5.86
CA SER A 66 -6.74 -5.89 6.13
C SER A 66 -7.58 -5.11 7.14
N GLU A 67 -7.76 -5.71 8.33
CA GLU A 67 -8.85 -5.45 9.28
C GLU A 67 -8.94 -4.01 9.83
N TRP A 68 -7.91 -3.17 9.67
CA TRP A 68 -7.96 -1.75 10.03
C TRP A 68 -8.89 -0.96 9.08
N PRO A 69 -9.70 0.00 9.56
CA PRO A 69 -10.77 0.62 8.76
C PRO A 69 -10.32 1.69 7.75
N THR A 70 -9.18 2.36 7.96
CA THR A 70 -8.75 3.49 7.12
C THR A 70 -8.49 3.08 5.67
N ILE A 71 -9.03 3.84 4.72
CA ILE A 71 -8.53 3.90 3.33
C ILE A 71 -8.05 5.34 3.05
N PRO A 72 -6.88 5.55 2.43
CA PRO A 72 -5.91 4.54 2.01
C PRO A 72 -5.02 4.00 3.16
N GLN A 73 -4.52 2.77 3.00
CA GLN A 73 -3.61 2.11 3.97
C GLN A 73 -2.41 1.41 3.29
N LEU A 74 -1.37 1.13 4.08
CA LEU A 74 -0.04 0.69 3.65
C LEU A 74 0.36 -0.67 4.27
N PHE A 75 1.05 -1.49 3.49
CA PHE A 75 1.67 -2.76 3.85
C PHE A 75 3.13 -2.80 3.39
N ILE A 76 4.03 -3.35 4.20
CA ILE A 76 5.44 -3.60 3.88
C ILE A 76 5.78 -5.07 4.19
N LYS A 77 6.41 -5.78 3.25
CA LYS A 77 6.81 -7.21 3.35
C LYS A 77 5.72 -8.07 4.03
N ALA A 78 4.54 -8.16 3.43
CA ALA A 78 3.38 -8.93 3.90
C ALA A 78 2.77 -8.55 5.26
N GLU A 79 3.11 -7.40 5.84
CA GLU A 79 2.58 -6.91 7.11
C GLU A 79 1.98 -5.49 6.99
N PHE A 80 0.87 -5.24 7.68
CA PHE A 80 0.21 -3.93 7.76
C PHE A 80 1.04 -2.92 8.59
N VAL A 81 1.15 -1.68 8.09
CA VAL A 81 1.99 -0.61 8.68
C VAL A 81 1.18 0.60 9.15
N GLY A 82 0.07 0.94 8.49
CA GLY A 82 -0.83 2.02 8.94
C GLY A 82 -1.59 2.73 7.82
N GLY A 83 -2.38 3.75 8.20
CA GLY A 83 -3.00 4.70 7.27
C GLY A 83 -2.04 5.76 6.73
N LEU A 84 -2.58 6.67 5.91
CA LEU A 84 -1.87 7.76 5.23
C LEU A 84 -1.06 8.64 6.19
N ASP A 85 -1.61 8.95 7.38
CA ASP A 85 -0.89 9.68 8.44
C ASP A 85 0.39 8.94 8.87
N ILE A 86 0.30 7.64 9.12
CA ILE A 86 1.35 6.90 9.82
C ILE A 86 2.58 6.71 8.93
N VAL A 87 2.40 6.31 7.66
CA VAL A 87 3.51 6.20 6.70
C VAL A 87 4.29 7.51 6.56
N THR A 88 3.56 8.61 6.52
CA THR A 88 4.14 9.94 6.38
C THR A 88 4.81 10.45 7.65
N LYS A 89 4.29 10.11 8.84
CA LYS A 89 4.98 10.39 10.11
C LYS A 89 6.23 9.52 10.30
N MET A 90 6.15 8.22 10.02
CA MET A 90 7.30 7.31 10.01
C MET A 90 8.43 7.77 9.07
N LEU A 91 8.10 8.44 7.96
CA LEU A 91 9.06 9.12 7.07
C LEU A 91 9.83 10.24 7.81
N GLU A 92 9.11 11.17 8.43
CA GLU A 92 9.69 12.29 9.22
C GLU A 92 10.50 11.80 10.43
N SER A 93 10.05 10.71 11.03
CA SER A 93 10.69 9.99 12.14
C SER A 93 11.90 9.14 11.74
N GLY A 94 12.16 8.99 10.44
CA GLY A 94 13.23 8.14 9.87
C GLY A 94 12.95 6.63 9.89
N ASP A 95 11.99 6.16 10.69
CA ASP A 95 11.60 4.75 10.87
C ASP A 95 11.23 4.05 9.56
N LEU A 96 10.54 4.76 8.65
CA LEU A 96 10.13 4.24 7.33
C LEU A 96 11.35 3.96 6.46
N LYS A 97 12.24 4.96 6.31
CA LYS A 97 13.54 4.81 5.66
C LYS A 97 14.35 3.67 6.29
N LYS A 98 14.28 3.54 7.63
CA LYS A 98 15.03 2.52 8.39
C LYS A 98 14.50 1.11 8.11
N MET A 99 13.18 0.93 7.98
CA MET A 99 12.58 -0.34 7.61
C MET A 99 12.93 -0.78 6.17
N LEU A 100 12.85 0.13 5.18
CA LEU A 100 13.14 -0.20 3.78
C LEU A 100 14.55 -0.78 3.64
N ARG A 101 15.54 -0.13 4.25
CA ARG A 101 16.94 -0.58 4.15
C ARG A 101 17.21 -1.90 4.86
N ASP A 102 16.56 -2.14 5.99
CA ASP A 102 16.67 -3.41 6.74
C ASP A 102 16.01 -4.58 6.00
N LYS A 103 14.96 -4.30 5.21
CA LYS A 103 14.21 -5.28 4.40
C LYS A 103 14.67 -5.39 2.93
N GLY A 104 15.73 -4.67 2.55
CA GLY A 104 16.32 -4.79 1.21
C GLY A 104 15.60 -4.03 0.09
N ILE A 105 14.73 -3.07 0.41
CA ILE A 105 13.78 -2.48 -0.53
C ILE A 105 14.44 -1.33 -1.33
N THR A 106 14.01 -1.16 -2.58
CA THR A 106 14.54 -0.13 -3.50
C THR A 106 14.06 1.27 -3.12
N CYS A 107 14.97 2.22 -2.85
CA CYS A 107 14.60 3.61 -2.52
C CYS A 107 15.73 4.64 -2.71
N ARG A 108 15.35 5.93 -2.62
CA ARG A 108 16.24 7.10 -2.53
C ARG A 108 17.12 7.08 -1.28
N ASP A 109 18.26 7.79 -1.34
CA ASP A 109 19.39 7.78 -0.41
C ASP A 109 19.03 7.86 1.08
N LEU A 110 19.43 6.81 1.80
CA LEU A 110 19.19 6.56 3.24
C LEU A 110 20.10 7.37 4.18
N GLY A 1 -9.27 -15.36 -16.88
CA GLY A 1 -10.24 -16.08 -16.04
C GLY A 1 -10.87 -15.12 -15.04
N ALA A 2 -10.58 -15.31 -13.75
CA ALA A 2 -11.12 -14.51 -12.65
C ALA A 2 -10.07 -14.20 -11.56
N MET A 3 -10.31 -13.15 -10.77
CA MET A 3 -9.58 -12.86 -9.53
C MET A 3 -10.40 -13.31 -8.31
N VAL A 4 -9.75 -14.05 -7.40
CA VAL A 4 -10.31 -14.45 -6.09
C VAL A 4 -9.51 -13.83 -4.94
N LYS A 5 -10.03 -13.81 -3.71
CA LYS A 5 -9.37 -13.20 -2.55
C LYS A 5 -7.95 -13.74 -2.31
N LYS A 6 -7.72 -15.03 -2.56
CA LYS A 6 -6.42 -15.73 -2.52
C LYS A 6 -5.42 -15.23 -3.58
N ASP A 7 -5.86 -14.62 -4.68
CA ASP A 7 -4.96 -13.96 -5.65
C ASP A 7 -4.34 -12.68 -5.07
N ILE A 8 -5.08 -11.97 -4.20
CA ILE A 8 -4.56 -10.82 -3.45
C ILE A 8 -3.64 -11.28 -2.32
N ASP A 9 -4.06 -12.27 -1.54
CA ASP A 9 -3.30 -12.76 -0.38
C ASP A 9 -1.90 -13.33 -0.77
N ASP A 10 -1.79 -13.86 -1.99
CA ASP A 10 -0.53 -14.33 -2.59
C ASP A 10 0.26 -13.18 -3.24
N THR A 11 -0.40 -12.13 -3.75
CA THR A 11 0.27 -10.88 -4.16
C THR A 11 0.91 -10.17 -2.97
N ILE A 12 0.24 -10.13 -1.81
CA ILE A 12 0.77 -9.65 -0.51
C ILE A 12 2.10 -10.33 -0.14
N LYS A 13 2.28 -11.60 -0.53
CA LYS A 13 3.52 -12.39 -0.43
C LYS A 13 4.49 -12.24 -1.63
N SER A 14 3.99 -12.02 -2.84
CA SER A 14 4.78 -11.92 -4.09
C SER A 14 5.47 -10.55 -4.28
N GLU A 15 5.02 -9.54 -3.53
CA GLU A 15 5.50 -8.16 -3.59
C GLU A 15 6.23 -7.75 -2.30
N ASP A 16 7.03 -6.67 -2.37
CA ASP A 16 7.65 -6.05 -1.19
C ASP A 16 6.74 -4.96 -0.58
N VAL A 17 5.97 -4.29 -1.44
CA VAL A 17 5.13 -3.13 -1.12
C VAL A 17 3.76 -3.32 -1.76
N VAL A 18 2.69 -3.32 -0.95
CA VAL A 18 1.30 -3.42 -1.44
C VAL A 18 0.42 -2.35 -0.79
N THR A 19 -0.45 -1.70 -1.56
CA THR A 19 -1.36 -0.66 -1.04
C THR A 19 -2.77 -0.79 -1.64
N PHE A 20 -3.77 -0.36 -0.88
CA PHE A 20 -5.19 -0.38 -1.24
C PHE A 20 -5.74 1.05 -1.23
N ILE A 21 -6.23 1.53 -2.38
CA ILE A 21 -6.58 2.94 -2.60
C ILE A 21 -7.92 3.10 -3.34
N LYS A 22 -8.47 4.33 -3.33
CA LYS A 22 -9.58 4.76 -4.19
C LYS A 22 -9.03 5.21 -5.55
N GLY A 23 -8.64 4.26 -6.41
CA GLY A 23 -8.39 4.48 -7.84
C GLY A 23 -7.24 3.63 -8.42
N LEU A 24 -6.85 3.91 -9.65
CA LEU A 24 -5.56 3.59 -10.24
C LEU A 24 -4.41 4.44 -9.66
N PRO A 25 -3.15 4.01 -9.81
CA PRO A 25 -1.98 4.75 -9.34
C PRO A 25 -1.56 5.87 -10.33
N GLU A 26 -1.95 5.75 -11.61
CA GLU A 26 -1.89 6.84 -12.61
C GLU A 26 -3.11 7.77 -12.60
N ALA A 27 -4.23 7.30 -12.04
CA ALA A 27 -5.49 8.01 -11.99
C ALA A 27 -6.28 7.78 -10.68
N PRO A 28 -5.74 8.22 -9.52
CA PRO A 28 -6.42 8.09 -8.25
C PRO A 28 -7.61 9.04 -8.19
N MET A 29 -8.72 8.57 -7.64
CA MET A 29 -10.01 9.24 -7.65
C MET A 29 -10.22 10.13 -6.41
N CYS A 30 -9.29 10.09 -5.45
CA CYS A 30 -9.46 10.63 -4.09
C CYS A 30 -8.12 11.11 -3.51
N ALA A 31 -8.18 12.13 -2.64
CA ALA A 31 -7.04 12.93 -2.22
C ALA A 31 -5.95 12.13 -1.49
N TYR A 32 -6.32 11.41 -0.43
CA TYR A 32 -5.37 10.60 0.34
C TYR A 32 -4.86 9.40 -0.46
N SER A 33 -5.62 8.93 -1.44
CA SER A 33 -5.19 7.91 -2.39
C SER A 33 -4.10 8.44 -3.34
N LYS A 34 -4.23 9.67 -3.84
CA LYS A 34 -3.14 10.40 -4.54
C LYS A 34 -1.94 10.58 -3.61
N ARG A 35 -2.17 11.02 -2.37
CA ARG A 35 -1.13 11.28 -1.35
C ARG A 35 -0.34 10.01 -0.98
N MET A 36 -0.97 8.84 -0.90
CA MET A 36 -0.30 7.54 -0.70
C MET A 36 0.64 7.22 -1.87
N ILE A 37 0.16 7.33 -3.12
CA ILE A 37 0.99 7.10 -4.31
C ILE A 37 2.17 8.08 -4.36
N ASP A 38 2.00 9.35 -3.97
CA ASP A 38 3.10 10.30 -3.88
C ASP A 38 4.15 9.94 -2.82
N VAL A 39 3.79 9.26 -1.74
CA VAL A 39 4.79 8.69 -0.79
C VAL A 39 5.63 7.62 -1.51
N LEU A 40 4.96 6.72 -2.22
CA LEU A 40 5.56 5.57 -2.89
C LEU A 40 6.40 5.98 -4.12
N GLU A 41 5.97 7.00 -4.85
CA GLU A 41 6.70 7.62 -5.96
C GLU A 41 7.83 8.54 -5.48
N ALA A 42 7.62 9.36 -4.45
CA ALA A 42 8.63 10.32 -3.97
C ALA A 42 9.79 9.65 -3.19
N LEU A 43 9.60 8.42 -2.73
CA LEU A 43 10.66 7.54 -2.20
C LEU A 43 11.24 6.58 -3.25
N GLY A 44 10.63 6.47 -4.43
CA GLY A 44 11.15 5.69 -5.57
C GLY A 44 10.95 4.18 -5.50
N LEU A 45 9.89 3.69 -4.84
CA LEU A 45 9.64 2.28 -4.56
C LEU A 45 8.99 1.57 -5.76
N GLU A 46 9.13 0.26 -5.79
CA GLU A 46 8.40 -0.65 -6.69
C GLU A 46 7.31 -1.42 -5.92
N TYR A 47 6.06 -1.21 -6.33
CA TYR A 47 4.87 -1.64 -5.58
C TYR A 47 3.80 -2.30 -6.47
N THR A 48 2.77 -2.86 -5.83
CA THR A 48 1.47 -3.16 -6.45
C THR A 48 0.38 -2.44 -5.67
N SER A 49 -0.34 -1.56 -6.35
CA SER A 49 -1.54 -0.90 -5.85
C SER A 49 -2.79 -1.69 -6.25
N PHE A 50 -3.91 -1.50 -5.55
CA PHE A 50 -5.21 -2.09 -5.85
C PHE A 50 -6.35 -1.06 -5.65
N ASP A 51 -7.28 -0.96 -6.61
CA ASP A 51 -8.46 -0.10 -6.51
C ASP A 51 -9.62 -0.82 -5.80
N VAL A 52 -10.11 -0.27 -4.68
CA VAL A 52 -11.30 -0.78 -3.97
C VAL A 52 -12.59 -0.48 -4.72
N LEU A 53 -12.58 0.50 -5.62
CA LEU A 53 -13.71 0.92 -6.44
C LEU A 53 -13.84 0.17 -7.77
N ALA A 54 -12.92 -0.75 -8.06
CA ALA A 54 -12.95 -1.54 -9.29
C ALA A 54 -13.39 -3.00 -9.09
N HIS A 55 -13.30 -3.55 -7.87
CA HIS A 55 -13.47 -4.97 -7.58
C HIS A 55 -13.90 -5.19 -6.10
N PRO A 56 -15.13 -5.65 -5.83
CA PRO A 56 -15.59 -5.98 -4.48
C PRO A 56 -14.70 -6.98 -3.71
N VAL A 57 -14.05 -7.95 -4.36
CA VAL A 57 -13.03 -8.80 -3.70
C VAL A 57 -11.84 -7.99 -3.16
N VAL A 58 -11.44 -6.89 -3.81
CA VAL A 58 -10.36 -6.02 -3.30
C VAL A 58 -10.80 -5.24 -2.05
N ARG A 59 -12.00 -4.63 -2.05
CA ARG A 59 -12.50 -3.93 -0.83
C ARG A 59 -12.78 -4.90 0.33
N SER A 60 -13.12 -6.16 0.02
CA SER A 60 -13.24 -7.24 1.01
C SER A 60 -11.91 -7.66 1.64
N TYR A 61 -10.78 -7.55 0.92
CA TYR A 61 -9.48 -8.00 1.44
C TYR A 61 -9.07 -7.20 2.69
N VAL A 62 -9.09 -5.87 2.61
CA VAL A 62 -8.85 -5.00 3.78
C VAL A 62 -9.94 -5.15 4.85
N LYS A 63 -11.20 -5.37 4.45
CA LYS A 63 -12.32 -5.54 5.40
C LYS A 63 -12.17 -6.79 6.27
N GLU A 64 -11.65 -7.90 5.73
CA GLU A 64 -11.64 -9.21 6.40
C GLU A 64 -10.25 -9.72 6.85
N VAL A 65 -9.14 -9.20 6.31
CA VAL A 65 -7.78 -9.72 6.55
C VAL A 65 -6.85 -8.76 7.32
N SER A 66 -6.91 -7.44 7.07
CA SER A 66 -6.36 -6.44 8.03
C SER A 66 -7.42 -6.00 9.05
N GLU A 67 -8.69 -5.97 8.65
CA GLU A 67 -9.86 -5.55 9.43
C GLU A 67 -9.76 -4.12 9.99
N TRP A 68 -8.87 -3.33 9.41
CA TRP A 68 -8.53 -1.98 9.87
C TRP A 68 -9.50 -0.92 9.30
N PRO A 69 -9.98 0.05 10.12
CA PRO A 69 -11.04 0.99 9.72
C PRO A 69 -10.61 2.12 8.77
N THR A 70 -9.31 2.41 8.66
CA THR A 70 -8.77 3.54 7.89
C THR A 70 -8.45 3.13 6.44
N ILE A 71 -8.73 4.01 5.47
CA ILE A 71 -8.37 3.90 4.04
C ILE A 71 -7.70 5.20 3.60
N PRO A 72 -6.71 5.18 2.67
CA PRO A 72 -6.04 4.00 2.13
C PRO A 72 -5.14 3.27 3.14
N GLN A 73 -4.67 2.08 2.77
CA GLN A 73 -3.82 1.21 3.60
C GLN A 73 -2.52 0.84 2.91
N LEU A 74 -1.44 0.70 3.69
CA LEU A 74 -0.14 0.19 3.26
C LEU A 74 0.22 -1.14 3.94
N PHE A 75 0.87 -2.02 3.19
CA PHE A 75 1.55 -3.24 3.63
C PHE A 75 3.00 -3.24 3.16
N ILE A 76 3.91 -3.74 3.99
CA ILE A 76 5.33 -3.98 3.66
C ILE A 76 5.70 -5.43 4.02
N LYS A 77 6.23 -6.16 3.03
CA LYS A 77 6.63 -7.58 3.08
C LYS A 77 5.62 -8.47 3.83
N ALA A 78 4.38 -8.51 3.34
CA ALA A 78 3.24 -9.26 3.86
C ALA A 78 2.65 -8.85 5.23
N GLU A 79 3.09 -7.73 5.82
CA GLU A 79 2.55 -7.19 7.06
C GLU A 79 1.88 -5.82 6.88
N PHE A 80 0.77 -5.55 7.57
CA PHE A 80 0.12 -4.23 7.58
C PHE A 80 0.95 -3.16 8.30
N VAL A 81 0.90 -1.92 7.81
CA VAL A 81 1.81 -0.82 8.18
C VAL A 81 1.09 0.46 8.65
N GLY A 82 -0.14 0.73 8.21
CA GLY A 82 -0.94 1.88 8.63
C GLY A 82 -1.71 2.57 7.51
N GLY A 83 -2.45 3.64 7.86
CA GLY A 83 -3.08 4.58 6.93
C GLY A 83 -2.20 5.78 6.54
N LEU A 84 -2.77 6.72 5.78
CA LEU A 84 -2.03 7.86 5.19
C LEU A 84 -1.39 8.79 6.24
N ASP A 85 -2.07 9.05 7.36
CA ASP A 85 -1.52 9.83 8.48
C ASP A 85 -0.26 9.18 9.06
N ILE A 86 -0.29 7.85 9.21
CA ILE A 86 0.81 7.06 9.77
C ILE A 86 2.02 7.04 8.82
N VAL A 87 1.84 6.74 7.53
CA VAL A 87 2.99 6.66 6.61
C VAL A 87 3.70 8.00 6.45
N THR A 88 2.95 9.11 6.50
CA THR A 88 3.50 10.47 6.44
C THR A 88 4.21 10.85 7.73
N LYS A 89 3.71 10.43 8.90
CA LYS A 89 4.43 10.43 10.18
C LYS A 89 5.76 9.64 10.10
N MET A 90 5.74 8.39 9.63
CA MET A 90 6.95 7.58 9.44
C MET A 90 7.95 8.22 8.47
N LEU A 91 7.48 9.03 7.51
CA LEU A 91 8.33 9.77 6.57
C LEU A 91 9.02 10.95 7.26
N GLU A 92 8.27 11.77 8.00
CA GLU A 92 8.82 12.89 8.78
C GLU A 92 9.82 12.39 9.85
N SER A 93 9.47 11.33 10.57
CA SER A 93 10.28 10.67 11.59
C SER A 93 11.33 9.69 11.04
N GLY A 94 11.44 9.50 9.72
CA GLY A 94 12.44 8.66 9.05
C GLY A 94 12.23 7.13 9.17
N ASP A 95 11.38 6.67 10.09
CA ASP A 95 11.12 5.25 10.37
C ASP A 95 10.65 4.43 9.16
N LEU A 96 10.04 5.07 8.15
CA LEU A 96 9.65 4.41 6.92
C LEU A 96 10.90 3.99 6.11
N LYS A 97 11.91 4.88 6.01
CA LYS A 97 13.20 4.60 5.38
C LYS A 97 14.02 3.57 6.18
N LYS A 98 13.91 3.55 7.51
CA LYS A 98 14.47 2.46 8.34
C LYS A 98 13.88 1.11 7.95
N MET A 99 12.55 0.96 7.90
CA MET A 99 11.95 -0.32 7.53
C MET A 99 12.32 -0.78 6.12
N LEU A 100 12.33 0.13 5.13
CA LEU A 100 12.72 -0.19 3.76
C LEU A 100 14.16 -0.70 3.69
N ARG A 101 15.12 0.01 4.31
CA ARG A 101 16.52 -0.44 4.31
C ARG A 101 16.72 -1.79 5.00
N ASP A 102 16.00 -2.03 6.10
CA ASP A 102 16.08 -3.28 6.87
C ASP A 102 15.50 -4.47 6.10
N LYS A 103 14.45 -4.23 5.31
CA LYS A 103 13.77 -5.24 4.47
C LYS A 103 14.43 -5.44 3.09
N GLY A 104 15.37 -4.58 2.68
CA GLY A 104 16.06 -4.68 1.38
C GLY A 104 15.36 -3.97 0.21
N ILE A 105 14.51 -2.97 0.49
CA ILE A 105 13.56 -2.40 -0.48
C ILE A 105 14.14 -1.18 -1.19
N THR A 106 13.93 -1.11 -2.51
CA THR A 106 14.42 -0.04 -3.40
C THR A 106 13.89 1.34 -2.98
N CYS A 107 14.78 2.28 -2.60
CA CYS A 107 14.37 3.65 -2.29
C CYS A 107 15.49 4.69 -2.53
N ARG A 108 15.19 5.97 -2.31
CA ARG A 108 16.17 7.08 -2.25
C ARG A 108 17.25 6.83 -1.19
N ASP A 109 18.34 7.59 -1.25
CA ASP A 109 19.51 7.46 -0.40
C ASP A 109 19.19 7.55 1.09
N LEU A 110 19.66 6.51 1.79
CA LEU A 110 19.65 6.34 3.25
C LEU A 110 20.83 7.07 3.90
N GLY A 1 -7.81 -13.85 -17.16
CA GLY A 1 -8.90 -14.42 -16.35
C GLY A 1 -9.47 -13.40 -15.40
N ALA A 2 -10.25 -13.85 -14.44
CA ALA A 2 -10.84 -13.05 -13.35
C ALA A 2 -9.81 -12.75 -12.23
N MET A 3 -10.29 -12.25 -11.09
CA MET A 3 -9.50 -12.14 -9.85
C MET A 3 -10.28 -12.67 -8.66
N VAL A 4 -9.62 -13.47 -7.82
CA VAL A 4 -10.15 -14.00 -6.55
C VAL A 4 -9.34 -13.51 -5.34
N LYS A 5 -9.86 -13.71 -4.12
CA LYS A 5 -9.21 -13.27 -2.86
C LYS A 5 -7.80 -13.88 -2.72
N LYS A 6 -7.65 -15.13 -3.19
CA LYS A 6 -6.37 -15.87 -3.31
C LYS A 6 -5.35 -15.19 -4.24
N ASP A 7 -5.77 -14.52 -5.31
CA ASP A 7 -4.85 -13.79 -6.21
C ASP A 7 -4.26 -12.54 -5.53
N ILE A 8 -5.07 -11.86 -4.72
CA ILE A 8 -4.61 -10.72 -3.89
C ILE A 8 -3.67 -11.22 -2.80
N ASP A 9 -4.03 -12.30 -2.10
CA ASP A 9 -3.20 -12.88 -1.03
C ASP A 9 -1.84 -13.38 -1.54
N ASP A 10 -1.79 -13.99 -2.73
CA ASP A 10 -0.54 -14.39 -3.37
C ASP A 10 0.26 -13.20 -3.91
N THR A 11 -0.39 -12.08 -4.24
CA THR A 11 0.29 -10.81 -4.51
C THR A 11 0.90 -10.24 -3.23
N ILE A 12 0.14 -10.22 -2.13
CA ILE A 12 0.57 -9.80 -0.79
C ILE A 12 1.82 -10.57 -0.33
N LYS A 13 1.92 -11.87 -0.65
CA LYS A 13 3.09 -12.72 -0.41
C LYS A 13 4.24 -12.53 -1.41
N SER A 14 3.96 -12.29 -2.69
CA SER A 14 5.01 -12.20 -3.73
C SER A 14 5.70 -10.83 -3.82
N GLU A 15 4.98 -9.76 -3.49
CA GLU A 15 5.47 -8.38 -3.50
C GLU A 15 6.26 -8.06 -2.22
N ASP A 16 6.92 -6.91 -2.17
CA ASP A 16 7.47 -6.33 -0.93
C ASP A 16 6.60 -5.17 -0.42
N VAL A 17 5.88 -4.50 -1.32
CA VAL A 17 5.04 -3.33 -1.05
C VAL A 17 3.69 -3.48 -1.74
N VAL A 18 2.58 -3.41 -0.98
CA VAL A 18 1.21 -3.45 -1.53
C VAL A 18 0.33 -2.36 -0.92
N THR A 19 -0.44 -1.64 -1.73
CA THR A 19 -1.35 -0.57 -1.26
C THR A 19 -2.78 -0.74 -1.80
N PHE A 20 -3.75 -0.31 -1.00
CA PHE A 20 -5.18 -0.36 -1.32
C PHE A 20 -5.74 1.07 -1.36
N ILE A 21 -6.25 1.52 -2.51
CA ILE A 21 -6.66 2.89 -2.78
C ILE A 21 -8.03 3.03 -3.45
N LYS A 22 -8.59 4.25 -3.38
CA LYS A 22 -9.75 4.67 -4.18
C LYS A 22 -9.31 5.13 -5.58
N GLY A 23 -8.89 4.22 -6.47
CA GLY A 23 -8.71 4.49 -7.90
C GLY A 23 -7.56 3.70 -8.55
N LEU A 24 -7.16 4.12 -9.75
CA LEU A 24 -5.86 3.81 -10.33
C LEU A 24 -4.72 4.57 -9.62
N PRO A 25 -3.47 4.12 -9.79
CA PRO A 25 -2.31 4.77 -9.19
C PRO A 25 -1.99 6.11 -9.87
N GLU A 26 -2.06 6.18 -11.20
CA GLU A 26 -1.85 7.41 -11.97
C GLU A 26 -3.06 8.36 -12.00
N ALA A 27 -4.25 7.82 -11.74
CA ALA A 27 -5.53 8.54 -11.78
C ALA A 27 -6.44 8.11 -10.60
N PRO A 28 -6.07 8.47 -9.36
CA PRO A 28 -6.89 8.15 -8.20
C PRO A 28 -8.05 9.14 -8.04
N MET A 29 -9.14 8.60 -7.53
CA MET A 29 -10.40 9.29 -7.27
C MET A 29 -10.41 9.92 -5.86
N CYS A 30 -9.30 9.84 -5.12
CA CYS A 30 -9.15 10.33 -3.75
C CYS A 30 -7.83 11.09 -3.53
N ALA A 31 -7.90 12.17 -2.74
CA ALA A 31 -6.77 13.01 -2.35
C ALA A 31 -5.66 12.22 -1.62
N TYR A 32 -6.04 11.50 -0.57
CA TYR A 32 -5.12 10.69 0.24
C TYR A 32 -4.50 9.54 -0.58
N SER A 33 -5.21 9.05 -1.60
CA SER A 33 -4.63 8.10 -2.56
C SER A 33 -3.53 8.72 -3.42
N LYS A 34 -3.73 9.94 -3.93
CA LYS A 34 -2.67 10.68 -4.66
C LYS A 34 -1.45 10.88 -3.75
N ARG A 35 -1.71 11.22 -2.48
CA ARG A 35 -0.66 11.43 -1.47
C ARG A 35 0.08 10.14 -1.08
N MET A 36 -0.58 8.98 -1.02
CA MET A 36 0.05 7.65 -0.83
C MET A 36 0.96 7.30 -2.00
N ILE A 37 0.46 7.39 -3.23
CA ILE A 37 1.24 7.09 -4.45
C ILE A 37 2.44 8.05 -4.55
N ASP A 38 2.31 9.31 -4.15
CA ASP A 38 3.42 10.25 -4.11
C ASP A 38 4.55 9.84 -3.18
N VAL A 39 4.27 9.28 -1.99
CA VAL A 39 5.29 8.71 -1.07
C VAL A 39 6.03 7.55 -1.74
N LEU A 40 5.28 6.64 -2.37
CA LEU A 40 5.79 5.40 -2.96
C LEU A 40 6.59 5.67 -4.25
N GLU A 41 6.20 6.68 -5.03
CA GLU A 41 6.94 7.16 -6.21
C GLU A 41 8.09 8.12 -5.87
N ALA A 42 7.93 9.01 -4.88
CA ALA A 42 8.95 10.00 -4.56
C ALA A 42 10.20 9.36 -3.92
N LEU A 43 10.03 8.27 -3.16
CA LEU A 43 11.14 7.45 -2.65
C LEU A 43 11.65 6.41 -3.66
N GLY A 44 11.03 6.26 -4.83
CA GLY A 44 11.51 5.40 -5.92
C GLY A 44 11.34 3.90 -5.69
N LEU A 45 10.26 3.48 -5.02
CA LEU A 45 9.99 2.09 -4.65
C LEU A 45 9.33 1.32 -5.80
N GLU A 46 9.13 0.03 -5.62
CA GLU A 46 8.36 -0.85 -6.52
C GLU A 46 7.28 -1.63 -5.76
N TYR A 47 6.03 -1.46 -6.20
CA TYR A 47 4.81 -1.86 -5.48
C TYR A 47 3.74 -2.44 -6.40
N THR A 48 2.67 -2.99 -5.80
CA THR A 48 1.40 -3.26 -6.48
C THR A 48 0.26 -2.50 -5.79
N SER A 49 -0.62 -1.87 -6.57
CA SER A 49 -1.73 -1.04 -6.11
C SER A 49 -3.08 -1.60 -6.57
N PHE A 50 -4.02 -1.73 -5.62
CA PHE A 50 -5.36 -2.28 -5.82
C PHE A 50 -6.47 -1.25 -5.54
N ASP A 51 -7.58 -1.33 -6.29
CA ASP A 51 -8.72 -0.41 -6.19
C ASP A 51 -9.91 -1.01 -5.42
N VAL A 52 -10.29 -0.38 -4.31
CA VAL A 52 -11.44 -0.81 -3.48
C VAL A 52 -12.80 -0.55 -4.13
N LEU A 53 -12.83 0.37 -5.10
CA LEU A 53 -14.04 0.81 -5.82
C LEU A 53 -14.35 -0.01 -7.09
N ALA A 54 -13.39 -0.80 -7.56
CA ALA A 54 -13.49 -1.55 -8.81
C ALA A 54 -13.93 -3.02 -8.63
N HIS A 55 -13.65 -3.58 -7.46
CA HIS A 55 -13.79 -5.01 -7.19
C HIS A 55 -14.09 -5.23 -5.69
N PRO A 56 -15.32 -5.64 -5.33
CA PRO A 56 -15.69 -5.96 -3.95
C PRO A 56 -14.73 -6.93 -3.24
N VAL A 57 -14.14 -7.92 -3.93
CA VAL A 57 -13.08 -8.79 -3.38
C VAL A 57 -11.90 -8.00 -2.80
N VAL A 58 -11.49 -6.88 -3.41
CA VAL A 58 -10.37 -6.05 -2.91
C VAL A 58 -10.70 -5.42 -1.56
N ARG A 59 -11.90 -4.83 -1.40
CA ARG A 59 -12.29 -4.22 -0.11
C ARG A 59 -12.69 -5.25 0.95
N SER A 60 -13.16 -6.41 0.53
CA SER A 60 -13.36 -7.59 1.38
C SER A 60 -12.04 -8.10 1.97
N TYR A 61 -10.95 -8.14 1.18
CA TYR A 61 -9.60 -8.47 1.66
C TYR A 61 -9.17 -7.52 2.79
N VAL A 62 -9.33 -6.21 2.60
CA VAL A 62 -9.01 -5.19 3.62
C VAL A 62 -9.79 -5.42 4.92
N LYS A 63 -11.11 -5.64 4.83
CA LYS A 63 -11.97 -5.77 6.02
C LYS A 63 -11.62 -6.99 6.88
N GLU A 64 -11.07 -8.05 6.27
CA GLU A 64 -10.84 -9.35 6.93
C GLU A 64 -9.36 -9.67 7.21
N VAL A 65 -8.41 -9.03 6.53
CA VAL A 65 -6.96 -9.24 6.70
C VAL A 65 -6.28 -8.07 7.40
N SER A 66 -6.62 -6.82 7.04
CA SER A 66 -6.20 -5.64 7.83
C SER A 66 -6.97 -5.53 9.14
N GLU A 67 -8.26 -5.93 9.13
CA GLU A 67 -9.19 -5.79 10.27
C GLU A 67 -9.26 -4.33 10.77
N TRP A 68 -9.16 -3.38 9.82
CA TRP A 68 -8.91 -1.96 10.06
C TRP A 68 -9.76 -1.06 9.14
N PRO A 69 -10.32 0.07 9.64
CA PRO A 69 -11.30 0.87 8.90
C PRO A 69 -10.69 1.85 7.90
N THR A 70 -9.51 2.40 8.19
CA THR A 70 -8.95 3.57 7.50
C THR A 70 -8.60 3.28 6.04
N ILE A 71 -8.97 4.18 5.12
CA ILE A 71 -8.60 4.15 3.70
C ILE A 71 -7.87 5.44 3.33
N PRO A 72 -6.84 5.41 2.46
CA PRO A 72 -6.17 4.24 1.88
C PRO A 72 -5.19 3.56 2.85
N GLN A 73 -4.67 2.37 2.48
CA GLN A 73 -3.79 1.55 3.32
C GLN A 73 -2.49 1.13 2.64
N LEU A 74 -1.46 0.85 3.44
CA LEU A 74 -0.18 0.26 3.04
C LEU A 74 0.13 -1.04 3.81
N PHE A 75 0.66 -2.03 3.09
CA PHE A 75 1.30 -3.25 3.60
C PHE A 75 2.77 -3.27 3.17
N ILE A 76 3.64 -3.79 4.05
CA ILE A 76 5.06 -4.09 3.75
C ILE A 76 5.32 -5.56 4.13
N LYS A 77 6.01 -6.31 3.28
CA LYS A 77 6.42 -7.72 3.47
C LYS A 77 5.31 -8.62 4.08
N ALA A 78 4.12 -8.61 3.48
CA ALA A 78 2.92 -9.37 3.87
C ALA A 78 2.30 -9.07 5.26
N GLU A 79 2.58 -7.90 5.85
CA GLU A 79 1.91 -7.39 7.07
C GLU A 79 1.46 -5.92 6.95
N PHE A 80 0.42 -5.55 7.70
CA PHE A 80 -0.22 -4.23 7.63
C PHE A 80 0.63 -3.15 8.31
N VAL A 81 0.81 -2.01 7.63
CA VAL A 81 1.68 -0.90 8.06
C VAL A 81 0.89 0.30 8.58
N GLY A 82 -0.20 0.70 7.91
CA GLY A 82 -1.06 1.80 8.35
C GLY A 82 -1.78 2.54 7.21
N GLY A 83 -2.55 3.57 7.58
CA GLY A 83 -3.15 4.53 6.64
C GLY A 83 -2.22 5.67 6.20
N LEU A 84 -2.77 6.63 5.45
CA LEU A 84 -2.01 7.77 4.88
C LEU A 84 -1.38 8.67 5.95
N ASP A 85 -2.08 8.93 7.05
CA ASP A 85 -1.52 9.65 8.20
C ASP A 85 -0.29 8.92 8.77
N ILE A 86 -0.33 7.59 8.83
CA ILE A 86 0.75 6.78 9.41
C ILE A 86 2.02 6.84 8.55
N VAL A 87 1.93 6.60 7.23
CA VAL A 87 3.12 6.57 6.35
C VAL A 87 3.81 7.93 6.31
N THR A 88 3.05 9.01 6.39
CA THR A 88 3.58 10.38 6.44
C THR A 88 4.19 10.71 7.80
N LYS A 89 3.59 10.26 8.91
CA LYS A 89 4.16 10.38 10.27
C LYS A 89 5.49 9.66 10.38
N MET A 90 5.55 8.44 9.85
CA MET A 90 6.76 7.62 9.76
C MET A 90 7.82 8.22 8.81
N LEU A 91 7.43 8.95 7.76
CA LEU A 91 8.36 9.73 6.93
C LEU A 91 8.96 10.92 7.71
N GLU A 92 8.11 11.66 8.42
CA GLU A 92 8.54 12.80 9.25
C GLU A 92 9.44 12.41 10.42
N SER A 93 9.21 11.23 11.01
CA SER A 93 10.06 10.66 12.08
C SER A 93 11.31 9.93 11.57
N GLY A 94 11.35 9.58 10.28
CA GLY A 94 12.40 8.78 9.64
C GLY A 94 12.18 7.26 9.69
N ASP A 95 11.24 6.76 10.50
CA ASP A 95 10.99 5.32 10.69
C ASP A 95 10.57 4.59 9.39
N LEU A 96 9.91 5.29 8.46
CA LEU A 96 9.52 4.77 7.14
C LEU A 96 10.76 4.48 6.29
N LYS A 97 11.67 5.45 6.20
CA LYS A 97 12.98 5.30 5.55
C LYS A 97 13.82 4.23 6.28
N LYS A 98 13.70 4.11 7.61
CA LYS A 98 14.43 3.09 8.37
C LYS A 98 13.95 1.67 8.02
N MET A 99 12.64 1.42 7.97
CA MET A 99 12.12 0.09 7.64
C MET A 99 12.52 -0.39 6.25
N LEU A 100 12.56 0.49 5.25
CA LEU A 100 12.98 0.11 3.88
C LEU A 100 14.42 -0.42 3.88
N ARG A 101 15.36 0.32 4.47
CA ARG A 101 16.78 -0.11 4.55
C ARG A 101 16.98 -1.37 5.39
N ASP A 102 16.17 -1.53 6.44
CA ASP A 102 16.12 -2.73 7.29
C ASP A 102 15.63 -3.98 6.53
N LYS A 103 14.57 -3.81 5.72
CA LYS A 103 13.96 -4.88 4.92
C LYS A 103 14.67 -5.17 3.59
N GLY A 104 15.60 -4.31 3.18
CA GLY A 104 16.30 -4.44 1.90
C GLY A 104 15.56 -3.88 0.68
N ILE A 105 14.59 -2.97 0.85
CA ILE A 105 13.70 -2.51 -0.23
C ILE A 105 14.36 -1.38 -1.05
N THR A 106 14.14 -1.39 -2.37
CA THR A 106 14.64 -0.41 -3.35
C THR A 106 14.15 1.00 -3.04
N CYS A 107 15.05 1.98 -2.93
CA CYS A 107 14.73 3.37 -2.59
C CYS A 107 15.87 4.36 -2.90
N ARG A 108 15.51 5.65 -2.96
CA ARG A 108 16.46 6.78 -2.98
C ARG A 108 17.21 6.94 -1.66
N ASP A 109 18.36 7.61 -1.70
CA ASP A 109 19.36 7.70 -0.63
C ASP A 109 18.76 8.08 0.74
N LEU A 110 19.08 7.20 1.69
CA LEU A 110 18.54 7.13 3.06
C LEU A 110 19.05 8.28 3.94
N GLY A 1 -14.05 -14.67 -16.48
CA GLY A 1 -13.81 -15.18 -15.12
C GLY A 1 -13.64 -14.03 -14.14
N ALA A 2 -13.01 -14.29 -13.00
CA ALA A 2 -12.83 -13.32 -11.92
C ALA A 2 -11.60 -13.57 -11.03
N MET A 3 -11.06 -12.51 -10.46
CA MET A 3 -10.13 -12.53 -9.32
C MET A 3 -10.84 -13.07 -8.06
N VAL A 4 -10.10 -13.76 -7.19
CA VAL A 4 -10.56 -14.22 -5.86
C VAL A 4 -9.65 -13.70 -4.74
N LYS A 5 -10.11 -13.71 -3.48
CA LYS A 5 -9.33 -13.21 -2.33
C LYS A 5 -7.97 -13.92 -2.18
N LYS A 6 -7.90 -15.20 -2.52
CA LYS A 6 -6.67 -16.02 -2.66
C LYS A 6 -5.65 -15.44 -3.64
N ASP A 7 -6.08 -14.76 -4.72
CA ASP A 7 -5.20 -14.10 -5.70
C ASP A 7 -4.53 -12.85 -5.12
N ILE A 8 -5.27 -12.08 -4.31
CA ILE A 8 -4.74 -10.89 -3.63
C ILE A 8 -3.72 -11.31 -2.57
N ASP A 9 -4.02 -12.33 -1.76
CA ASP A 9 -3.11 -12.73 -0.69
C ASP A 9 -1.77 -13.29 -1.25
N ASP A 10 -1.82 -14.03 -2.36
CA ASP A 10 -0.63 -14.46 -3.12
C ASP A 10 0.20 -13.26 -3.61
N THR A 11 -0.47 -12.20 -4.05
CA THR A 11 0.18 -10.94 -4.44
C THR A 11 0.82 -10.24 -3.24
N ILE A 12 0.10 -10.15 -2.11
CA ILE A 12 0.58 -9.60 -0.82
C ILE A 12 1.83 -10.35 -0.34
N LYS A 13 1.90 -11.66 -0.59
CA LYS A 13 3.04 -12.53 -0.29
C LYS A 13 4.20 -12.47 -1.31
N SER A 14 3.97 -12.04 -2.55
CA SER A 14 4.99 -12.03 -3.63
C SER A 14 5.68 -10.68 -3.84
N GLU A 15 4.94 -9.58 -3.69
CA GLU A 15 5.46 -8.21 -3.80
C GLU A 15 6.10 -7.78 -2.47
N ASP A 16 7.00 -6.79 -2.50
CA ASP A 16 7.68 -6.29 -1.31
C ASP A 16 6.93 -5.11 -0.68
N VAL A 17 6.16 -4.39 -1.52
CA VAL A 17 5.33 -3.25 -1.15
C VAL A 17 3.94 -3.42 -1.80
N VAL A 18 2.86 -3.33 -1.02
CA VAL A 18 1.48 -3.39 -1.54
C VAL A 18 0.59 -2.36 -0.88
N THR A 19 -0.26 -1.68 -1.65
CA THR A 19 -1.20 -0.65 -1.14
C THR A 19 -2.61 -0.82 -1.71
N PHE A 20 -3.63 -0.41 -0.95
CA PHE A 20 -5.04 -0.44 -1.33
C PHE A 20 -5.59 1.00 -1.39
N ILE A 21 -6.07 1.45 -2.56
CA ILE A 21 -6.43 2.86 -2.81
C ILE A 21 -7.76 3.03 -3.58
N LYS A 22 -8.35 4.22 -3.47
CA LYS A 22 -9.52 4.70 -4.23
C LYS A 22 -9.09 5.27 -5.59
N GLY A 23 -8.74 4.38 -6.52
CA GLY A 23 -8.60 4.60 -7.97
C GLY A 23 -7.50 3.70 -8.56
N LEU A 24 -7.17 3.87 -9.85
CA LEU A 24 -5.86 3.49 -10.38
C LEU A 24 -4.73 4.33 -9.73
N PRO A 25 -3.48 3.86 -9.72
CA PRO A 25 -2.37 4.57 -9.09
C PRO A 25 -1.91 5.76 -9.94
N GLU A 26 -1.94 5.60 -11.26
CA GLU A 26 -1.73 6.66 -12.26
C GLU A 26 -2.93 7.62 -12.41
N ALA A 27 -4.12 7.17 -12.01
CA ALA A 27 -5.39 7.91 -12.09
C ALA A 27 -6.27 7.70 -10.85
N PRO A 28 -5.86 8.22 -9.67
CA PRO A 28 -6.64 8.07 -8.44
C PRO A 28 -7.88 8.97 -8.46
N MET A 29 -8.91 8.53 -7.73
CA MET A 29 -10.21 9.21 -7.59
C MET A 29 -10.34 9.95 -6.24
N CYS A 30 -9.27 10.02 -5.45
CA CYS A 30 -9.32 10.42 -4.05
C CYS A 30 -7.97 11.05 -3.61
N ALA A 31 -8.00 12.11 -2.80
CA ALA A 31 -6.81 12.91 -2.48
C ALA A 31 -5.77 12.13 -1.65
N TYR A 32 -6.21 11.42 -0.61
CA TYR A 32 -5.34 10.57 0.21
C TYR A 32 -4.76 9.39 -0.59
N SER A 33 -5.46 8.93 -1.63
CA SER A 33 -4.96 7.87 -2.54
C SER A 33 -3.86 8.39 -3.46
N LYS A 34 -4.03 9.59 -4.02
CA LYS A 34 -2.96 10.36 -4.67
C LYS A 34 -1.76 10.55 -3.76
N ARG A 35 -1.98 10.94 -2.49
CA ARG A 35 -0.91 11.14 -1.50
C ARG A 35 -0.17 9.85 -1.11
N MET A 36 -0.85 8.70 -1.02
CA MET A 36 -0.20 7.40 -0.80
C MET A 36 0.76 7.06 -1.96
N ILE A 37 0.28 7.20 -3.20
CA ILE A 37 1.11 7.00 -4.40
C ILE A 37 2.25 8.02 -4.48
N ASP A 38 2.03 9.26 -4.02
CA ASP A 38 3.09 10.27 -3.94
C ASP A 38 4.23 9.88 -2.98
N VAL A 39 3.94 9.31 -1.81
CA VAL A 39 4.94 8.76 -0.86
C VAL A 39 5.78 7.67 -1.53
N LEU A 40 5.10 6.74 -2.22
CA LEU A 40 5.71 5.56 -2.85
C LEU A 40 6.55 5.92 -4.09
N GLU A 41 6.09 6.89 -4.88
CA GLU A 41 6.84 7.44 -6.01
C GLU A 41 7.94 8.42 -5.57
N ALA A 42 7.70 9.26 -4.56
CA ALA A 42 8.66 10.29 -4.11
C ALA A 42 9.86 9.71 -3.32
N LEU A 43 9.77 8.45 -2.89
CA LEU A 43 10.87 7.66 -2.35
C LEU A 43 11.44 6.64 -3.36
N GLY A 44 10.83 6.51 -4.55
CA GLY A 44 11.37 5.71 -5.66
C GLY A 44 11.18 4.20 -5.55
N LEU A 45 10.07 3.72 -4.97
CA LEU A 45 9.84 2.30 -4.69
C LEU A 45 9.18 1.57 -5.87
N GLU A 46 9.27 0.25 -5.82
CA GLU A 46 8.53 -0.73 -6.63
C GLU A 46 7.42 -1.40 -5.78
N TYR A 47 6.17 -1.30 -6.22
CA TYR A 47 4.96 -1.76 -5.49
C TYR A 47 3.92 -2.44 -6.40
N THR A 48 2.88 -3.01 -5.80
CA THR A 48 1.58 -3.25 -6.47
C THR A 48 0.50 -2.42 -5.77
N SER A 49 -0.33 -1.74 -6.55
CA SER A 49 -1.50 -0.98 -6.06
C SER A 49 -2.81 -1.68 -6.45
N PHE A 50 -3.69 -1.81 -5.47
CA PHE A 50 -4.99 -2.45 -5.57
C PHE A 50 -6.13 -1.43 -5.49
N ASP A 51 -7.05 -1.51 -6.45
CA ASP A 51 -8.14 -0.55 -6.59
C ASP A 51 -9.42 -1.08 -5.93
N VAL A 52 -9.93 -0.38 -4.90
CA VAL A 52 -11.10 -0.81 -4.11
C VAL A 52 -12.44 -0.54 -4.79
N LEU A 53 -12.50 0.49 -5.64
CA LEU A 53 -13.73 0.89 -6.35
C LEU A 53 -13.97 0.08 -7.63
N ALA A 54 -12.99 -0.74 -8.02
CA ALA A 54 -13.04 -1.56 -9.23
C ALA A 54 -13.37 -3.05 -8.98
N HIS A 55 -13.36 -3.51 -7.72
CA HIS A 55 -13.57 -4.91 -7.37
C HIS A 55 -13.97 -5.09 -5.89
N PRO A 56 -15.20 -5.57 -5.58
CA PRO A 56 -15.64 -5.82 -4.21
C PRO A 56 -14.75 -6.79 -3.41
N VAL A 57 -14.13 -7.81 -4.02
CA VAL A 57 -13.14 -8.66 -3.32
C VAL A 57 -11.90 -7.84 -2.87
N VAL A 58 -11.50 -6.78 -3.59
CA VAL A 58 -10.38 -5.92 -3.15
C VAL A 58 -10.79 -5.04 -1.95
N ARG A 59 -11.98 -4.42 -1.96
CA ARG A 59 -12.49 -3.68 -0.78
C ARG A 59 -12.87 -4.58 0.39
N SER A 60 -13.11 -5.88 0.13
CA SER A 60 -13.32 -6.93 1.14
C SER A 60 -12.00 -7.39 1.78
N TYR A 61 -10.86 -7.46 1.05
CA TYR A 61 -9.57 -7.83 1.65
C TYR A 61 -9.18 -6.89 2.80
N VAL A 62 -9.34 -5.57 2.64
CA VAL A 62 -9.12 -4.61 3.73
C VAL A 62 -10.15 -4.69 4.86
N LYS A 63 -11.34 -5.26 4.62
CA LYS A 63 -12.37 -5.45 5.64
C LYS A 63 -12.13 -6.74 6.45
N GLU A 64 -11.71 -7.83 5.78
CA GLU A 64 -11.60 -9.18 6.36
C GLU A 64 -10.18 -9.55 6.83
N VAL A 65 -9.13 -8.97 6.24
CA VAL A 65 -7.73 -9.39 6.44
C VAL A 65 -6.87 -8.30 7.10
N SER A 66 -7.07 -7.02 6.73
CA SER A 66 -6.55 -5.91 7.55
C SER A 66 -7.41 -5.70 8.80
N GLU A 67 -8.73 -5.80 8.65
CA GLU A 67 -9.79 -5.49 9.65
C GLU A 67 -9.76 -4.05 10.21
N TRP A 68 -8.78 -3.25 9.80
CA TRP A 68 -8.51 -1.87 10.23
C TRP A 68 -9.45 -0.86 9.52
N PRO A 69 -9.92 0.20 10.20
CA PRO A 69 -10.96 1.08 9.67
C PRO A 69 -10.46 2.10 8.63
N THR A 70 -9.20 2.53 8.73
CA THR A 70 -8.63 3.64 7.94
C THR A 70 -8.36 3.25 6.48
N ILE A 71 -8.64 4.15 5.53
CA ILE A 71 -8.38 3.99 4.08
C ILE A 71 -7.76 5.29 3.52
N PRO A 72 -6.77 5.23 2.61
CA PRO A 72 -6.13 4.05 2.03
C PRO A 72 -5.10 3.39 2.96
N GLN A 73 -4.60 2.20 2.59
CA GLN A 73 -3.75 1.34 3.44
C GLN A 73 -2.43 0.93 2.76
N LEU A 74 -1.40 0.68 3.56
CA LEU A 74 -0.09 0.16 3.15
C LEU A 74 0.27 -1.15 3.87
N PHE A 75 0.92 -2.06 3.14
CA PHE A 75 1.57 -3.29 3.59
C PHE A 75 3.04 -3.32 3.11
N ILE A 76 3.93 -3.84 3.95
CA ILE A 76 5.34 -4.12 3.59
C ILE A 76 5.65 -5.59 3.91
N LYS A 77 6.24 -6.31 2.94
CA LYS A 77 6.69 -7.72 3.06
C LYS A 77 5.62 -8.67 3.69
N ALA A 78 4.34 -8.49 3.34
CA ALA A 78 3.17 -9.24 3.84
C ALA A 78 2.72 -8.98 5.30
N GLU A 79 3.02 -7.80 5.87
CA GLU A 79 2.46 -7.30 7.11
C GLU A 79 1.94 -5.84 6.97
N PHE A 80 0.85 -5.50 7.67
CA PHE A 80 0.21 -4.18 7.62
C PHE A 80 1.08 -3.08 8.28
N VAL A 81 1.04 -1.86 7.72
CA VAL A 81 1.92 -0.74 8.09
C VAL A 81 1.16 0.50 8.57
N GLY A 82 -0.06 0.74 8.09
CA GLY A 82 -0.90 1.87 8.52
C GLY A 82 -1.73 2.48 7.39
N GLY A 83 -2.54 3.48 7.73
CA GLY A 83 -3.21 4.36 6.78
C GLY A 83 -2.35 5.56 6.35
N LEU A 84 -2.91 6.42 5.49
CA LEU A 84 -2.20 7.58 4.92
C LEU A 84 -1.70 8.56 5.99
N ASP A 85 -2.52 8.82 7.01
CA ASP A 85 -2.13 9.66 8.16
C ASP A 85 -0.84 9.18 8.85
N ILE A 86 -0.61 7.86 8.88
CA ILE A 86 0.49 7.23 9.60
C ILE A 86 1.75 7.04 8.75
N VAL A 87 1.65 6.78 7.44
CA VAL A 87 2.85 6.68 6.58
C VAL A 87 3.64 7.99 6.58
N THR A 88 2.95 9.13 6.69
CA THR A 88 3.59 10.44 6.90
C THR A 88 4.20 10.58 8.29
N LYS A 89 3.54 10.12 9.36
CA LYS A 89 4.15 10.10 10.71
C LYS A 89 5.47 9.32 10.69
N MET A 90 5.47 8.13 10.09
CA MET A 90 6.66 7.29 9.97
C MET A 90 7.72 7.87 9.01
N LEU A 91 7.33 8.64 7.99
CA LEU A 91 8.26 9.38 7.11
C LEU A 91 8.98 10.49 7.89
N GLU A 92 8.21 11.38 8.52
CA GLU A 92 8.73 12.53 9.28
C GLU A 92 9.67 12.10 10.40
N SER A 93 9.27 11.08 11.16
CA SER A 93 10.06 10.46 12.23
C SER A 93 11.05 9.37 11.76
N GLY A 94 11.27 9.23 10.45
CA GLY A 94 12.31 8.36 9.85
C GLY A 94 12.02 6.86 9.82
N ASP A 95 11.14 6.33 10.68
CA ASP A 95 10.82 4.90 10.80
C ASP A 95 10.44 4.21 9.47
N LEU A 96 9.77 4.92 8.55
CA LEU A 96 9.40 4.43 7.23
C LEU A 96 10.66 4.22 6.37
N LYS A 97 11.53 5.24 6.35
CA LYS A 97 12.82 5.21 5.67
C LYS A 97 13.75 4.13 6.28
N LYS A 98 13.67 3.92 7.60
CA LYS A 98 14.40 2.84 8.28
C LYS A 98 13.93 1.46 7.81
N MET A 99 12.63 1.21 7.74
CA MET A 99 12.11 -0.12 7.36
C MET A 99 12.54 -0.54 5.95
N LEU A 100 12.66 0.41 5.00
CA LEU A 100 13.09 0.10 3.64
C LEU A 100 14.54 -0.39 3.58
N ARG A 101 15.48 0.34 4.20
CA ARG A 101 16.90 -0.08 4.25
C ARG A 101 17.14 -1.38 5.02
N ASP A 102 16.31 -1.61 6.04
CA ASP A 102 16.27 -2.83 6.84
C ASP A 102 15.74 -4.05 6.06
N LYS A 103 14.73 -3.86 5.20
CA LYS A 103 14.09 -4.92 4.40
C LYS A 103 14.72 -5.11 3.02
N GLY A 104 15.67 -4.25 2.63
CA GLY A 104 16.32 -4.33 1.32
C GLY A 104 15.48 -3.76 0.16
N ILE A 105 14.55 -2.84 0.44
CA ILE A 105 13.62 -2.32 -0.57
C ILE A 105 14.27 -1.14 -1.29
N THR A 106 14.07 -1.06 -2.61
CA THR A 106 14.62 0.00 -3.46
C THR A 106 14.09 1.37 -3.04
N CYS A 107 14.98 2.31 -2.68
CA CYS A 107 14.58 3.67 -2.29
C CYS A 107 15.71 4.68 -2.49
N ARG A 108 15.33 5.94 -2.68
CA ARG A 108 16.22 7.09 -2.91
C ARG A 108 17.18 7.34 -1.76
N ASP A 109 18.32 7.95 -2.08
CA ASP A 109 19.55 8.00 -1.31
C ASP A 109 19.30 8.29 0.19
N LEU A 110 19.52 7.26 1.03
CA LEU A 110 19.13 7.20 2.44
C LEU A 110 19.99 8.10 3.32
N GLY A 1 -14.25 -17.41 -13.57
CA GLY A 1 -13.12 -16.49 -13.67
C GLY A 1 -13.15 -15.47 -12.54
N ALA A 2 -12.80 -14.23 -12.83
CA ALA A 2 -12.58 -13.14 -11.88
C ALA A 2 -11.40 -13.33 -10.90
N MET A 3 -10.93 -12.22 -10.33
CA MET A 3 -10.02 -12.17 -9.19
C MET A 3 -10.70 -12.78 -7.95
N VAL A 4 -10.02 -13.71 -7.28
CA VAL A 4 -10.47 -14.31 -6.01
C VAL A 4 -9.58 -13.89 -4.84
N LYS A 5 -10.03 -14.10 -3.60
CA LYS A 5 -9.34 -13.60 -2.38
C LYS A 5 -7.88 -14.09 -2.29
N LYS A 6 -7.60 -15.31 -2.74
CA LYS A 6 -6.26 -15.90 -2.88
C LYS A 6 -5.35 -15.15 -3.87
N ASP A 7 -5.89 -14.54 -4.93
CA ASP A 7 -5.10 -13.74 -5.89
C ASP A 7 -4.51 -12.49 -5.23
N ILE A 8 -5.25 -11.86 -4.31
CA ILE A 8 -4.75 -10.74 -3.51
C ILE A 8 -3.75 -11.25 -2.47
N ASP A 9 -4.10 -12.29 -1.71
CA ASP A 9 -3.23 -12.77 -0.62
C ASP A 9 -1.87 -13.31 -1.11
N ASP A 10 -1.84 -14.01 -2.25
CA ASP A 10 -0.61 -14.47 -2.87
C ASP A 10 0.22 -13.30 -3.42
N THR A 11 -0.42 -12.24 -3.92
CA THR A 11 0.27 -11.00 -4.33
C THR A 11 0.86 -10.28 -3.12
N ILE A 12 0.12 -10.20 -2.01
CA ILE A 12 0.58 -9.67 -0.72
C ILE A 12 1.85 -10.39 -0.22
N LYS A 13 1.90 -11.72 -0.40
CA LYS A 13 3.04 -12.59 -0.10
C LYS A 13 4.18 -12.57 -1.12
N SER A 14 3.92 -12.11 -2.35
CA SER A 14 4.88 -12.08 -3.47
C SER A 14 5.64 -10.74 -3.59
N GLU A 15 4.95 -9.62 -3.37
CA GLU A 15 5.47 -8.25 -3.52
C GLU A 15 6.28 -7.81 -2.29
N ASP A 16 7.00 -6.70 -2.40
CA ASP A 16 7.66 -6.06 -1.25
C ASP A 16 6.77 -4.96 -0.66
N VAL A 17 5.96 -4.32 -1.50
CA VAL A 17 5.09 -3.19 -1.14
C VAL A 17 3.73 -3.34 -1.80
N VAL A 18 2.66 -3.28 -1.01
CA VAL A 18 1.27 -3.31 -1.50
C VAL A 18 0.45 -2.21 -0.83
N THR A 19 -0.46 -1.58 -1.58
CA THR A 19 -1.37 -0.57 -1.06
C THR A 19 -2.79 -0.77 -1.59
N PHE A 20 -3.77 -0.40 -0.76
CA PHE A 20 -5.19 -0.39 -1.12
C PHE A 20 -5.68 1.06 -1.13
N ILE A 21 -6.12 1.55 -2.29
CA ILE A 21 -6.43 2.96 -2.54
C ILE A 21 -7.80 3.15 -3.21
N LYS A 22 -8.16 4.41 -3.45
CA LYS A 22 -9.41 4.82 -4.08
C LYS A 22 -9.14 5.31 -5.52
N GLY A 23 -8.76 4.39 -6.41
CA GLY A 23 -8.61 4.61 -7.85
C GLY A 23 -7.46 3.77 -8.45
N LEU A 24 -7.05 4.06 -9.69
CA LEU A 24 -5.73 3.73 -10.20
C LEU A 24 -4.62 4.51 -9.49
N PRO A 25 -3.35 4.07 -9.56
CA PRO A 25 -2.23 4.77 -8.92
C PRO A 25 -1.79 6.00 -9.75
N GLU A 26 -1.84 5.90 -11.08
CA GLU A 26 -1.66 7.03 -12.02
C GLU A 26 -2.89 7.95 -12.12
N ALA A 27 -4.05 7.47 -11.69
CA ALA A 27 -5.34 8.18 -11.72
C ALA A 27 -6.22 7.86 -10.50
N PRO A 28 -5.83 8.32 -9.30
CA PRO A 28 -6.66 8.15 -8.11
C PRO A 28 -7.87 9.07 -8.19
N MET A 29 -8.96 8.62 -7.59
CA MET A 29 -10.22 9.33 -7.44
C MET A 29 -10.26 10.15 -6.12
N CYS A 30 -9.10 10.32 -5.47
CA CYS A 30 -8.98 10.97 -4.17
C CYS A 30 -7.60 11.59 -3.90
N ALA A 31 -7.59 12.76 -3.25
CA ALA A 31 -6.39 13.50 -2.82
C ALA A 31 -5.46 12.67 -1.92
N TYR A 32 -6.01 11.96 -0.93
CA TYR A 32 -5.23 11.13 -0.01
C TYR A 32 -4.59 9.94 -0.73
N SER A 33 -5.26 9.38 -1.75
CA SER A 33 -4.69 8.32 -2.58
C SER A 33 -3.54 8.86 -3.47
N LYS A 34 -3.67 10.07 -4.03
CA LYS A 34 -2.56 10.80 -4.68
C LYS A 34 -1.37 10.99 -3.74
N ARG A 35 -1.62 11.45 -2.51
CA ARG A 35 -0.58 11.68 -1.49
C ARG A 35 0.12 10.38 -1.05
N MET A 36 -0.60 9.26 -0.97
CA MET A 36 -0.05 7.91 -0.71
C MET A 36 0.92 7.48 -1.81
N ILE A 37 0.49 7.59 -3.07
CA ILE A 37 1.31 7.25 -4.24
C ILE A 37 2.54 8.15 -4.34
N ASP A 38 2.45 9.43 -3.96
CA ASP A 38 3.60 10.34 -3.92
C ASP A 38 4.67 9.95 -2.89
N VAL A 39 4.32 9.30 -1.78
CA VAL A 39 5.30 8.70 -0.85
C VAL A 39 6.07 7.57 -1.55
N LEU A 40 5.33 6.70 -2.25
CA LEU A 40 5.83 5.51 -2.92
C LEU A 40 6.66 5.84 -4.17
N GLU A 41 6.28 6.90 -4.91
CA GLU A 41 6.99 7.39 -6.08
C GLU A 41 8.13 8.35 -5.75
N ALA A 42 8.00 9.22 -4.74
CA ALA A 42 9.07 10.17 -4.41
C ALA A 42 10.32 9.44 -3.84
N LEU A 43 10.09 8.39 -3.04
CA LEU A 43 11.15 7.52 -2.51
C LEU A 43 11.70 6.52 -3.56
N GLY A 44 11.12 6.46 -4.76
CA GLY A 44 11.61 5.66 -5.89
C GLY A 44 11.44 4.14 -5.74
N LEU A 45 10.34 3.69 -5.12
CA LEU A 45 10.06 2.28 -4.84
C LEU A 45 9.38 1.60 -6.05
N GLU A 46 9.16 0.29 -5.93
CA GLU A 46 8.31 -0.53 -6.79
C GLU A 46 7.23 -1.25 -5.96
N TYR A 47 5.97 -1.17 -6.40
CA TYR A 47 4.78 -1.58 -5.63
C TYR A 47 3.63 -2.13 -6.50
N THR A 48 2.65 -2.77 -5.86
CA THR A 48 1.32 -3.06 -6.42
C THR A 48 0.26 -2.21 -5.70
N SER A 49 -0.69 -1.68 -6.46
CA SER A 49 -1.78 -0.85 -5.95
C SER A 49 -3.14 -1.44 -6.35
N PHE A 50 -3.99 -1.71 -5.37
CA PHE A 50 -5.32 -2.31 -5.50
C PHE A 50 -6.43 -1.30 -5.22
N ASP A 51 -7.55 -1.42 -5.92
CA ASP A 51 -8.68 -0.49 -5.84
C ASP A 51 -9.97 -1.12 -5.28
N VAL A 52 -10.45 -0.59 -4.15
CA VAL A 52 -11.69 -1.03 -3.46
C VAL A 52 -12.97 -0.65 -4.19
N LEU A 53 -12.84 0.23 -5.18
CA LEU A 53 -13.93 0.68 -6.06
C LEU A 53 -14.11 -0.19 -7.31
N ALA A 54 -13.15 -1.07 -7.61
CA ALA A 54 -13.15 -1.84 -8.85
C ALA A 54 -13.56 -3.31 -8.70
N HIS A 55 -13.53 -3.88 -7.49
CA HIS A 55 -13.89 -5.27 -7.24
C HIS A 55 -14.28 -5.50 -5.77
N PRO A 56 -15.39 -6.23 -5.48
CA PRO A 56 -15.85 -6.51 -4.11
C PRO A 56 -14.86 -7.36 -3.30
N VAL A 57 -14.07 -8.20 -3.96
CA VAL A 57 -12.99 -8.98 -3.31
C VAL A 57 -11.90 -8.05 -2.74
N VAL A 58 -11.62 -6.91 -3.38
CA VAL A 58 -10.60 -5.96 -2.90
C VAL A 58 -11.08 -5.22 -1.64
N ARG A 59 -12.32 -4.71 -1.63
CA ARG A 59 -12.90 -4.06 -0.43
C ARG A 59 -13.15 -5.06 0.73
N SER A 60 -13.36 -6.34 0.42
CA SER A 60 -13.45 -7.42 1.41
C SER A 60 -12.09 -7.80 2.00
N TYR A 61 -11.02 -7.90 1.20
CA TYR A 61 -9.72 -8.37 1.69
C TYR A 61 -9.16 -7.51 2.85
N VAL A 62 -9.27 -6.19 2.77
CA VAL A 62 -8.91 -5.27 3.87
C VAL A 62 -9.81 -5.43 5.10
N LYS A 63 -11.04 -5.90 4.96
CA LYS A 63 -11.96 -6.18 6.07
C LYS A 63 -11.56 -7.48 6.81
N GLU A 64 -10.78 -8.36 6.17
CA GLU A 64 -10.40 -9.67 6.73
C GLU A 64 -8.92 -9.86 7.12
N VAL A 65 -7.95 -9.27 6.40
CA VAL A 65 -6.51 -9.58 6.61
C VAL A 65 -5.73 -8.47 7.33
N SER A 66 -5.99 -7.19 7.05
CA SER A 66 -5.69 -6.09 7.98
C SER A 66 -6.83 -5.86 8.98
N GLU A 67 -8.06 -6.18 8.56
CA GLU A 67 -9.32 -5.88 9.26
C GLU A 67 -9.53 -4.38 9.50
N TRP A 68 -8.84 -3.53 8.74
CA TRP A 68 -8.73 -2.09 8.98
C TRP A 68 -9.65 -1.25 8.07
N PRO A 69 -10.39 -0.26 8.62
CA PRO A 69 -11.41 0.48 7.87
C PRO A 69 -10.86 1.57 6.93
N THR A 70 -9.72 2.20 7.27
CA THR A 70 -9.22 3.38 6.58
C THR A 70 -8.78 3.09 5.14
N ILE A 71 -9.14 3.99 4.22
CA ILE A 71 -8.57 4.11 2.88
C ILE A 71 -7.88 5.49 2.76
N PRO A 72 -6.72 5.58 2.07
CA PRO A 72 -5.90 4.47 1.60
C PRO A 72 -5.14 3.79 2.76
N GLN A 73 -4.68 2.55 2.57
CA GLN A 73 -3.86 1.83 3.55
C GLN A 73 -2.65 1.10 2.92
N LEU A 74 -1.63 0.81 3.74
CA LEU A 74 -0.30 0.36 3.33
C LEU A 74 0.08 -0.99 3.98
N PHE A 75 0.75 -1.84 3.20
CA PHE A 75 1.38 -3.09 3.60
C PHE A 75 2.85 -3.14 3.13
N ILE A 76 3.76 -3.59 4.01
CA ILE A 76 5.19 -3.80 3.69
C ILE A 76 5.55 -5.26 4.00
N LYS A 77 6.11 -5.97 3.01
CA LYS A 77 6.50 -7.39 3.08
C LYS A 77 5.42 -8.26 3.79
N ALA A 78 4.19 -8.22 3.29
CA ALA A 78 3.01 -8.91 3.82
C ALA A 78 2.48 -8.54 5.22
N GLU A 79 3.02 -7.51 5.88
CA GLU A 79 2.49 -6.99 7.15
C GLU A 79 1.75 -5.65 6.93
N PHE A 80 0.69 -5.41 7.70
CA PHE A 80 -0.11 -4.17 7.64
C PHE A 80 0.53 -3.07 8.50
N VAL A 81 0.62 -1.86 7.94
CA VAL A 81 1.30 -0.70 8.55
C VAL A 81 0.30 0.33 9.08
N GLY A 82 -0.60 0.82 8.24
CA GLY A 82 -1.56 1.88 8.61
C GLY A 82 -2.10 2.67 7.42
N GLY A 83 -2.77 3.79 7.71
CA GLY A 83 -3.31 4.74 6.72
C GLY A 83 -2.32 5.81 6.24
N LEU A 84 -2.83 6.83 5.53
CA LEU A 84 -2.04 7.93 4.96
C LEU A 84 -1.43 8.84 6.05
N ASP A 85 -2.16 9.03 7.15
CA ASP A 85 -1.66 9.65 8.38
C ASP A 85 -0.44 8.92 8.95
N ILE A 86 -0.47 7.58 8.94
CA ILE A 86 0.60 6.73 9.49
C ILE A 86 1.86 6.76 8.64
N VAL A 87 1.77 6.55 7.31
CA VAL A 87 2.97 6.57 6.45
C VAL A 87 3.69 7.91 6.50
N THR A 88 2.94 9.01 6.61
CA THR A 88 3.50 10.36 6.77
C THR A 88 4.11 10.56 8.16
N LYS A 89 3.44 10.14 9.25
CA LYS A 89 4.03 10.10 10.60
C LYS A 89 5.37 9.36 10.63
N MET A 90 5.43 8.21 9.96
CA MET A 90 6.63 7.37 9.84
C MET A 90 7.69 7.94 8.87
N LEU A 91 7.31 8.74 7.87
CA LEU A 91 8.25 9.49 7.02
C LEU A 91 8.95 10.59 7.84
N GLU A 92 8.17 11.36 8.59
CA GLU A 92 8.67 12.49 9.38
C GLU A 92 9.57 12.09 10.57
N SER A 93 9.37 10.89 11.12
CA SER A 93 10.29 10.22 12.06
C SER A 93 11.44 9.46 11.37
N GLY A 94 11.31 9.20 10.07
CA GLY A 94 12.23 8.40 9.24
C GLY A 94 12.11 6.89 9.41
N ASP A 95 11.16 6.39 10.21
CA ASP A 95 10.94 4.95 10.43
C ASP A 95 10.47 4.22 9.16
N LEU A 96 9.71 4.91 8.30
CA LEU A 96 9.24 4.42 7.00
C LEU A 96 10.42 4.10 6.08
N LYS A 97 11.39 5.02 6.02
CA LYS A 97 12.65 4.84 5.31
C LYS A 97 13.53 3.77 5.98
N LYS A 98 13.52 3.67 7.32
CA LYS A 98 14.29 2.65 8.04
C LYS A 98 13.80 1.23 7.72
N MET A 99 12.49 0.97 7.66
CA MET A 99 11.97 -0.35 7.34
C MET A 99 12.39 -0.85 5.94
N LEU A 100 12.43 0.05 4.95
CA LEU A 100 12.84 -0.29 3.58
C LEU A 100 14.31 -0.71 3.53
N ARG A 101 15.22 0.09 4.13
CA ARG A 101 16.65 -0.27 4.19
C ARG A 101 16.90 -1.57 4.94
N ASP A 102 16.13 -1.82 6.01
CA ASP A 102 16.23 -3.06 6.81
C ASP A 102 15.84 -4.29 5.99
N LYS A 103 14.74 -4.18 5.23
CA LYS A 103 14.25 -5.25 4.34
C LYS A 103 15.02 -5.36 3.02
N GLY A 104 15.89 -4.40 2.71
CA GLY A 104 16.69 -4.39 1.48
C GLY A 104 15.97 -3.85 0.24
N ILE A 105 14.91 -3.05 0.41
CA ILE A 105 14.04 -2.59 -0.68
C ILE A 105 14.66 -1.40 -1.43
N THR A 106 14.38 -1.31 -2.73
CA THR A 106 14.78 -0.21 -3.62
C THR A 106 14.26 1.14 -3.11
N CYS A 107 15.15 2.05 -2.67
CA CYS A 107 14.75 3.40 -2.25
C CYS A 107 15.88 4.45 -2.38
N ARG A 108 15.47 5.71 -2.53
CA ARG A 108 16.28 6.93 -2.58
C ARG A 108 16.69 7.44 -1.19
N ASP A 109 17.62 8.40 -1.19
CA ASP A 109 18.70 8.60 -0.21
C ASP A 109 18.39 8.39 1.30
N LEU A 110 19.13 7.42 1.86
CA LEU A 110 19.22 7.01 3.26
C LEU A 110 20.52 7.50 3.94
N GLY A 1 -10.84 -16.48 -15.14
CA GLY A 1 -11.52 -15.17 -15.21
C GLY A 1 -11.96 -14.73 -13.83
N ALA A 2 -12.21 -13.42 -13.71
CA ALA A 2 -12.40 -12.66 -12.47
C ALA A 2 -11.20 -12.73 -11.50
N MET A 3 -11.13 -11.78 -10.56
CA MET A 3 -10.24 -11.88 -9.40
C MET A 3 -10.89 -12.76 -8.32
N VAL A 4 -10.10 -13.60 -7.65
CA VAL A 4 -10.52 -14.35 -6.45
C VAL A 4 -9.75 -13.89 -5.22
N LYS A 5 -10.30 -14.03 -4.01
CA LYS A 5 -9.68 -13.51 -2.77
C LYS A 5 -8.26 -14.05 -2.55
N LYS A 6 -8.00 -15.28 -2.97
CA LYS A 6 -6.67 -15.92 -2.99
C LYS A 6 -5.63 -15.21 -3.88
N ASP A 7 -6.04 -14.55 -4.98
CA ASP A 7 -5.13 -13.79 -5.86
C ASP A 7 -4.43 -12.66 -5.08
N ILE A 8 -5.19 -11.93 -4.25
CA ILE A 8 -4.68 -10.83 -3.41
C ILE A 8 -3.84 -11.37 -2.25
N ASP A 9 -4.29 -12.46 -1.63
CA ASP A 9 -3.60 -13.08 -0.49
C ASP A 9 -2.25 -13.69 -0.86
N ASP A 10 -2.08 -14.15 -2.11
CA ASP A 10 -0.76 -14.48 -2.68
C ASP A 10 0.01 -13.23 -3.11
N THR A 11 -0.64 -12.17 -3.63
CA THR A 11 0.05 -10.93 -4.01
C THR A 11 0.76 -10.28 -2.81
N ILE A 12 0.11 -10.17 -1.64
CA ILE A 12 0.74 -9.58 -0.44
C ILE A 12 1.91 -10.42 0.08
N LYS A 13 1.88 -11.74 -0.11
CA LYS A 13 2.96 -12.67 0.26
C LYS A 13 4.12 -12.70 -0.77
N SER A 14 3.92 -12.21 -1.99
CA SER A 14 4.91 -12.23 -3.09
C SER A 14 5.59 -10.88 -3.33
N GLU A 15 4.84 -9.77 -3.26
CA GLU A 15 5.33 -8.39 -3.47
C GLU A 15 5.90 -7.78 -2.19
N ASP A 16 6.87 -6.86 -2.30
CA ASP A 16 7.55 -6.27 -1.12
C ASP A 16 6.77 -5.10 -0.54
N VAL A 17 5.94 -4.46 -1.36
CA VAL A 17 5.14 -3.28 -1.01
C VAL A 17 3.78 -3.41 -1.69
N VAL A 18 2.69 -3.32 -0.91
CA VAL A 18 1.32 -3.37 -1.42
C VAL A 18 0.47 -2.27 -0.77
N THR A 19 -0.38 -1.61 -1.54
CA THR A 19 -1.30 -0.57 -1.04
C THR A 19 -2.71 -0.72 -1.62
N PHE A 20 -3.72 -0.39 -0.81
CA PHE A 20 -5.15 -0.36 -1.20
C PHE A 20 -5.63 1.09 -1.21
N ILE A 21 -6.15 1.54 -2.36
CA ILE A 21 -6.61 2.91 -2.59
C ILE A 21 -7.99 2.97 -3.26
N LYS A 22 -8.63 4.15 -3.14
CA LYS A 22 -9.78 4.57 -3.96
C LYS A 22 -9.25 5.06 -5.33
N GLY A 23 -8.86 4.16 -6.23
CA GLY A 23 -8.62 4.48 -7.66
C GLY A 23 -7.45 3.71 -8.26
N LEU A 24 -7.06 4.05 -9.49
CA LEU A 24 -5.75 3.79 -10.07
C LEU A 24 -4.66 4.65 -9.39
N PRO A 25 -3.38 4.27 -9.49
CA PRO A 25 -2.29 5.03 -8.86
C PRO A 25 -1.91 6.28 -9.67
N GLU A 26 -2.08 6.24 -10.99
CA GLU A 26 -1.93 7.40 -11.89
C GLU A 26 -3.18 8.31 -11.97
N ALA A 27 -4.35 7.74 -11.70
CA ALA A 27 -5.64 8.43 -11.73
C ALA A 27 -6.50 8.03 -10.53
N PRO A 28 -6.09 8.40 -9.30
CA PRO A 28 -6.86 8.05 -8.12
C PRO A 28 -8.10 8.91 -8.03
N MET A 29 -9.12 8.35 -7.39
CA MET A 29 -10.42 8.96 -7.17
C MET A 29 -10.47 9.71 -5.82
N CYS A 30 -9.35 9.76 -5.09
CA CYS A 30 -9.23 10.31 -3.73
C CYS A 30 -7.93 11.11 -3.52
N ALA A 31 -8.02 12.22 -2.79
CA ALA A 31 -6.90 13.08 -2.42
C ALA A 31 -5.83 12.35 -1.57
N TYR A 32 -6.26 11.55 -0.58
CA TYR A 32 -5.36 10.77 0.28
C TYR A 32 -4.66 9.64 -0.49
N SER A 33 -5.29 9.15 -1.56
CA SER A 33 -4.65 8.18 -2.47
C SER A 33 -3.47 8.81 -3.23
N LYS A 34 -3.62 10.02 -3.80
CA LYS A 34 -2.49 10.78 -4.39
C LYS A 34 -1.32 10.82 -3.42
N ARG A 35 -1.59 11.20 -2.17
CA ARG A 35 -0.58 11.33 -1.13
C ARG A 35 0.10 10.00 -0.75
N MET A 36 -0.62 8.87 -0.72
CA MET A 36 0.00 7.54 -0.56
C MET A 36 0.98 7.26 -1.71
N ILE A 37 0.56 7.49 -2.96
CA ILE A 37 1.40 7.26 -4.14
C ILE A 37 2.60 8.20 -4.18
N ASP A 38 2.50 9.44 -3.72
CA ASP A 38 3.62 10.39 -3.60
C ASP A 38 4.68 9.98 -2.57
N VAL A 39 4.32 9.27 -1.52
CA VAL A 39 5.30 8.65 -0.58
C VAL A 39 6.12 7.58 -1.30
N LEU A 40 5.43 6.77 -2.11
CA LEU A 40 6.01 5.62 -2.82
C LEU A 40 6.81 6.03 -4.07
N GLU A 41 6.37 7.07 -4.80
CA GLU A 41 7.08 7.66 -5.94
C GLU A 41 8.22 8.61 -5.49
N ALA A 42 8.03 9.41 -4.43
CA ALA A 42 9.10 10.31 -3.99
C ALA A 42 10.33 9.55 -3.47
N LEU A 43 10.16 8.30 -3.00
CA LEU A 43 11.26 7.40 -2.62
C LEU A 43 11.67 6.40 -3.72
N GLY A 44 10.98 6.37 -4.86
CA GLY A 44 11.36 5.56 -6.03
C GLY A 44 11.20 4.04 -5.85
N LEU A 45 10.13 3.61 -5.18
CA LEU A 45 9.85 2.22 -4.83
C LEU A 45 9.09 1.49 -5.94
N GLU A 46 9.29 0.18 -6.01
CA GLU A 46 8.48 -0.77 -6.75
C GLU A 46 7.39 -1.36 -5.83
N TYR A 47 6.13 -1.25 -6.23
CA TYR A 47 4.96 -1.68 -5.44
C TYR A 47 3.78 -2.13 -6.32
N THR A 48 2.81 -2.80 -5.69
CA THR A 48 1.51 -3.12 -6.28
C THR A 48 0.41 -2.28 -5.61
N SER A 49 -0.46 -1.70 -6.43
CA SER A 49 -1.58 -0.86 -6.00
C SER A 49 -2.92 -1.46 -6.46
N PHE A 50 -3.84 -1.63 -5.52
CA PHE A 50 -5.19 -2.16 -5.75
C PHE A 50 -6.24 -1.06 -5.61
N ASP A 51 -7.11 -0.94 -6.62
CA ASP A 51 -8.32 -0.11 -6.56
C ASP A 51 -9.46 -0.92 -5.91
N VAL A 52 -10.02 -0.42 -4.80
CA VAL A 52 -11.20 -1.04 -4.13
C VAL A 52 -12.49 -0.90 -4.94
N LEU A 53 -12.51 0.03 -5.89
CA LEU A 53 -13.66 0.32 -6.76
C LEU A 53 -13.63 -0.48 -8.07
N ALA A 54 -12.56 -1.23 -8.33
CA ALA A 54 -12.39 -2.00 -9.58
C ALA A 54 -12.89 -3.45 -9.50
N HIS A 55 -13.05 -4.02 -8.30
CA HIS A 55 -13.47 -5.40 -8.09
C HIS A 55 -13.98 -5.57 -6.64
N PRO A 56 -15.22 -6.03 -6.41
CA PRO A 56 -15.78 -6.28 -5.08
C PRO A 56 -14.88 -7.16 -4.18
N VAL A 57 -14.23 -8.19 -4.74
CA VAL A 57 -13.23 -9.01 -4.02
C VAL A 57 -12.10 -8.19 -3.37
N VAL A 58 -11.65 -7.07 -3.96
CA VAL A 58 -10.61 -6.23 -3.35
C VAL A 58 -11.09 -5.61 -2.03
N ARG A 59 -12.29 -5.02 -2.00
CA ARG A 59 -12.85 -4.43 -0.76
C ARG A 59 -13.41 -5.48 0.21
N SER A 60 -13.73 -6.68 -0.28
CA SER A 60 -13.95 -7.87 0.56
C SER A 60 -12.68 -8.26 1.32
N TYR A 61 -11.51 -8.31 0.65
CA TYR A 61 -10.22 -8.55 1.30
C TYR A 61 -9.91 -7.47 2.35
N VAL A 62 -10.16 -6.19 2.05
CA VAL A 62 -9.99 -5.11 3.03
C VAL A 62 -10.91 -5.28 4.25
N LYS A 63 -12.19 -5.60 4.04
CA LYS A 63 -13.17 -5.77 5.13
C LYS A 63 -12.84 -6.95 6.05
N GLU A 64 -12.46 -8.10 5.47
CA GLU A 64 -12.38 -9.39 6.16
C GLU A 64 -10.96 -9.85 6.51
N VAL A 65 -9.92 -9.26 5.90
CA VAL A 65 -8.50 -9.62 6.10
C VAL A 65 -7.66 -8.40 6.54
N SER A 66 -7.74 -7.28 5.83
CA SER A 66 -7.07 -6.01 6.20
C SER A 66 -7.90 -5.18 7.18
N GLU A 67 -8.30 -5.84 8.28
CA GLU A 67 -9.34 -5.46 9.24
C GLU A 67 -9.10 -4.13 10.00
N TRP A 68 -7.97 -3.45 9.78
CA TRP A 68 -7.76 -2.06 10.23
C TRP A 68 -8.85 -1.14 9.65
N PRO A 69 -9.44 -0.21 10.43
CA PRO A 69 -10.60 0.58 10.02
C PRO A 69 -10.29 1.61 8.92
N THR A 70 -9.11 2.22 8.92
CA THR A 70 -8.76 3.34 8.02
C THR A 70 -8.46 2.88 6.59
N ILE A 71 -8.88 3.66 5.58
CA ILE A 71 -8.44 3.61 4.18
C ILE A 71 -7.94 5.01 3.75
N PRO A 72 -6.94 5.12 2.84
CA PRO A 72 -6.12 4.04 2.25
C PRO A 72 -5.09 3.43 3.20
N GLN A 73 -4.55 2.26 2.84
CA GLN A 73 -3.62 1.45 3.66
C GLN A 73 -2.32 1.09 2.93
N LEU A 74 -1.27 0.80 3.70
CA LEU A 74 0.03 0.29 3.25
C LEU A 74 0.43 -1.03 3.95
N PHE A 75 1.06 -1.93 3.20
CA PHE A 75 1.72 -3.16 3.63
C PHE A 75 3.16 -3.22 3.09
N ILE A 76 4.12 -3.71 3.89
CA ILE A 76 5.51 -3.98 3.49
C ILE A 76 5.97 -5.35 4.00
N LYS A 77 6.55 -6.17 3.11
CA LYS A 77 6.99 -7.57 3.34
C LYS A 77 5.94 -8.41 4.12
N ALA A 78 4.69 -8.37 3.64
CA ALA A 78 3.53 -9.08 4.18
C ALA A 78 3.13 -8.69 5.63
N GLU A 79 3.54 -7.52 6.11
CA GLU A 79 3.05 -6.88 7.33
C GLU A 79 2.25 -5.62 7.03
N PHE A 80 1.16 -5.40 7.77
CA PHE A 80 0.43 -4.13 7.74
C PHE A 80 1.28 -3.02 8.39
N VAL A 81 1.32 -1.84 7.75
CA VAL A 81 2.20 -0.72 8.11
C VAL A 81 1.42 0.43 8.75
N GLY A 82 0.29 0.83 8.17
CA GLY A 82 -0.55 1.91 8.67
C GLY A 82 -1.48 2.50 7.60
N GLY A 83 -2.30 3.48 8.00
CA GLY A 83 -3.00 4.38 7.08
C GLY A 83 -2.19 5.62 6.70
N LEU A 84 -2.80 6.52 5.91
CA LEU A 84 -2.11 7.67 5.28
C LEU A 84 -1.51 8.66 6.30
N ASP A 85 -2.19 8.90 7.42
CA ASP A 85 -1.67 9.71 8.52
C ASP A 85 -0.38 9.11 9.10
N ILE A 86 -0.34 7.79 9.27
CA ILE A 86 0.80 7.08 9.88
C ILE A 86 2.00 7.03 8.95
N VAL A 87 1.83 6.68 7.67
CA VAL A 87 2.97 6.58 6.72
C VAL A 87 3.69 7.92 6.55
N THR A 88 2.95 9.02 6.55
CA THR A 88 3.52 10.38 6.47
C THR A 88 4.16 10.80 7.79
N LYS A 89 3.58 10.47 8.94
CA LYS A 89 4.21 10.64 10.27
C LYS A 89 5.54 9.89 10.40
N MET A 90 5.58 8.64 9.95
CA MET A 90 6.79 7.81 9.90
C MET A 90 7.83 8.32 8.88
N LEU A 91 7.42 8.97 7.78
CA LEU A 91 8.32 9.64 6.84
C LEU A 91 8.95 10.89 7.47
N GLU A 92 8.09 11.77 8.02
CA GLU A 92 8.47 12.97 8.78
C GLU A 92 9.49 12.68 9.90
N SER A 93 9.30 11.53 10.55
CA SER A 93 10.09 11.00 11.66
C SER A 93 11.15 9.95 11.25
N GLY A 94 11.44 9.81 9.96
CA GLY A 94 12.51 8.96 9.38
C GLY A 94 12.28 7.44 9.41
N ASP A 95 11.44 6.92 10.30
CA ASP A 95 11.26 5.49 10.53
C ASP A 95 10.75 4.71 9.30
N LEU A 96 10.00 5.36 8.41
CA LEU A 96 9.53 4.80 7.14
C LEU A 96 10.70 4.55 6.18
N LYS A 97 11.57 5.56 6.02
CA LYS A 97 12.82 5.45 5.25
C LYS A 97 13.76 4.42 5.89
N LYS A 98 13.77 4.29 7.22
CA LYS A 98 14.54 3.22 7.88
C LYS A 98 13.97 1.83 7.60
N MET A 99 12.65 1.66 7.58
CA MET A 99 12.02 0.37 7.27
C MET A 99 12.47 -0.19 5.90
N LEU A 100 12.59 0.66 4.89
CA LEU A 100 13.05 0.26 3.55
C LEU A 100 14.44 -0.38 3.60
N ARG A 101 15.40 0.29 4.26
CA ARG A 101 16.78 -0.18 4.37
C ARG A 101 16.93 -1.42 5.25
N ASP A 102 16.06 -1.54 6.26
CA ASP A 102 16.00 -2.71 7.13
C ASP A 102 15.36 -3.93 6.43
N LYS A 103 14.38 -3.72 5.56
CA LYS A 103 13.71 -4.78 4.77
C LYS A 103 14.35 -5.07 3.42
N GLY A 104 15.30 -4.26 2.96
CA GLY A 104 15.99 -4.45 1.68
C GLY A 104 15.23 -3.99 0.43
N ILE A 105 14.40 -2.95 0.53
CA ILE A 105 13.54 -2.46 -0.56
C ILE A 105 14.28 -1.48 -1.49
N THR A 106 13.92 -1.47 -2.77
CA THR A 106 14.44 -0.51 -3.76
C THR A 106 14.05 0.93 -3.42
N CYS A 107 15.01 1.86 -3.33
CA CYS A 107 14.74 3.28 -3.12
C CYS A 107 15.91 4.20 -3.51
N ARG A 108 15.61 5.50 -3.54
CA ARG A 108 16.61 6.58 -3.48
C ARG A 108 17.35 6.59 -2.15
N ASP A 109 18.51 7.25 -2.14
CA ASP A 109 19.54 7.17 -1.11
C ASP A 109 19.10 7.44 0.34
N LEU A 110 19.63 6.58 1.20
CA LEU A 110 19.37 6.50 2.65
C LEU A 110 20.20 7.48 3.48
N GLY A 1 -14.04 -13.79 -16.86
CA GLY A 1 -12.83 -13.85 -16.01
C GLY A 1 -12.90 -12.82 -14.91
N ALA A 2 -12.39 -13.14 -13.72
CA ALA A 2 -12.47 -12.28 -12.52
C ALA A 2 -11.30 -12.46 -11.57
N MET A 3 -11.04 -11.46 -10.71
CA MET A 3 -10.10 -11.57 -9.60
C MET A 3 -10.71 -12.39 -8.45
N VAL A 4 -9.92 -13.27 -7.83
CA VAL A 4 -10.29 -14.02 -6.61
C VAL A 4 -9.41 -13.61 -5.42
N LYS A 5 -9.83 -13.88 -4.18
CA LYS A 5 -9.11 -13.43 -2.97
C LYS A 5 -7.66 -13.93 -2.95
N LYS A 6 -7.38 -15.14 -3.47
CA LYS A 6 -6.02 -15.67 -3.67
C LYS A 6 -5.12 -14.77 -4.53
N ASP A 7 -5.67 -14.05 -5.51
CA ASP A 7 -4.89 -13.12 -6.35
C ASP A 7 -4.30 -11.94 -5.55
N ILE A 8 -4.96 -11.51 -4.46
CA ILE A 8 -4.43 -10.49 -3.53
C ILE A 8 -3.56 -11.13 -2.44
N ASP A 9 -4.03 -12.26 -1.90
CA ASP A 9 -3.41 -13.00 -0.80
C ASP A 9 -1.96 -13.43 -1.11
N ASP A 10 -1.73 -13.96 -2.32
CA ASP A 10 -0.40 -14.32 -2.85
C ASP A 10 0.45 -13.09 -3.22
N THR A 11 -0.17 -11.95 -3.53
CA THR A 11 0.53 -10.72 -3.90
C THR A 11 1.13 -10.06 -2.67
N ILE A 12 0.39 -9.94 -1.55
CA ILE A 12 0.92 -9.43 -0.28
C ILE A 12 2.10 -10.28 0.23
N LYS A 13 2.12 -11.57 -0.08
CA LYS A 13 3.19 -12.52 0.26
C LYS A 13 4.46 -12.44 -0.60
N SER A 14 4.39 -11.91 -1.82
CA SER A 14 5.50 -11.89 -2.79
C SER A 14 5.93 -10.50 -3.27
N GLU A 15 5.09 -9.47 -3.17
CA GLU A 15 5.49 -8.07 -3.36
C GLU A 15 6.08 -7.49 -2.08
N ASP A 16 7.03 -6.56 -2.21
CA ASP A 16 7.71 -5.97 -1.05
C ASP A 16 6.87 -4.85 -0.43
N VAL A 17 6.02 -4.20 -1.24
CA VAL A 17 5.13 -3.09 -0.85
C VAL A 17 3.77 -3.25 -1.57
N VAL A 18 2.66 -3.18 -0.83
CA VAL A 18 1.29 -3.27 -1.37
C VAL A 18 0.38 -2.22 -0.75
N THR A 19 -0.50 -1.60 -1.54
CA THR A 19 -1.40 -0.52 -1.10
C THR A 19 -2.84 -0.71 -1.59
N PHE A 20 -3.82 -0.36 -0.74
CA PHE A 20 -5.25 -0.40 -1.05
C PHE A 20 -5.79 1.04 -1.15
N ILE A 21 -6.25 1.45 -2.34
CA ILE A 21 -6.61 2.85 -2.65
C ILE A 21 -7.98 3.01 -3.34
N LYS A 22 -8.47 4.25 -3.43
CA LYS A 22 -9.65 4.65 -4.20
C LYS A 22 -9.23 5.13 -5.61
N GLY A 23 -8.83 4.23 -6.49
CA GLY A 23 -8.66 4.48 -7.93
C GLY A 23 -7.49 3.70 -8.54
N LEU A 24 -7.13 4.02 -9.80
CA LEU A 24 -5.82 3.75 -10.37
C LEU A 24 -4.71 4.51 -9.62
N PRO A 25 -3.43 4.08 -9.74
CA PRO A 25 -2.31 4.74 -9.08
C PRO A 25 -1.91 6.02 -9.82
N GLU A 26 -1.93 6.01 -11.16
CA GLU A 26 -1.78 7.23 -11.98
C GLU A 26 -3.02 8.13 -11.97
N ALA A 27 -4.21 7.55 -11.75
CA ALA A 27 -5.50 8.24 -11.84
C ALA A 27 -6.44 7.93 -10.66
N PRO A 28 -6.08 8.29 -9.42
CA PRO A 28 -6.93 8.05 -8.27
C PRO A 28 -8.18 8.94 -8.33
N MET A 29 -9.23 8.43 -7.69
CA MET A 29 -10.53 9.06 -7.52
C MET A 29 -10.62 9.78 -6.14
N CYS A 30 -9.50 9.87 -5.41
CA CYS A 30 -9.40 10.38 -4.04
C CYS A 30 -8.06 11.09 -3.80
N ALA A 31 -8.09 12.19 -3.05
CA ALA A 31 -6.92 12.99 -2.66
C ALA A 31 -5.88 12.17 -1.87
N TYR A 32 -6.29 11.50 -0.78
CA TYR A 32 -5.39 10.68 0.03
C TYR A 32 -4.82 9.48 -0.73
N SER A 33 -5.52 9.03 -1.78
CA SER A 33 -4.98 8.01 -2.69
C SER A 33 -3.86 8.56 -3.59
N LYS A 34 -3.98 9.81 -4.11
CA LYS A 34 -2.86 10.53 -4.73
C LYS A 34 -1.70 10.69 -3.75
N ARG A 35 -1.99 11.09 -2.50
CA ARG A 35 -1.01 11.28 -1.43
C ARG A 35 -0.28 10.00 -1.01
N MET A 36 -0.95 8.84 -1.02
CA MET A 36 -0.30 7.52 -0.85
C MET A 36 0.69 7.23 -1.97
N ILE A 37 0.26 7.31 -3.23
CA ILE A 37 1.14 7.04 -4.39
C ILE A 37 2.31 8.02 -4.41
N ASP A 38 2.13 9.26 -3.95
CA ASP A 38 3.21 10.24 -3.81
C ASP A 38 4.34 9.74 -2.90
N VAL A 39 4.06 9.11 -1.76
CA VAL A 39 5.07 8.54 -0.85
C VAL A 39 5.90 7.46 -1.56
N LEU A 40 5.23 6.60 -2.33
CA LEU A 40 5.85 5.45 -3.00
C LEU A 40 6.64 5.87 -4.24
N GLU A 41 6.20 6.92 -4.93
CA GLU A 41 6.89 7.55 -6.06
C GLU A 41 7.96 8.56 -5.63
N ALA A 42 7.81 9.25 -4.50
CA ALA A 42 8.79 10.23 -3.99
C ALA A 42 10.02 9.56 -3.37
N LEU A 43 9.92 8.27 -3.04
CA LEU A 43 11.01 7.41 -2.57
C LEU A 43 11.46 6.37 -3.62
N GLY A 44 10.79 6.26 -4.77
CA GLY A 44 11.21 5.43 -5.90
C GLY A 44 11.10 3.92 -5.68
N LEU A 45 9.99 3.44 -5.13
CA LEU A 45 9.76 2.04 -4.74
C LEU A 45 9.05 1.24 -5.85
N GLU A 46 9.13 -0.08 -5.75
CA GLU A 46 8.39 -1.05 -6.54
C GLU A 46 7.24 -1.67 -5.73
N TYR A 47 6.01 -1.43 -6.18
CA TYR A 47 4.79 -1.73 -5.43
C TYR A 47 3.68 -2.33 -6.29
N THR A 48 2.69 -2.93 -5.64
CA THR A 48 1.39 -3.24 -6.26
C THR A 48 0.27 -2.44 -5.60
N SER A 49 -0.47 -1.71 -6.41
CA SER A 49 -1.67 -0.97 -6.01
C SER A 49 -2.94 -1.76 -6.35
N PHE A 50 -3.90 -1.77 -5.44
CA PHE A 50 -5.22 -2.40 -5.60
C PHE A 50 -6.34 -1.38 -5.32
N ASP A 51 -7.45 -1.48 -6.07
CA ASP A 51 -8.53 -0.51 -6.07
C ASP A 51 -9.83 -1.06 -5.46
N VAL A 52 -10.31 -0.49 -4.34
CA VAL A 52 -11.53 -0.98 -3.65
C VAL A 52 -12.81 -0.71 -4.43
N LEU A 53 -12.78 0.27 -5.33
CA LEU A 53 -13.91 0.69 -6.16
C LEU A 53 -14.05 -0.13 -7.45
N ALA A 54 -13.06 -0.97 -7.77
CA ALA A 54 -12.95 -1.63 -9.07
C ALA A 54 -13.16 -3.15 -9.03
N HIS A 55 -13.24 -3.75 -7.84
CA HIS A 55 -13.59 -5.15 -7.66
C HIS A 55 -14.04 -5.43 -6.21
N PRO A 56 -15.17 -6.14 -5.99
CA PRO A 56 -15.69 -6.45 -4.66
C PRO A 56 -14.74 -7.31 -3.81
N VAL A 57 -13.89 -8.13 -4.42
CA VAL A 57 -12.82 -8.86 -3.71
C VAL A 57 -11.79 -7.91 -3.06
N VAL A 58 -11.44 -6.78 -3.69
CA VAL A 58 -10.45 -5.85 -3.12
C VAL A 58 -11.00 -5.15 -1.88
N ARG A 59 -12.24 -4.65 -1.93
CA ARG A 59 -12.91 -4.06 -0.75
C ARG A 59 -13.22 -5.12 0.32
N SER A 60 -13.50 -6.37 -0.08
CA SER A 60 -13.70 -7.49 0.85
C SER A 60 -12.41 -7.87 1.59
N TYR A 61 -11.23 -7.82 0.95
CA TYR A 61 -9.96 -8.14 1.61
C TYR A 61 -9.72 -7.23 2.83
N VAL A 62 -9.87 -5.91 2.69
CA VAL A 62 -9.71 -5.00 3.85
C VAL A 62 -10.80 -5.18 4.91
N LYS A 63 -12.01 -5.62 4.55
CA LYS A 63 -13.12 -5.82 5.50
C LYS A 63 -13.01 -7.16 6.26
N GLU A 64 -12.52 -8.22 5.61
CA GLU A 64 -12.46 -9.58 6.15
C GLU A 64 -11.07 -10.01 6.68
N VAL A 65 -9.98 -9.43 6.16
CA VAL A 65 -8.61 -9.92 6.36
C VAL A 65 -7.74 -8.96 7.19
N SER A 66 -7.77 -7.65 6.92
CA SER A 66 -7.09 -6.65 7.77
C SER A 66 -7.99 -6.06 8.87
N GLU A 67 -9.30 -5.94 8.61
CA GLU A 67 -10.33 -5.35 9.49
C GLU A 67 -10.06 -3.89 9.93
N TRP A 68 -9.00 -3.25 9.43
CA TRP A 68 -8.61 -1.88 9.80
C TRP A 68 -9.52 -0.84 9.12
N PRO A 69 -10.06 0.15 9.85
CA PRO A 69 -11.13 1.02 9.35
C PRO A 69 -10.68 2.09 8.33
N THR A 70 -9.44 2.56 8.46
CA THR A 70 -8.90 3.71 7.72
C THR A 70 -8.55 3.34 6.28
N ILE A 71 -8.92 4.19 5.32
CA ILE A 71 -8.60 4.05 3.90
C ILE A 71 -7.96 5.37 3.41
N PRO A 72 -6.92 5.32 2.56
CA PRO A 72 -6.18 4.13 2.11
C PRO A 72 -5.23 3.54 3.19
N GLN A 73 -4.80 2.29 3.00
CA GLN A 73 -3.94 1.54 3.94
C GLN A 73 -2.82 0.73 3.26
N LEU A 74 -1.70 0.54 3.99
CA LEU A 74 -0.40 0.09 3.49
C LEU A 74 0.06 -1.23 4.14
N PHE A 75 0.74 -2.05 3.33
CA PHE A 75 1.43 -3.29 3.70
C PHE A 75 2.88 -3.30 3.19
N ILE A 76 3.84 -3.76 4.00
CA ILE A 76 5.25 -3.96 3.60
C ILE A 76 5.72 -5.35 4.02
N LYS A 77 6.40 -6.07 3.12
CA LYS A 77 6.91 -7.45 3.31
C LYS A 77 5.91 -8.36 4.07
N ALA A 78 4.67 -8.43 3.57
CA ALA A 78 3.53 -9.19 4.09
C ALA A 78 2.93 -8.75 5.44
N GLU A 79 3.40 -7.68 6.08
CA GLU A 79 2.80 -7.11 7.29
C GLU A 79 2.03 -5.81 7.03
N PHE A 80 0.92 -5.62 7.76
CA PHE A 80 0.19 -4.34 7.81
C PHE A 80 1.01 -3.28 8.56
N VAL A 81 1.00 -2.03 8.05
CA VAL A 81 1.81 -0.91 8.59
C VAL A 81 0.96 0.24 9.13
N GLY A 82 -0.09 0.66 8.42
CA GLY A 82 -0.93 1.80 8.78
C GLY A 82 -1.60 2.48 7.59
N GLY A 83 -2.34 3.56 7.85
CA GLY A 83 -2.92 4.45 6.83
C GLY A 83 -2.01 5.60 6.39
N LEU A 84 -2.56 6.52 5.59
CA LEU A 84 -1.82 7.64 4.96
C LEU A 84 -1.19 8.60 5.99
N ASP A 85 -1.89 8.91 7.08
CA ASP A 85 -1.34 9.71 8.18
C ASP A 85 -0.14 9.04 8.86
N ILE A 86 -0.20 7.72 9.03
CA ILE A 86 0.87 6.92 9.65
C ILE A 86 2.12 6.86 8.76
N VAL A 87 1.99 6.56 7.46
CA VAL A 87 3.17 6.46 6.56
C VAL A 87 3.91 7.80 6.47
N THR A 88 3.18 8.91 6.49
CA THR A 88 3.74 10.27 6.47
C THR A 88 4.38 10.65 7.81
N LYS A 89 3.77 10.30 8.96
CA LYS A 89 4.40 10.45 10.29
C LYS A 89 5.71 9.65 10.40
N MET A 90 5.72 8.41 9.93
CA MET A 90 6.90 7.56 9.87
C MET A 90 7.98 8.11 8.91
N LEU A 91 7.60 8.76 7.80
CA LEU A 91 8.53 9.45 6.90
C LEU A 91 9.25 10.61 7.59
N GLU A 92 8.50 11.51 8.23
CA GLU A 92 9.08 12.63 9.01
C GLU A 92 9.96 12.15 10.18
N SER A 93 9.61 10.99 10.75
CA SER A 93 10.38 10.32 11.81
C SER A 93 11.64 9.59 11.31
N GLY A 94 11.81 9.46 9.99
CA GLY A 94 12.81 8.60 9.33
C GLY A 94 12.48 7.10 9.35
N ASP A 95 11.68 6.65 10.32
CA ASP A 95 11.25 5.26 10.54
C ASP A 95 10.71 4.52 9.31
N LEU A 96 10.05 5.21 8.37
CA LEU A 96 9.57 4.65 7.11
C LEU A 96 10.73 4.25 6.21
N LYS A 97 11.67 5.18 5.97
CA LYS A 97 12.91 4.94 5.24
C LYS A 97 13.81 3.93 5.96
N LYS A 98 13.79 3.91 7.30
CA LYS A 98 14.49 2.93 8.12
C LYS A 98 14.02 1.51 7.79
N MET A 99 12.70 1.26 7.70
CA MET A 99 12.17 -0.03 7.33
C MET A 99 12.62 -0.52 5.94
N LEU A 100 12.72 0.39 4.96
CA LEU A 100 13.18 0.05 3.61
C LEU A 100 14.62 -0.48 3.63
N ARG A 101 15.55 0.26 4.24
CA ARG A 101 16.96 -0.17 4.35
C ARG A 101 17.16 -1.42 5.22
N ASP A 102 16.30 -1.59 6.24
CA ASP A 102 16.24 -2.78 7.09
C ASP A 102 15.82 -4.04 6.33
N LYS A 103 14.80 -3.90 5.47
CA LYS A 103 14.26 -4.99 4.65
C LYS A 103 14.97 -5.16 3.30
N GLY A 104 15.88 -4.25 2.93
CA GLY A 104 16.63 -4.30 1.66
C GLY A 104 15.92 -3.73 0.42
N ILE A 105 14.88 -2.90 0.60
CA ILE A 105 13.96 -2.49 -0.47
C ILE A 105 14.55 -1.38 -1.36
N THR A 106 14.19 -1.40 -2.64
CA THR A 106 14.57 -0.37 -3.61
C THR A 106 14.04 1.00 -3.19
N CYS A 107 14.93 1.99 -3.04
CA CYS A 107 14.58 3.37 -2.73
C CYS A 107 15.71 4.37 -2.98
N ARG A 108 15.33 5.65 -3.13
CA ARG A 108 16.23 6.81 -3.16
C ARG A 108 16.97 7.00 -1.84
N ASP A 109 18.01 7.83 -1.85
CA ASP A 109 19.07 7.95 -0.87
C ASP A 109 18.63 8.01 0.61
N LEU A 110 19.12 7.02 1.37
CA LEU A 110 19.00 6.88 2.83
C LEU A 110 19.93 7.85 3.56
N GLY A 1 -8.68 -17.35 -14.68
CA GLY A 1 -8.72 -16.69 -13.36
C GLY A 1 -9.41 -15.34 -13.46
N ALA A 2 -10.04 -14.93 -12.36
CA ALA A 2 -10.93 -13.76 -12.29
C ALA A 2 -10.64 -12.84 -11.09
N MET A 3 -9.50 -13.05 -10.41
CA MET A 3 -9.11 -12.46 -9.13
C MET A 3 -10.08 -12.77 -7.99
N VAL A 4 -9.74 -13.81 -7.23
CA VAL A 4 -10.35 -14.16 -5.93
C VAL A 4 -9.54 -13.55 -4.78
N LYS A 5 -10.04 -13.58 -3.54
CA LYS A 5 -9.34 -12.97 -2.38
C LYS A 5 -7.95 -13.60 -2.14
N LYS A 6 -7.78 -14.89 -2.44
CA LYS A 6 -6.48 -15.60 -2.42
C LYS A 6 -5.46 -15.06 -3.43
N ASP A 7 -5.87 -14.51 -4.58
CA ASP A 7 -4.95 -13.91 -5.56
C ASP A 7 -4.32 -12.60 -5.05
N ILE A 8 -5.06 -11.81 -4.26
CA ILE A 8 -4.54 -10.61 -3.56
C ILE A 8 -3.58 -11.04 -2.43
N ASP A 9 -3.94 -12.07 -1.68
CA ASP A 9 -3.10 -12.62 -0.61
C ASP A 9 -1.76 -13.15 -1.15
N ASP A 10 -1.78 -13.87 -2.28
CA ASP A 10 -0.57 -14.33 -2.97
C ASP A 10 0.31 -13.16 -3.43
N THR A 11 -0.31 -12.08 -3.91
CA THR A 11 0.41 -10.86 -4.29
C THR A 11 1.08 -10.22 -3.07
N ILE A 12 0.40 -10.16 -1.92
CA ILE A 12 0.97 -9.65 -0.65
C ILE A 12 2.12 -10.54 -0.14
N LYS A 13 2.09 -11.85 -0.41
CA LYS A 13 3.16 -12.82 -0.14
C LYS A 13 4.34 -12.80 -1.11
N SER A 14 4.24 -12.12 -2.25
CA SER A 14 5.31 -12.00 -3.26
C SER A 14 5.81 -10.57 -3.53
N GLU A 15 5.03 -9.53 -3.25
CA GLU A 15 5.45 -8.13 -3.34
C GLU A 15 6.15 -7.65 -2.06
N ASP A 16 6.96 -6.60 -2.16
CA ASP A 16 7.57 -5.96 -0.99
C ASP A 16 6.65 -4.87 -0.42
N VAL A 17 5.87 -4.22 -1.28
CA VAL A 17 5.01 -3.07 -0.97
C VAL A 17 3.66 -3.24 -1.67
N VAL A 18 2.56 -3.20 -0.91
CA VAL A 18 1.19 -3.25 -1.45
C VAL A 18 0.32 -2.15 -0.85
N THR A 19 -0.52 -1.51 -1.67
CA THR A 19 -1.41 -0.42 -1.26
C THR A 19 -2.84 -0.63 -1.76
N PHE A 20 -3.82 -0.27 -0.94
CA PHE A 20 -5.26 -0.31 -1.26
C PHE A 20 -5.77 1.13 -1.34
N ILE A 21 -6.34 1.55 -2.48
CA ILE A 21 -6.69 2.96 -2.77
C ILE A 21 -8.05 3.12 -3.47
N LYS A 22 -8.54 4.37 -3.56
CA LYS A 22 -9.68 4.75 -4.42
C LYS A 22 -9.19 5.16 -5.82
N GLY A 23 -8.81 4.22 -6.68
CA GLY A 23 -8.57 4.47 -8.11
C GLY A 23 -7.47 3.60 -8.72
N LEU A 24 -7.03 3.97 -9.92
CA LEU A 24 -5.70 3.66 -10.44
C LEU A 24 -4.62 4.48 -9.73
N PRO A 25 -3.34 4.07 -9.78
CA PRO A 25 -2.23 4.78 -9.17
C PRO A 25 -1.75 5.94 -10.06
N GLU A 26 -1.88 5.81 -11.39
CA GLU A 26 -1.67 6.89 -12.37
C GLU A 26 -2.89 7.82 -12.59
N ALA A 27 -4.01 7.43 -11.98
CA ALA A 27 -5.28 8.16 -12.02
C ALA A 27 -6.17 7.94 -10.75
N PRO A 28 -5.69 8.33 -9.56
CA PRO A 28 -6.44 8.16 -8.32
C PRO A 28 -7.63 9.13 -8.29
N MET A 29 -8.76 8.65 -7.77
CA MET A 29 -10.03 9.38 -7.78
C MET A 29 -10.20 10.28 -6.55
N CYS A 30 -9.33 10.16 -5.54
CA CYS A 30 -9.48 10.78 -4.23
C CYS A 30 -8.12 11.29 -3.70
N ALA A 31 -8.14 12.39 -2.95
CA ALA A 31 -6.95 13.14 -2.53
C ALA A 31 -5.88 12.32 -1.78
N TYR A 32 -6.24 11.61 -0.71
CA TYR A 32 -5.25 10.84 0.06
C TYR A 32 -4.75 9.62 -0.71
N SER A 33 -5.56 9.08 -1.62
CA SER A 33 -5.14 8.03 -2.55
C SER A 33 -4.04 8.53 -3.51
N LYS A 34 -4.10 9.80 -3.93
CA LYS A 34 -3.00 10.51 -4.62
C LYS A 34 -1.80 10.72 -3.69
N ARG A 35 -2.01 11.27 -2.49
CA ARG A 35 -0.96 11.55 -1.49
C ARG A 35 -0.17 10.30 -1.08
N MET A 36 -0.80 9.13 -1.06
CA MET A 36 -0.15 7.83 -0.83
C MET A 36 0.82 7.45 -1.96
N ILE A 37 0.40 7.57 -3.23
CA ILE A 37 1.24 7.27 -4.39
C ILE A 37 2.43 8.25 -4.46
N ASP A 38 2.26 9.52 -4.05
CA ASP A 38 3.38 10.47 -3.96
C ASP A 38 4.48 10.04 -2.98
N VAL A 39 4.15 9.44 -1.85
CA VAL A 39 5.13 8.86 -0.88
C VAL A 39 5.95 7.75 -1.58
N LEU A 40 5.24 6.88 -2.31
CA LEU A 40 5.82 5.71 -2.98
C LEU A 40 6.68 6.12 -4.19
N GLU A 41 6.23 7.09 -4.99
CA GLU A 41 6.99 7.65 -6.12
C GLU A 41 8.11 8.59 -5.67
N ALA A 42 7.94 9.37 -4.59
CA ALA A 42 8.96 10.33 -4.15
C ALA A 42 10.19 9.64 -3.54
N LEU A 43 10.03 8.42 -3.01
CA LEU A 43 11.11 7.54 -2.57
C LEU A 43 11.56 6.54 -3.66
N GLY A 44 10.83 6.42 -4.77
CA GLY A 44 11.19 5.61 -5.94
C GLY A 44 10.87 4.11 -5.85
N LEU A 45 9.96 3.70 -4.96
CA LEU A 45 9.66 2.33 -4.63
C LEU A 45 8.87 1.65 -5.75
N GLU A 46 8.87 0.32 -5.73
CA GLU A 46 8.05 -0.52 -6.58
C GLU A 46 7.05 -1.36 -5.77
N TYR A 47 5.80 -1.28 -6.22
CA TYR A 47 4.61 -1.69 -5.46
C TYR A 47 3.56 -2.30 -6.38
N THR A 48 2.53 -2.87 -5.75
CA THR A 48 1.24 -3.17 -6.40
C THR A 48 0.12 -2.39 -5.70
N SER A 49 -0.72 -1.74 -6.49
CA SER A 49 -1.87 -0.94 -6.06
C SER A 49 -3.17 -1.63 -6.46
N PHE A 50 -4.13 -1.68 -5.53
CA PHE A 50 -5.45 -2.30 -5.71
C PHE A 50 -6.58 -1.30 -5.46
N ASP A 51 -7.64 -1.36 -6.27
CA ASP A 51 -8.74 -0.38 -6.30
C ASP A 51 -10.03 -0.94 -5.65
N VAL A 52 -10.50 -0.32 -4.57
CA VAL A 52 -11.73 -0.73 -3.85
C VAL A 52 -13.03 -0.36 -4.57
N LEU A 53 -12.93 0.58 -5.51
CA LEU A 53 -14.03 1.06 -6.33
C LEU A 53 -14.19 0.25 -7.62
N ALA A 54 -13.21 -0.60 -7.95
CA ALA A 54 -13.26 -1.48 -9.12
C ALA A 54 -13.77 -2.90 -8.81
N HIS A 55 -13.49 -3.43 -7.61
CA HIS A 55 -13.59 -4.86 -7.30
C HIS A 55 -13.98 -5.14 -5.82
N PRO A 56 -15.18 -5.67 -5.56
CA PRO A 56 -15.65 -6.09 -4.23
C PRO A 56 -14.68 -7.00 -3.44
N VAL A 57 -13.93 -7.87 -4.09
CA VAL A 57 -12.85 -8.68 -3.46
C VAL A 57 -11.77 -7.81 -2.81
N VAL A 58 -11.39 -6.67 -3.42
CA VAL A 58 -10.35 -5.77 -2.89
C VAL A 58 -10.79 -5.10 -1.60
N ARG A 59 -12.03 -4.59 -1.55
CA ARG A 59 -12.61 -4.00 -0.32
C ARG A 59 -12.98 -5.03 0.75
N SER A 60 -13.13 -6.30 0.36
CA SER A 60 -13.22 -7.44 1.29
C SER A 60 -11.88 -7.72 1.98
N TYR A 61 -10.76 -7.70 1.25
CA TYR A 61 -9.44 -8.09 1.78
C TYR A 61 -9.05 -7.36 3.07
N VAL A 62 -9.17 -6.03 3.09
CA VAL A 62 -8.86 -5.20 4.27
C VAL A 62 -9.74 -5.52 5.48
N LYS A 63 -11.00 -5.91 5.22
CA LYS A 63 -11.96 -6.26 6.25
C LYS A 63 -11.66 -7.63 6.87
N GLU A 64 -11.28 -8.58 6.02
CA GLU A 64 -11.02 -9.97 6.40
C GLU A 64 -9.60 -10.21 6.97
N VAL A 65 -8.62 -9.36 6.65
CA VAL A 65 -7.20 -9.58 6.98
C VAL A 65 -6.61 -8.52 7.92
N SER A 66 -6.58 -7.24 7.53
CA SER A 66 -5.90 -6.18 8.30
C SER A 66 -6.73 -5.61 9.45
N GLU A 67 -8.05 -5.83 9.48
CA GLU A 67 -8.94 -5.41 10.58
C GLU A 67 -8.83 -3.91 10.89
N TRP A 68 -8.78 -3.10 9.82
CA TRP A 68 -8.63 -1.65 9.84
C TRP A 68 -9.68 -0.97 8.95
N PRO A 69 -10.30 0.15 9.37
CA PRO A 69 -11.44 0.77 8.67
C PRO A 69 -11.07 1.64 7.45
N THR A 70 -9.82 2.08 7.35
CA THR A 70 -9.41 3.22 6.53
C THR A 70 -8.90 2.82 5.15
N ILE A 71 -9.30 3.58 4.13
CA ILE A 71 -8.68 3.62 2.80
C ILE A 71 -8.18 5.06 2.55
N PRO A 72 -6.96 5.26 2.02
CA PRO A 72 -6.01 4.22 1.62
C PRO A 72 -5.23 3.60 2.79
N GLN A 73 -4.73 2.36 2.60
CA GLN A 73 -3.88 1.66 3.58
C GLN A 73 -2.76 0.84 2.94
N LEU A 74 -1.68 0.63 3.71
CA LEU A 74 -0.37 0.19 3.25
C LEU A 74 0.06 -1.14 3.93
N PHE A 75 0.78 -1.97 3.18
CA PHE A 75 1.41 -3.24 3.59
C PHE A 75 2.89 -3.27 3.17
N ILE A 76 3.77 -3.77 4.04
CA ILE A 76 5.20 -3.98 3.77
C ILE A 76 5.61 -5.41 4.13
N LYS A 77 6.26 -6.13 3.19
CA LYS A 77 6.69 -7.54 3.31
C LYS A 77 5.65 -8.42 4.03
N ALA A 78 4.48 -8.55 3.41
CA ALA A 78 3.31 -9.33 3.86
C ALA A 78 2.64 -8.92 5.19
N GLU A 79 2.97 -7.78 5.82
CA GLU A 79 2.28 -7.26 7.01
C GLU A 79 1.75 -5.82 6.83
N PHE A 80 0.55 -5.56 7.37
CA PHE A 80 -0.10 -4.25 7.40
C PHE A 80 0.71 -3.21 8.21
N VAL A 81 0.63 -1.94 7.79
CA VAL A 81 1.33 -0.79 8.41
C VAL A 81 0.35 0.24 8.98
N GLY A 82 -0.58 0.76 8.16
CA GLY A 82 -1.44 1.91 8.48
C GLY A 82 -1.93 2.67 7.24
N GLY A 83 -2.67 3.77 7.45
CA GLY A 83 -3.12 4.69 6.38
C GLY A 83 -2.16 5.85 6.08
N LEU A 84 -2.66 6.86 5.35
CA LEU A 84 -1.85 7.99 4.85
C LEU A 84 -1.27 8.86 5.98
N ASP A 85 -2.03 9.06 7.06
CA ASP A 85 -1.55 9.72 8.28
C ASP A 85 -0.35 8.99 8.89
N ILE A 86 -0.37 7.66 8.82
CA ILE A 86 0.63 6.78 9.45
C ILE A 86 1.93 6.73 8.64
N VAL A 87 1.88 6.50 7.32
CA VAL A 87 3.09 6.45 6.47
C VAL A 87 3.87 7.77 6.54
N THR A 88 3.16 8.89 6.64
CA THR A 88 3.77 10.22 6.78
C THR A 88 4.30 10.47 8.19
N LYS A 89 3.58 10.09 9.26
CA LYS A 89 4.10 10.09 10.64
C LYS A 89 5.41 9.31 10.77
N MET A 90 5.48 8.12 10.17
CA MET A 90 6.69 7.28 10.09
C MET A 90 7.80 7.93 9.27
N LEU A 91 7.50 8.59 8.15
CA LEU A 91 8.49 9.36 7.37
C LEU A 91 9.16 10.44 8.23
N GLU A 92 8.37 11.23 8.94
CA GLU A 92 8.86 12.28 9.84
C GLU A 92 9.54 11.74 11.11
N SER A 93 9.23 10.52 11.52
CA SER A 93 9.94 9.77 12.57
C SER A 93 11.28 9.17 12.08
N GLY A 94 11.45 9.04 10.76
CA GLY A 94 12.55 8.31 10.12
C GLY A 94 12.32 6.80 9.93
N ASP A 95 11.30 6.24 10.61
CA ASP A 95 11.00 4.80 10.61
C ASP A 95 10.65 4.23 9.24
N LEU A 96 10.04 5.05 8.37
CA LEU A 96 9.61 4.66 7.03
C LEU A 96 10.81 4.39 6.13
N LYS A 97 11.78 5.31 6.08
CA LYS A 97 13.11 5.04 5.50
C LYS A 97 13.79 3.84 6.16
N LYS A 98 13.67 3.70 7.49
CA LYS A 98 14.35 2.64 8.25
C LYS A 98 13.90 1.26 7.79
N MET A 99 12.60 0.98 7.74
CA MET A 99 12.10 -0.34 7.32
C MET A 99 12.49 -0.69 5.88
N LEU A 100 12.51 0.28 4.95
CA LEU A 100 12.94 0.04 3.57
C LEU A 100 14.38 -0.46 3.51
N ARG A 101 15.32 0.26 4.12
CA ARG A 101 16.74 -0.15 4.14
C ARG A 101 17.02 -1.41 4.95
N ASP A 102 16.24 -1.63 6.00
CA ASP A 102 16.33 -2.85 6.80
C ASP A 102 15.88 -4.09 6.01
N LYS A 103 14.79 -3.97 5.25
CA LYS A 103 14.20 -5.04 4.43
C LYS A 103 14.82 -5.14 3.01
N GLY A 104 15.67 -4.20 2.62
CA GLY A 104 16.38 -4.24 1.34
C GLY A 104 15.61 -3.68 0.13
N ILE A 105 14.65 -2.78 0.36
CA ILE A 105 13.69 -2.31 -0.64
C ILE A 105 14.30 -1.26 -1.56
N THR A 106 13.88 -1.23 -2.82
CA THR A 106 14.34 -0.25 -3.82
C THR A 106 13.95 1.17 -3.40
N CYS A 107 14.92 2.06 -3.16
CA CYS A 107 14.65 3.44 -2.76
C CYS A 107 15.83 4.41 -3.03
N ARG A 108 15.53 5.72 -2.99
CA ARG A 108 16.49 6.84 -2.95
C ARG A 108 17.56 6.70 -1.86
N ASP A 109 18.63 7.49 -1.97
CA ASP A 109 19.77 7.52 -1.06
C ASP A 109 19.37 7.64 0.41
N LEU A 110 20.05 6.81 1.19
CA LEU A 110 19.76 6.44 2.58
C LEU A 110 20.33 7.41 3.62
N GLY A 1 -9.65 -14.25 -15.99
CA GLY A 1 -11.02 -13.71 -15.83
C GLY A 1 -11.07 -12.74 -14.67
N ALA A 2 -11.75 -13.12 -13.59
CA ALA A 2 -11.91 -12.31 -12.38
C ALA A 2 -10.76 -12.50 -11.36
N MET A 3 -10.56 -11.48 -10.54
CA MET A 3 -9.71 -11.56 -9.34
C MET A 3 -10.40 -12.38 -8.25
N VAL A 4 -9.65 -13.26 -7.57
CA VAL A 4 -10.09 -13.93 -6.33
C VAL A 4 -9.27 -13.42 -5.15
N LYS A 5 -9.78 -13.53 -3.91
CA LYS A 5 -9.11 -12.96 -2.71
C LYS A 5 -7.69 -13.52 -2.51
N LYS A 6 -7.46 -14.76 -2.95
CA LYS A 6 -6.14 -15.42 -3.01
C LYS A 6 -5.14 -14.76 -3.96
N ASP A 7 -5.57 -14.13 -5.06
CA ASP A 7 -4.67 -13.42 -5.99
C ASP A 7 -4.05 -12.20 -5.30
N ILE A 8 -4.83 -11.47 -4.49
CA ILE A 8 -4.33 -10.41 -3.63
C ILE A 8 -3.41 -10.99 -2.57
N ASP A 9 -3.81 -12.07 -1.90
CA ASP A 9 -3.04 -12.65 -0.80
C ASP A 9 -1.66 -13.17 -1.24
N ASP A 10 -1.57 -13.76 -2.44
CA ASP A 10 -0.33 -14.22 -3.06
C ASP A 10 0.56 -13.05 -3.53
N THR A 11 -0.06 -11.93 -3.92
CA THR A 11 0.61 -10.65 -4.23
C THR A 11 1.18 -10.00 -2.97
N ILE A 12 0.44 -9.99 -1.86
CA ILE A 12 0.89 -9.55 -0.52
C ILE A 12 2.14 -10.33 -0.08
N LYS A 13 2.28 -11.60 -0.50
CA LYS A 13 3.43 -12.48 -0.27
C LYS A 13 4.58 -12.34 -1.28
N SER A 14 4.34 -11.79 -2.47
CA SER A 14 5.27 -11.81 -3.60
C SER A 14 5.81 -10.44 -3.99
N GLU A 15 5.13 -9.37 -3.60
CA GLU A 15 5.66 -8.00 -3.60
C GLU A 15 6.44 -7.73 -2.31
N ASP A 16 7.18 -6.62 -2.27
CA ASP A 16 7.73 -6.05 -1.04
C ASP A 16 6.79 -4.99 -0.44
N VAL A 17 5.98 -4.34 -1.28
CA VAL A 17 5.10 -3.22 -0.94
C VAL A 17 3.74 -3.38 -1.64
N VAL A 18 2.65 -3.30 -0.87
CA VAL A 18 1.27 -3.38 -1.41
C VAL A 18 0.37 -2.32 -0.78
N THR A 19 -0.55 -1.75 -1.56
CA THR A 19 -1.49 -0.73 -1.07
C THR A 19 -2.91 -0.88 -1.67
N PHE A 20 -3.90 -0.40 -0.92
CA PHE A 20 -5.32 -0.41 -1.24
C PHE A 20 -5.85 1.03 -1.30
N ILE A 21 -6.29 1.48 -2.47
CA ILE A 21 -6.63 2.90 -2.74
C ILE A 21 -7.97 3.07 -3.48
N LYS A 22 -8.43 4.32 -3.60
CA LYS A 22 -9.61 4.70 -4.40
C LYS A 22 -9.18 5.20 -5.79
N GLY A 23 -8.75 4.30 -6.67
CA GLY A 23 -8.56 4.56 -8.11
C GLY A 23 -7.37 3.77 -8.68
N LEU A 24 -7.00 4.05 -9.93
CA LEU A 24 -5.66 3.77 -10.43
C LEU A 24 -4.60 4.60 -9.68
N PRO A 25 -3.34 4.15 -9.63
CA PRO A 25 -2.28 4.84 -8.91
C PRO A 25 -1.81 6.09 -9.68
N GLU A 26 -1.84 6.02 -11.02
CA GLU A 26 -1.65 7.13 -11.94
C GLU A 26 -2.87 8.05 -12.11
N ALA A 27 -4.07 7.57 -11.74
CA ALA A 27 -5.33 8.29 -11.88
C ALA A 27 -6.31 8.01 -10.71
N PRO A 28 -5.98 8.44 -9.48
CA PRO A 28 -6.82 8.21 -8.31
C PRO A 28 -8.04 9.12 -8.32
N MET A 29 -9.11 8.62 -7.71
CA MET A 29 -10.41 9.26 -7.56
C MET A 29 -10.59 9.89 -6.14
N CYS A 30 -9.50 10.04 -5.39
CA CYS A 30 -9.46 10.55 -4.03
C CYS A 30 -8.07 11.15 -3.71
N ALA A 31 -8.00 12.30 -3.04
CA ALA A 31 -6.77 13.05 -2.77
C ALA A 31 -5.78 12.28 -1.87
N TYR A 32 -6.25 11.66 -0.79
CA TYR A 32 -5.39 10.83 0.07
C TYR A 32 -4.84 9.60 -0.66
N SER A 33 -5.57 9.09 -1.66
CA SER A 33 -5.07 8.03 -2.56
C SER A 33 -3.96 8.55 -3.48
N LYS A 34 -4.07 9.78 -4.01
CA LYS A 34 -2.94 10.50 -4.63
C LYS A 34 -1.73 10.58 -3.69
N ARG A 35 -1.95 11.00 -2.45
CA ARG A 35 -0.88 11.27 -1.49
C ARG A 35 -0.13 10.02 -1.01
N MET A 36 -0.79 8.85 -0.94
CA MET A 36 -0.09 7.59 -0.69
C MET A 36 0.84 7.20 -1.84
N ILE A 37 0.40 7.37 -3.10
CA ILE A 37 1.23 7.09 -4.27
C ILE A 37 2.42 8.07 -4.35
N ASP A 38 2.27 9.32 -3.93
CA ASP A 38 3.40 10.26 -3.84
C ASP A 38 4.49 9.81 -2.86
N VAL A 39 4.14 9.20 -1.72
CA VAL A 39 5.12 8.60 -0.79
C VAL A 39 5.92 7.48 -1.48
N LEU A 40 5.23 6.65 -2.26
CA LEU A 40 5.77 5.46 -2.91
C LEU A 40 6.61 5.81 -4.16
N GLU A 41 6.17 6.80 -4.94
CA GLU A 41 6.90 7.35 -6.09
C GLU A 41 8.04 8.28 -5.66
N ALA A 42 7.86 9.11 -4.62
CA ALA A 42 8.89 10.07 -4.19
C ALA A 42 10.10 9.38 -3.51
N LEU A 43 9.92 8.15 -3.00
CA LEU A 43 11.01 7.29 -2.53
C LEU A 43 11.48 6.26 -3.56
N GLY A 44 10.77 6.11 -4.69
CA GLY A 44 11.17 5.29 -5.83
C GLY A 44 11.09 3.78 -5.58
N LEU A 45 9.97 3.30 -5.04
CA LEU A 45 9.74 1.89 -4.67
C LEU A 45 9.02 1.14 -5.79
N GLU A 46 9.20 -0.17 -5.85
CA GLU A 46 8.34 -1.09 -6.60
C GLU A 46 7.20 -1.62 -5.72
N TYR A 47 5.96 -1.37 -6.15
CA TYR A 47 4.73 -1.77 -5.47
C TYR A 47 3.71 -2.39 -6.42
N THR A 48 2.62 -2.92 -5.84
CA THR A 48 1.35 -3.16 -6.53
C THR A 48 0.24 -2.44 -5.78
N SER A 49 -0.56 -1.64 -6.49
CA SER A 49 -1.71 -0.91 -5.99
C SER A 49 -3.02 -1.56 -6.46
N PHE A 50 -3.99 -1.68 -5.55
CA PHE A 50 -5.31 -2.27 -5.79
C PHE A 50 -6.44 -1.24 -5.55
N ASP A 51 -7.43 -1.19 -6.45
CA ASP A 51 -8.57 -0.30 -6.34
C ASP A 51 -9.80 -0.97 -5.68
N VAL A 52 -10.25 -0.42 -4.54
CA VAL A 52 -11.43 -0.90 -3.78
C VAL A 52 -12.77 -0.61 -4.46
N LEU A 53 -12.74 0.31 -5.43
CA LEU A 53 -13.92 0.74 -6.18
C LEU A 53 -14.21 -0.14 -7.41
N ALA A 54 -13.22 -0.91 -7.87
CA ALA A 54 -13.31 -1.69 -9.10
C ALA A 54 -13.39 -3.21 -8.90
N HIS A 55 -13.47 -3.72 -7.65
CA HIS A 55 -13.67 -5.14 -7.36
C HIS A 55 -14.03 -5.36 -5.88
N PRO A 56 -15.20 -5.93 -5.54
CA PRO A 56 -15.59 -6.23 -4.16
C PRO A 56 -14.60 -7.11 -3.38
N VAL A 57 -13.93 -8.06 -4.05
CA VAL A 57 -12.80 -8.83 -3.46
C VAL A 57 -11.71 -7.94 -2.85
N VAL A 58 -11.39 -6.80 -3.46
CA VAL A 58 -10.35 -5.86 -2.97
C VAL A 58 -10.82 -5.14 -1.71
N ARG A 59 -12.06 -4.64 -1.68
CA ARG A 59 -12.63 -3.97 -0.49
C ARG A 59 -12.94 -4.97 0.65
N SER A 60 -13.17 -6.24 0.33
CA SER A 60 -13.30 -7.35 1.30
C SER A 60 -11.95 -7.71 1.96
N TYR A 61 -10.83 -7.68 1.22
CA TYR A 61 -9.51 -8.02 1.77
C TYR A 61 -9.13 -7.12 2.96
N VAL A 62 -9.26 -5.79 2.82
CA VAL A 62 -9.04 -4.85 3.94
C VAL A 62 -10.11 -4.96 5.04
N LYS A 63 -11.28 -5.50 4.74
CA LYS A 63 -12.35 -5.69 5.73
C LYS A 63 -11.99 -6.82 6.69
N GLU A 64 -11.50 -7.95 6.17
CA GLU A 64 -11.31 -9.21 6.92
C GLU A 64 -9.86 -9.55 7.31
N VAL A 65 -8.85 -9.02 6.59
CA VAL A 65 -7.45 -9.49 6.68
C VAL A 65 -6.53 -8.55 7.46
N SER A 66 -6.74 -7.22 7.42
CA SER A 66 -6.12 -6.25 8.35
C SER A 66 -7.05 -5.84 9.49
N GLU A 67 -8.36 -5.83 9.23
CA GLU A 67 -9.42 -5.30 10.11
C GLU A 67 -9.19 -3.84 10.53
N TRP A 68 -8.41 -3.09 9.72
CA TRP A 68 -8.07 -1.68 9.94
C TRP A 68 -9.04 -0.74 9.18
N PRO A 69 -9.52 0.36 9.78
CA PRO A 69 -10.62 1.15 9.20
C PRO A 69 -10.21 2.04 8.02
N THR A 70 -8.97 2.55 8.01
CA THR A 70 -8.54 3.65 7.13
C THR A 70 -8.41 3.25 5.65
N ILE A 71 -8.82 4.16 4.76
CA ILE A 71 -8.44 4.17 3.34
C ILE A 71 -7.68 5.48 3.04
N PRO A 72 -6.60 5.45 2.23
CA PRO A 72 -5.90 4.25 1.77
C PRO A 72 -5.03 3.63 2.88
N GLN A 73 -4.62 2.36 2.72
CA GLN A 73 -3.77 1.64 3.68
C GLN A 73 -2.62 0.84 3.04
N LEU A 74 -1.60 0.54 3.85
CA LEU A 74 -0.28 0.07 3.43
C LEU A 74 0.10 -1.28 4.08
N PHE A 75 0.76 -2.13 3.29
CA PHE A 75 1.39 -3.39 3.69
C PHE A 75 2.86 -3.44 3.24
N ILE A 76 3.75 -3.92 4.10
CA ILE A 76 5.18 -4.14 3.81
C ILE A 76 5.57 -5.60 4.11
N LYS A 77 6.12 -6.29 3.11
CA LYS A 77 6.57 -7.70 3.12
C LYS A 77 5.63 -8.64 3.91
N ALA A 78 4.39 -8.77 3.44
CA ALA A 78 3.33 -9.60 4.05
C ALA A 78 2.90 -9.23 5.49
N GLU A 79 3.04 -7.95 5.89
CA GLU A 79 2.55 -7.41 7.15
C GLU A 79 1.85 -6.05 6.95
N PHE A 80 0.76 -5.82 7.67
CA PHE A 80 0.04 -4.54 7.72
C PHE A 80 0.80 -3.48 8.53
N VAL A 81 0.74 -2.21 8.09
CA VAL A 81 1.51 -1.08 8.65
C VAL A 81 0.63 0.07 9.14
N GLY A 82 -0.29 0.60 8.33
CA GLY A 82 -1.08 1.78 8.69
C GLY A 82 -1.81 2.45 7.51
N GLY A 83 -2.56 3.52 7.80
CA GLY A 83 -3.18 4.41 6.82
C GLY A 83 -2.29 5.57 6.36
N LEU A 84 -2.86 6.53 5.62
CA LEU A 84 -2.13 7.66 5.03
C LEU A 84 -1.52 8.61 6.08
N ASP A 85 -2.24 8.93 7.15
CA ASP A 85 -1.68 9.66 8.30
C ASP A 85 -0.47 8.94 8.90
N ILE A 86 -0.54 7.62 9.01
CA ILE A 86 0.52 6.80 9.61
C ILE A 86 1.79 6.77 8.73
N VAL A 87 1.68 6.47 7.42
CA VAL A 87 2.86 6.40 6.54
C VAL A 87 3.59 7.74 6.46
N THR A 88 2.84 8.85 6.50
CA THR A 88 3.40 10.21 6.52
C THR A 88 4.02 10.56 7.87
N LYS A 89 3.40 10.19 9.00
CA LYS A 89 3.99 10.36 10.33
C LYS A 89 5.30 9.58 10.50
N MET A 90 5.31 8.32 10.05
CA MET A 90 6.50 7.48 9.97
C MET A 90 7.57 8.03 9.00
N LEU A 91 7.21 8.69 7.90
CA LEU A 91 8.15 9.41 7.02
C LEU A 91 8.79 10.60 7.74
N GLU A 92 7.97 11.46 8.34
CA GLU A 92 8.42 12.64 9.11
C GLU A 92 9.30 12.26 10.32
N SER A 93 9.10 11.05 10.87
CA SER A 93 9.87 10.42 11.96
C SER A 93 11.08 9.60 11.47
N GLY A 94 11.21 9.40 10.15
CA GLY A 94 12.25 8.58 9.47
C GLY A 94 12.03 7.07 9.53
N ASP A 95 11.18 6.59 10.43
CA ASP A 95 10.81 5.19 10.65
C ASP A 95 10.34 4.43 9.40
N LEU A 96 9.63 5.10 8.49
CA LEU A 96 9.19 4.52 7.20
C LEU A 96 10.40 4.17 6.33
N LYS A 97 11.32 5.13 6.18
CA LYS A 97 12.58 4.98 5.44
C LYS A 97 13.55 4.02 6.16
N LYS A 98 13.43 3.88 7.49
CA LYS A 98 14.14 2.85 8.28
C LYS A 98 13.67 1.43 7.95
N MET A 99 12.37 1.20 7.77
CA MET A 99 11.88 -0.12 7.40
C MET A 99 12.38 -0.58 6.01
N LEU A 100 12.46 0.33 5.03
CA LEU A 100 12.94 0.02 3.67
C LEU A 100 14.37 -0.52 3.66
N ARG A 101 15.30 0.21 4.30
CA ARG A 101 16.73 -0.16 4.40
C ARG A 101 16.98 -1.41 5.25
N ASP A 102 16.11 -1.68 6.21
CA ASP A 102 16.10 -2.93 6.99
C ASP A 102 15.68 -4.16 6.18
N LYS A 103 14.67 -3.98 5.30
CA LYS A 103 14.07 -5.03 4.47
C LYS A 103 14.68 -5.16 3.07
N GLY A 104 15.65 -4.33 2.71
CA GLY A 104 16.26 -4.38 1.38
C GLY A 104 15.36 -3.88 0.24
N ILE A 105 14.42 -2.97 0.52
CA ILE A 105 13.41 -2.54 -0.46
C ILE A 105 13.94 -1.38 -1.30
N THR A 106 13.87 -1.50 -2.62
CA THR A 106 14.41 -0.55 -3.60
C THR A 106 13.98 0.89 -3.30
N CYS A 107 14.92 1.80 -3.08
CA CYS A 107 14.62 3.21 -2.81
C CYS A 107 15.76 4.17 -3.16
N ARG A 108 15.44 5.47 -3.19
CA ARG A 108 16.38 6.60 -3.25
C ARG A 108 17.32 6.68 -2.04
N ASP A 109 18.35 7.49 -2.17
CA ASP A 109 19.52 7.54 -1.29
C ASP A 109 19.19 7.83 0.18
N LEU A 110 19.70 6.92 1.01
CA LEU A 110 19.33 6.60 2.41
C LEU A 110 19.69 7.69 3.43
N GLY A 1 -9.81 -12.27 -16.60
CA GLY A 1 -11.03 -12.77 -15.93
C GLY A 1 -11.30 -11.98 -14.67
N ALA A 2 -12.09 -12.56 -13.75
CA ALA A 2 -12.27 -12.04 -12.40
C ALA A 2 -11.05 -12.31 -11.50
N MET A 3 -10.82 -11.43 -10.53
CA MET A 3 -9.88 -11.65 -9.42
C MET A 3 -10.57 -12.43 -8.29
N VAL A 4 -9.82 -13.18 -7.48
CA VAL A 4 -10.31 -13.84 -6.25
C VAL A 4 -9.47 -13.43 -5.05
N LYS A 5 -9.99 -13.58 -3.81
CA LYS A 5 -9.30 -13.11 -2.60
C LYS A 5 -7.89 -13.71 -2.46
N LYS A 6 -7.70 -14.98 -2.85
CA LYS A 6 -6.38 -15.65 -2.90
C LYS A 6 -5.35 -14.94 -3.82
N ASP A 7 -5.78 -14.28 -4.90
CA ASP A 7 -4.85 -13.54 -5.79
C ASP A 7 -4.20 -12.35 -5.06
N ILE A 8 -4.99 -11.60 -4.26
CA ILE A 8 -4.48 -10.51 -3.42
C ILE A 8 -3.61 -11.07 -2.29
N ASP A 9 -4.03 -12.17 -1.68
CA ASP A 9 -3.30 -12.80 -0.58
C ASP A 9 -1.91 -13.32 -1.00
N ASP A 10 -1.82 -13.96 -2.16
CA ASP A 10 -0.56 -14.39 -2.76
C ASP A 10 0.26 -13.21 -3.32
N THR A 11 -0.38 -12.11 -3.75
CA THR A 11 0.34 -10.85 -4.08
C THR A 11 1.05 -10.29 -2.84
N ILE A 12 0.37 -10.25 -1.69
CA ILE A 12 0.94 -9.74 -0.42
C ILE A 12 2.11 -10.60 0.08
N LYS A 13 2.14 -11.91 -0.24
CA LYS A 13 3.27 -12.80 0.00
C LYS A 13 4.38 -12.75 -1.07
N SER A 14 4.09 -12.30 -2.30
CA SER A 14 5.07 -12.19 -3.39
C SER A 14 5.80 -10.83 -3.44
N GLU A 15 5.04 -9.73 -3.42
CA GLU A 15 5.52 -8.36 -3.64
C GLU A 15 5.96 -7.69 -2.34
N ASP A 16 6.88 -6.74 -2.45
CA ASP A 16 7.57 -6.20 -1.27
C ASP A 16 6.81 -5.00 -0.70
N VAL A 17 6.03 -4.34 -1.56
CA VAL A 17 5.17 -3.20 -1.26
C VAL A 17 3.80 -3.40 -1.92
N VAL A 18 2.73 -3.37 -1.11
CA VAL A 18 1.35 -3.47 -1.60
C VAL A 18 0.48 -2.39 -0.96
N THR A 19 -0.33 -1.68 -1.74
CA THR A 19 -1.21 -0.62 -1.23
C THR A 19 -2.64 -0.76 -1.77
N PHE A 20 -3.61 -0.39 -0.93
CA PHE A 20 -5.04 -0.36 -1.22
C PHE A 20 -5.51 1.09 -1.30
N ILE A 21 -5.96 1.52 -2.47
CA ILE A 21 -6.41 2.89 -2.73
C ILE A 21 -7.81 2.93 -3.40
N LYS A 22 -8.25 4.15 -3.72
CA LYS A 22 -9.55 4.46 -4.33
C LYS A 22 -9.32 5.07 -5.72
N GLY A 23 -8.92 4.23 -6.67
CA GLY A 23 -8.70 4.59 -8.08
C GLY A 23 -7.52 3.83 -8.70
N LEU A 24 -7.10 4.21 -9.90
CA LEU A 24 -5.77 3.94 -10.45
C LEU A 24 -4.68 4.74 -9.70
N PRO A 25 -3.41 4.31 -9.77
CA PRO A 25 -2.31 5.01 -9.09
C PRO A 25 -1.88 6.29 -9.83
N GLU A 26 -2.02 6.29 -11.16
CA GLU A 26 -1.88 7.47 -12.03
C GLU A 26 -3.13 8.36 -12.14
N ALA A 27 -4.25 7.86 -11.62
CA ALA A 27 -5.55 8.53 -11.62
C ALA A 27 -6.42 8.14 -10.40
N PRO A 28 -6.02 8.52 -9.17
CA PRO A 28 -6.80 8.24 -7.97
C PRO A 28 -7.99 9.17 -7.89
N MET A 29 -9.12 8.61 -7.48
CA MET A 29 -10.39 9.29 -7.30
C MET A 29 -10.46 9.99 -5.93
N CYS A 30 -9.32 10.23 -5.26
CA CYS A 30 -9.24 10.81 -3.92
C CYS A 30 -7.86 11.40 -3.59
N ALA A 31 -7.85 12.50 -2.84
CA ALA A 31 -6.67 13.19 -2.35
C ALA A 31 -5.75 12.27 -1.52
N TYR A 32 -6.29 11.51 -0.56
CA TYR A 32 -5.46 10.65 0.29
C TYR A 32 -4.87 9.47 -0.49
N SER A 33 -5.57 8.99 -1.53
CA SER A 33 -5.05 7.96 -2.44
C SER A 33 -3.90 8.50 -3.31
N LYS A 34 -4.03 9.73 -3.84
CA LYS A 34 -2.91 10.50 -4.42
C LYS A 34 -1.72 10.58 -3.46
N ARG A 35 -1.99 10.98 -2.21
CA ARG A 35 -0.98 11.24 -1.19
C ARG A 35 -0.20 9.99 -0.74
N MET A 36 -0.85 8.81 -0.74
CA MET A 36 -0.17 7.50 -0.57
C MET A 36 0.79 7.22 -1.72
N ILE A 37 0.35 7.35 -2.97
CA ILE A 37 1.18 7.11 -4.16
C ILE A 37 2.39 8.06 -4.18
N ASP A 38 2.24 9.30 -3.73
CA ASP A 38 3.36 10.25 -3.61
C ASP A 38 4.46 9.79 -2.66
N VAL A 39 4.14 9.12 -1.55
CA VAL A 39 5.14 8.52 -0.64
C VAL A 39 5.93 7.41 -1.34
N LEU A 40 5.25 6.64 -2.18
CA LEU A 40 5.79 5.48 -2.91
C LEU A 40 6.60 5.89 -4.16
N GLU A 41 6.20 6.98 -4.82
CA GLU A 41 6.89 7.59 -5.96
C GLU A 41 7.98 8.59 -5.57
N ALA A 42 7.85 9.30 -4.44
CA ALA A 42 8.87 10.24 -3.96
C ALA A 42 10.10 9.54 -3.34
N LEU A 43 10.02 8.23 -3.08
CA LEU A 43 11.11 7.36 -2.61
C LEU A 43 11.61 6.35 -3.67
N GLY A 44 10.90 6.20 -4.80
CA GLY A 44 11.36 5.40 -5.95
C GLY A 44 11.19 3.87 -5.82
N LEU A 45 10.21 3.39 -5.06
CA LEU A 45 9.97 1.98 -4.77
C LEU A 45 9.30 1.26 -5.95
N GLU A 46 9.37 -0.06 -5.96
CA GLU A 46 8.53 -0.95 -6.75
C GLU A 46 7.36 -1.45 -5.89
N TYR A 47 6.12 -1.24 -6.35
CA TYR A 47 4.89 -1.62 -5.64
C TYR A 47 3.77 -2.11 -6.56
N THR A 48 2.83 -2.85 -5.96
CA THR A 48 1.52 -3.17 -6.53
C THR A 48 0.43 -2.34 -5.84
N SER A 49 -0.48 -1.78 -6.63
CA SER A 49 -1.63 -1.00 -6.15
C SER A 49 -2.96 -1.68 -6.52
N PHE A 50 -3.91 -1.71 -5.59
CA PHE A 50 -5.27 -2.24 -5.79
C PHE A 50 -6.32 -1.12 -5.64
N ASP A 51 -7.51 -1.28 -6.25
CA ASP A 51 -8.62 -0.33 -6.17
C ASP A 51 -9.88 -0.98 -5.56
N VAL A 52 -10.36 -0.43 -4.44
CA VAL A 52 -11.61 -0.91 -3.78
C VAL A 52 -12.85 -0.70 -4.63
N LEU A 53 -12.79 0.22 -5.59
CA LEU A 53 -13.89 0.54 -6.50
C LEU A 53 -13.87 -0.33 -7.78
N ALA A 54 -12.77 -1.05 -8.05
CA ALA A 54 -12.62 -1.88 -9.23
C ALA A 54 -13.06 -3.34 -9.03
N HIS A 55 -13.10 -3.84 -7.79
CA HIS A 55 -13.47 -5.21 -7.46
C HIS A 55 -13.85 -5.37 -5.97
N PRO A 56 -15.01 -5.94 -5.63
CA PRO A 56 -15.39 -6.18 -4.23
C PRO A 56 -14.39 -7.09 -3.48
N VAL A 57 -13.71 -8.03 -4.15
CA VAL A 57 -12.60 -8.83 -3.59
C VAL A 57 -11.53 -7.95 -2.91
N VAL A 58 -11.27 -6.75 -3.42
CA VAL A 58 -10.29 -5.81 -2.84
C VAL A 58 -10.79 -5.23 -1.51
N ARG A 59 -12.03 -4.72 -1.44
CA ARG A 59 -12.61 -4.20 -0.17
C ARG A 59 -12.93 -5.32 0.82
N SER A 60 -13.29 -6.50 0.32
CA SER A 60 -13.45 -7.73 1.11
C SER A 60 -12.13 -8.14 1.78
N TYR A 61 -10.99 -8.03 1.08
CA TYR A 61 -9.67 -8.26 1.69
C TYR A 61 -9.39 -7.27 2.83
N VAL A 62 -9.67 -5.98 2.64
CA VAL A 62 -9.47 -4.98 3.70
C VAL A 62 -10.35 -5.29 4.92
N LYS A 63 -11.65 -5.54 4.73
CA LYS A 63 -12.59 -5.75 5.84
C LYS A 63 -12.35 -7.07 6.59
N GLU A 64 -12.08 -8.16 5.87
CA GLU A 64 -12.03 -9.52 6.43
C GLU A 64 -10.60 -10.02 6.75
N VAL A 65 -9.56 -9.36 6.21
CA VAL A 65 -8.15 -9.78 6.37
C VAL A 65 -7.24 -8.70 6.97
N SER A 66 -7.44 -7.41 6.64
CA SER A 66 -6.70 -6.29 7.28
C SER A 66 -7.33 -5.86 8.61
N GLU A 67 -8.67 -5.80 8.67
CA GLU A 67 -9.47 -5.49 9.88
C GLU A 67 -9.16 -4.11 10.51
N TRP A 68 -8.71 -3.18 9.66
CA TRP A 68 -8.39 -1.77 9.98
C TRP A 68 -9.36 -0.80 9.27
N PRO A 69 -9.76 0.33 9.89
CA PRO A 69 -10.87 1.17 9.42
C PRO A 69 -10.55 2.17 8.29
N THR A 70 -9.27 2.44 8.00
CA THR A 70 -8.90 3.53 7.06
C THR A 70 -8.94 3.12 5.59
N ILE A 71 -9.12 4.10 4.72
CA ILE A 71 -8.68 4.07 3.32
C ILE A 71 -7.90 5.38 3.07
N PRO A 72 -6.75 5.35 2.37
CA PRO A 72 -6.03 4.16 1.88
C PRO A 72 -5.31 3.36 2.99
N GLN A 73 -4.67 2.25 2.60
CA GLN A 73 -3.82 1.41 3.46
C GLN A 73 -2.52 0.97 2.76
N LEU A 74 -1.48 0.69 3.54
CA LEU A 74 -0.18 0.17 3.11
C LEU A 74 0.17 -1.16 3.81
N PHE A 75 0.80 -2.06 3.06
CA PHE A 75 1.47 -3.29 3.50
C PHE A 75 2.93 -3.30 3.01
N ILE A 76 3.84 -3.80 3.84
CA ILE A 76 5.26 -4.02 3.48
C ILE A 76 5.65 -5.46 3.85
N LYS A 77 6.29 -6.18 2.94
CA LYS A 77 6.89 -7.52 3.16
C LYS A 77 5.95 -8.53 3.87
N ALA A 78 4.67 -8.54 3.48
CA ALA A 78 3.60 -9.39 4.03
C ALA A 78 3.11 -9.05 5.46
N GLU A 79 3.28 -7.81 5.92
CA GLU A 79 2.66 -7.25 7.12
C GLU A 79 1.92 -5.93 6.82
N PHE A 80 0.82 -5.66 7.53
CA PHE A 80 0.13 -4.36 7.50
C PHE A 80 1.00 -3.27 8.14
N VAL A 81 0.93 -2.04 7.62
CA VAL A 81 1.77 -0.91 8.02
C VAL A 81 0.99 0.26 8.62
N GLY A 82 -0.07 0.72 7.95
CA GLY A 82 -0.89 1.85 8.42
C GLY A 82 -1.73 2.51 7.32
N GLY A 83 -2.54 3.50 7.71
CA GLY A 83 -3.19 4.45 6.81
C GLY A 83 -2.35 5.70 6.52
N LEU A 84 -2.93 6.68 5.82
CA LEU A 84 -2.20 7.82 5.24
C LEU A 84 -1.55 8.75 6.28
N ASP A 85 -2.25 9.03 7.40
CA ASP A 85 -1.71 9.80 8.52
C ASP A 85 -0.48 9.13 9.15
N ILE A 86 -0.49 7.80 9.26
CA ILE A 86 0.58 6.99 9.84
C ILE A 86 1.83 6.94 8.94
N VAL A 87 1.67 6.64 7.64
CA VAL A 87 2.84 6.55 6.73
C VAL A 87 3.58 7.89 6.61
N THR A 88 2.84 8.99 6.64
CA THR A 88 3.40 10.35 6.62
C THR A 88 4.03 10.74 7.96
N LYS A 89 3.43 10.39 9.11
CA LYS A 89 4.09 10.49 10.43
C LYS A 89 5.43 9.76 10.45
N MET A 90 5.45 8.51 9.96
CA MET A 90 6.66 7.69 9.86
C MET A 90 7.68 8.25 8.85
N LEU A 91 7.27 8.91 7.76
CA LEU A 91 8.16 9.59 6.81
C LEU A 91 8.90 10.76 7.47
N GLU A 92 8.16 11.68 8.10
CA GLU A 92 8.75 12.80 8.86
C GLU A 92 9.67 12.30 9.99
N SER A 93 9.26 11.21 10.63
CA SER A 93 10.02 10.53 11.69
C SER A 93 11.19 9.68 11.19
N GLY A 94 11.41 9.58 9.87
CA GLY A 94 12.40 8.70 9.24
C GLY A 94 12.06 7.20 9.29
N ASP A 95 11.26 6.74 10.26
CA ASP A 95 10.82 5.35 10.46
C ASP A 95 10.33 4.63 9.18
N LEU A 96 9.64 5.35 8.27
CA LEU A 96 9.13 4.78 7.01
C LEU A 96 10.28 4.43 6.05
N LYS A 97 11.23 5.36 5.91
CA LYS A 97 12.47 5.16 5.17
C LYS A 97 13.34 4.09 5.84
N LYS A 98 13.36 4.05 7.18
CA LYS A 98 14.16 3.11 7.97
C LYS A 98 13.76 1.66 7.72
N MET A 99 12.47 1.37 7.56
CA MET A 99 12.00 0.01 7.26
C MET A 99 12.55 -0.53 5.93
N LEU A 100 12.76 0.33 4.93
CA LEU A 100 13.24 -0.06 3.60
C LEU A 100 14.67 -0.61 3.66
N ARG A 101 15.58 0.09 4.34
CA ARG A 101 16.98 -0.34 4.55
C ARG A 101 17.09 -1.57 5.44
N ASP A 102 16.14 -1.74 6.34
CA ASP A 102 16.06 -2.91 7.22
C ASP A 102 15.62 -4.16 6.43
N LYS A 103 14.61 -4.01 5.58
CA LYS A 103 14.04 -5.10 4.76
C LYS A 103 14.72 -5.34 3.41
N GLY A 104 15.67 -4.48 3.02
CA GLY A 104 16.40 -4.59 1.76
C GLY A 104 15.63 -4.14 0.50
N ILE A 105 14.80 -3.10 0.59
CA ILE A 105 13.89 -2.65 -0.50
C ILE A 105 14.51 -1.51 -1.33
N THR A 106 14.25 -1.53 -2.64
CA THR A 106 14.68 -0.50 -3.61
C THR A 106 14.16 0.88 -3.24
N CYS A 107 15.07 1.85 -3.11
CA CYS A 107 14.73 3.25 -2.87
C CYS A 107 15.90 4.21 -3.14
N ARG A 108 15.58 5.50 -3.18
CA ARG A 108 16.51 6.65 -3.07
C ARG A 108 17.42 6.56 -1.84
N ASP A 109 18.45 7.40 -1.81
CA ASP A 109 19.43 7.53 -0.73
C ASP A 109 18.77 7.67 0.65
N LEU A 110 19.08 6.70 1.51
CA LEU A 110 18.79 6.66 2.96
C LEU A 110 19.54 7.72 3.76
N GLY A 1 -14.32 -16.87 -14.83
CA GLY A 1 -14.15 -15.42 -14.68
C GLY A 1 -13.99 -15.02 -13.22
N ALA A 2 -14.06 -13.71 -12.94
CA ALA A 2 -13.85 -13.06 -11.64
C ALA A 2 -12.44 -13.20 -11.01
N MET A 3 -12.10 -12.22 -10.17
CA MET A 3 -10.98 -12.31 -9.23
C MET A 3 -11.43 -13.03 -7.94
N VAL A 4 -10.50 -13.73 -7.28
CA VAL A 4 -10.72 -14.42 -5.99
C VAL A 4 -9.72 -13.90 -4.95
N LYS A 5 -10.00 -14.06 -3.65
CA LYS A 5 -9.19 -13.39 -2.62
C LYS A 5 -7.73 -13.88 -2.57
N LYS A 6 -7.44 -15.12 -3.01
CA LYS A 6 -6.08 -15.64 -3.26
C LYS A 6 -5.26 -14.79 -4.23
N ASP A 7 -5.89 -14.24 -5.28
CA ASP A 7 -5.22 -13.36 -6.26
C ASP A 7 -4.66 -12.08 -5.61
N ILE A 8 -5.22 -11.67 -4.47
CA ILE A 8 -4.67 -10.61 -3.60
C ILE A 8 -3.72 -11.21 -2.56
N ASP A 9 -4.15 -12.20 -1.77
CA ASP A 9 -3.45 -12.66 -0.58
C ASP A 9 -2.09 -13.34 -0.87
N ASP A 10 -1.93 -13.95 -2.04
CA ASP A 10 -0.64 -14.47 -2.51
C ASP A 10 0.22 -13.40 -3.20
N THR A 11 -0.41 -12.38 -3.80
CA THR A 11 0.29 -11.19 -4.31
C THR A 11 0.85 -10.33 -3.16
N ILE A 12 0.15 -10.24 -2.02
CA ILE A 12 0.66 -9.65 -0.76
C ILE A 12 1.96 -10.34 -0.34
N LYS A 13 2.05 -11.67 -0.46
CA LYS A 13 3.25 -12.47 -0.18
C LYS A 13 4.33 -12.38 -1.26
N SER A 14 3.99 -12.16 -2.53
CA SER A 14 4.94 -12.09 -3.63
C SER A 14 5.67 -10.74 -3.73
N GLU A 15 4.92 -9.64 -3.64
CA GLU A 15 5.44 -8.28 -3.87
C GLU A 15 6.11 -7.74 -2.59
N ASP A 16 7.09 -6.86 -2.76
CA ASP A 16 7.86 -6.30 -1.63
C ASP A 16 7.10 -5.14 -0.96
N VAL A 17 6.25 -4.47 -1.73
CA VAL A 17 5.37 -3.36 -1.32
C VAL A 17 3.99 -3.55 -1.95
N VAL A 18 2.92 -3.44 -1.15
CA VAL A 18 1.53 -3.46 -1.64
C VAL A 18 0.70 -2.36 -0.98
N THR A 19 -0.20 -1.73 -1.74
CA THR A 19 -1.11 -0.70 -1.22
C THR A 19 -2.54 -0.86 -1.76
N PHE A 20 -3.51 -0.44 -0.95
CA PHE A 20 -4.94 -0.40 -1.30
C PHE A 20 -5.39 1.06 -1.34
N ILE A 21 -5.84 1.51 -2.51
CA ILE A 21 -6.27 2.89 -2.76
C ILE A 21 -7.67 2.95 -3.36
N LYS A 22 -8.11 4.16 -3.68
CA LYS A 22 -9.43 4.48 -4.23
C LYS A 22 -9.24 5.06 -5.64
N GLY A 23 -8.87 4.21 -6.60
CA GLY A 23 -8.72 4.54 -8.02
C GLY A 23 -7.55 3.76 -8.68
N LEU A 24 -7.15 4.18 -9.89
CA LEU A 24 -5.84 3.87 -10.44
C LEU A 24 -4.69 4.60 -9.74
N PRO A 25 -3.45 4.13 -9.91
CA PRO A 25 -2.27 4.77 -9.32
C PRO A 25 -1.96 6.13 -9.95
N GLU A 26 -2.06 6.23 -11.28
CA GLU A 26 -1.87 7.50 -12.02
C GLU A 26 -3.10 8.44 -11.97
N ALA A 27 -4.28 7.85 -11.75
CA ALA A 27 -5.57 8.54 -11.70
C ALA A 27 -6.43 8.07 -10.51
N PRO A 28 -6.05 8.43 -9.27
CA PRO A 28 -6.88 8.14 -8.12
C PRO A 28 -8.13 9.02 -8.12
N MET A 29 -9.16 8.51 -7.47
CA MET A 29 -10.45 9.16 -7.25
C MET A 29 -10.49 9.88 -5.89
N CYS A 30 -9.33 10.13 -5.26
CA CYS A 30 -9.20 10.74 -3.95
C CYS A 30 -7.80 11.36 -3.69
N ALA A 31 -7.77 12.53 -3.05
CA ALA A 31 -6.56 13.23 -2.62
C ALA A 31 -5.60 12.36 -1.78
N TYR A 32 -6.10 11.66 -0.77
CA TYR A 32 -5.26 10.81 0.10
C TYR A 32 -4.66 9.61 -0.65
N SER A 33 -5.34 9.12 -1.70
CA SER A 33 -4.81 8.08 -2.58
C SER A 33 -3.65 8.59 -3.45
N LYS A 34 -3.75 9.82 -4.01
CA LYS A 34 -2.62 10.53 -4.65
C LYS A 34 -1.45 10.65 -3.67
N ARG A 35 -1.74 11.06 -2.43
CA ARG A 35 -0.73 11.28 -1.39
C ARG A 35 0.00 9.98 -0.99
N MET A 36 -0.66 8.82 -0.99
CA MET A 36 -0.02 7.50 -0.80
C MET A 36 0.94 7.18 -1.96
N ILE A 37 0.48 7.26 -3.21
CA ILE A 37 1.31 6.97 -4.39
C ILE A 37 2.53 7.88 -4.45
N ASP A 38 2.40 9.15 -4.06
CA ASP A 38 3.53 10.09 -3.99
C ASP A 38 4.65 9.62 -3.05
N VAL A 39 4.35 9.05 -1.87
CA VAL A 39 5.36 8.50 -0.93
C VAL A 39 6.17 7.39 -1.62
N LEU A 40 5.48 6.56 -2.39
CA LEU A 40 6.03 5.37 -3.03
C LEU A 40 6.86 5.72 -4.28
N GLU A 41 6.41 6.69 -5.08
CA GLU A 41 7.15 7.27 -6.21
C GLU A 41 8.29 8.20 -5.75
N ALA A 42 8.10 8.99 -4.69
CA ALA A 42 9.10 9.96 -4.23
C ALA A 42 10.29 9.29 -3.54
N LEU A 43 10.10 8.09 -2.98
CA LEU A 43 11.18 7.24 -2.47
C LEU A 43 11.71 6.25 -3.53
N GLY A 44 10.99 6.06 -4.65
CA GLY A 44 11.44 5.29 -5.82
C GLY A 44 11.21 3.78 -5.74
N LEU A 45 10.18 3.33 -5.01
CA LEU A 45 9.91 1.93 -4.71
C LEU A 45 9.08 1.28 -5.80
N GLU A 46 9.30 0.00 -6.06
CA GLU A 46 8.41 -0.84 -6.85
C GLU A 46 7.33 -1.48 -5.98
N TYR A 47 6.06 -1.32 -6.37
CA TYR A 47 4.87 -1.78 -5.65
C TYR A 47 3.79 -2.36 -6.58
N THR A 48 2.81 -3.07 -6.01
CA THR A 48 1.51 -3.35 -6.64
C THR A 48 0.40 -2.62 -5.89
N SER A 49 -0.49 -1.95 -6.63
CA SER A 49 -1.62 -1.17 -6.10
C SER A 49 -2.97 -1.78 -6.49
N PHE A 50 -3.92 -1.82 -5.55
CA PHE A 50 -5.27 -2.39 -5.72
C PHE A 50 -6.35 -1.33 -5.45
N ASP A 51 -7.45 -1.33 -6.22
CA ASP A 51 -8.56 -0.37 -6.11
C ASP A 51 -9.79 -0.97 -5.39
N VAL A 52 -10.20 -0.39 -4.26
CA VAL A 52 -11.39 -0.84 -3.48
C VAL A 52 -12.73 -0.53 -4.17
N LEU A 53 -12.69 0.28 -5.23
CA LEU A 53 -13.82 0.60 -6.08
C LEU A 53 -13.98 -0.36 -7.28
N ALA A 54 -12.96 -1.17 -7.59
CA ALA A 54 -12.95 -2.00 -8.79
C ALA A 54 -13.63 -3.38 -8.61
N HIS A 55 -13.53 -4.01 -7.43
CA HIS A 55 -14.01 -5.35 -7.17
C HIS A 55 -14.29 -5.52 -5.65
N PRO A 56 -15.44 -6.08 -5.25
CA PRO A 56 -15.77 -6.33 -3.84
C PRO A 56 -14.72 -7.19 -3.08
N VAL A 57 -14.07 -8.16 -3.72
CA VAL A 57 -12.89 -8.88 -3.18
C VAL A 57 -11.80 -7.93 -2.67
N VAL A 58 -11.53 -6.80 -3.36
CA VAL A 58 -10.47 -5.85 -2.94
C VAL A 58 -10.85 -5.12 -1.65
N ARG A 59 -12.07 -4.59 -1.56
CA ARG A 59 -12.56 -3.91 -0.33
C ARG A 59 -12.79 -4.90 0.81
N SER A 60 -13.26 -6.12 0.51
CA SER A 60 -13.32 -7.21 1.50
C SER A 60 -11.94 -7.62 2.02
N TYR A 61 -10.85 -7.43 1.26
CA TYR A 61 -9.51 -7.73 1.78
C TYR A 61 -9.13 -6.78 2.94
N VAL A 62 -9.30 -5.46 2.77
CA VAL A 62 -9.03 -4.50 3.85
C VAL A 62 -10.02 -4.62 5.00
N LYS A 63 -11.29 -4.98 4.73
CA LYS A 63 -12.31 -5.13 5.78
C LYS A 63 -12.14 -6.44 6.58
N GLU A 64 -11.86 -7.55 5.92
CA GLU A 64 -11.94 -8.91 6.49
C GLU A 64 -10.59 -9.62 6.72
N VAL A 65 -9.51 -9.16 6.09
CA VAL A 65 -8.15 -9.72 6.24
C VAL A 65 -7.21 -8.74 6.95
N SER A 66 -7.14 -7.48 6.50
CA SER A 66 -6.44 -6.41 7.24
C SER A 66 -7.19 -6.08 8.55
N GLU A 67 -8.53 -6.13 8.50
CA GLU A 67 -9.45 -5.81 9.60
C GLU A 67 -9.28 -4.39 10.16
N TRP A 68 -8.93 -3.47 9.28
CA TRP A 68 -8.59 -2.08 9.61
C TRP A 68 -9.58 -1.08 8.95
N PRO A 69 -10.07 -0.06 9.66
CA PRO A 69 -11.19 0.79 9.21
C PRO A 69 -10.83 1.80 8.11
N THR A 70 -9.56 2.23 8.07
CA THR A 70 -9.08 3.35 7.26
C THR A 70 -8.92 3.03 5.77
N ILE A 71 -9.03 4.04 4.91
CA ILE A 71 -8.58 4.07 3.50
C ILE A 71 -7.74 5.35 3.28
N PRO A 72 -6.67 5.32 2.47
CA PRO A 72 -6.02 4.13 1.88
C PRO A 72 -5.21 3.31 2.92
N GLN A 73 -4.62 2.19 2.51
CA GLN A 73 -3.78 1.33 3.36
C GLN A 73 -2.46 0.90 2.68
N LEU A 74 -1.45 0.57 3.48
CA LEU A 74 -0.10 0.18 3.07
C LEU A 74 0.36 -1.13 3.76
N PHE A 75 1.04 -1.99 3.00
CA PHE A 75 1.70 -3.23 3.41
C PHE A 75 3.15 -3.26 2.90
N ILE A 76 4.07 -3.81 3.70
CA ILE A 76 5.49 -4.03 3.35
C ILE A 76 5.86 -5.49 3.62
N LYS A 77 6.42 -6.19 2.62
CA LYS A 77 6.91 -7.59 2.71
C LYS A 77 5.92 -8.55 3.40
N ALA A 78 4.62 -8.43 3.08
CA ALA A 78 3.50 -9.14 3.71
C ALA A 78 3.28 -8.86 5.22
N GLU A 79 3.43 -7.62 5.67
CA GLU A 79 2.95 -7.10 6.95
C GLU A 79 2.29 -5.72 6.76
N PHE A 80 1.20 -5.45 7.48
CA PHE A 80 0.48 -4.17 7.46
C PHE A 80 1.30 -3.05 8.14
N VAL A 81 1.17 -1.83 7.61
CA VAL A 81 1.89 -0.61 8.05
C VAL A 81 0.96 0.42 8.70
N GLY A 82 -0.15 0.75 8.04
CA GLY A 82 -1.06 1.82 8.46
C GLY A 82 -1.84 2.45 7.30
N GLY A 83 -2.64 3.47 7.62
CA GLY A 83 -3.23 4.39 6.65
C GLY A 83 -2.35 5.61 6.31
N LEU A 84 -2.94 6.62 5.68
CA LEU A 84 -2.21 7.75 5.08
C LEU A 84 -1.60 8.71 6.13
N ASP A 85 -2.30 8.96 7.23
CA ASP A 85 -1.74 9.69 8.37
C ASP A 85 -0.52 8.96 8.95
N ILE A 86 -0.58 7.63 9.07
CA ILE A 86 0.47 6.80 9.65
C ILE A 86 1.74 6.75 8.78
N VAL A 87 1.66 6.40 7.49
CA VAL A 87 2.82 6.41 6.55
C VAL A 87 3.57 7.74 6.58
N THR A 88 2.82 8.84 6.61
CA THR A 88 3.39 10.19 6.64
C THR A 88 3.97 10.56 8.01
N LYS A 89 3.30 10.20 9.12
CA LYS A 89 3.87 10.29 10.49
C LYS A 89 5.20 9.54 10.61
N MET A 90 5.25 8.30 10.10
CA MET A 90 6.45 7.46 10.04
C MET A 90 7.54 8.07 9.12
N LEU A 91 7.19 8.72 8.00
CA LEU A 91 8.14 9.44 7.12
C LEU A 91 8.76 10.65 7.84
N GLU A 92 7.94 11.49 8.47
CA GLU A 92 8.42 12.61 9.28
C GLU A 92 9.27 12.11 10.47
N SER A 93 8.88 11.01 11.10
CA SER A 93 9.66 10.32 12.15
C SER A 93 10.93 9.63 11.65
N GLY A 94 11.09 9.42 10.34
CA GLY A 94 12.15 8.61 9.73
C GLY A 94 11.90 7.09 9.78
N ASP A 95 11.09 6.60 10.73
CA ASP A 95 10.70 5.18 10.89
C ASP A 95 10.22 4.46 9.61
N LEU A 96 9.62 5.18 8.66
CA LEU A 96 9.21 4.63 7.35
C LEU A 96 10.44 4.30 6.49
N LYS A 97 11.35 5.27 6.36
CA LYS A 97 12.64 5.11 5.67
C LYS A 97 13.52 4.07 6.37
N LYS A 98 13.42 3.99 7.71
CA LYS A 98 14.15 3.02 8.54
C LYS A 98 13.76 1.57 8.24
N MET A 99 12.46 1.29 8.01
CA MET A 99 12.02 -0.02 7.58
C MET A 99 12.52 -0.43 6.19
N LEU A 100 12.47 0.48 5.20
CA LEU A 100 12.88 0.16 3.82
C LEU A 100 14.36 -0.20 3.75
N ARG A 101 15.21 0.58 4.44
CA ARG A 101 16.66 0.30 4.51
C ARG A 101 16.96 -1.00 5.26
N ASP A 102 16.18 -1.32 6.29
CA ASP A 102 16.28 -2.61 6.99
C ASP A 102 15.87 -3.81 6.13
N LYS A 103 14.73 -3.70 5.43
CA LYS A 103 14.17 -4.75 4.58
C LYS A 103 14.92 -4.91 3.25
N GLY A 104 15.78 -3.96 2.88
CA GLY A 104 16.52 -4.02 1.61
C GLY A 104 15.66 -3.71 0.39
N ILE A 105 14.72 -2.75 0.49
CA ILE A 105 13.86 -2.34 -0.62
C ILE A 105 14.54 -1.23 -1.44
N THR A 106 14.34 -1.26 -2.75
CA THR A 106 14.86 -0.26 -3.70
C THR A 106 14.39 1.14 -3.32
N CYS A 107 15.29 2.03 -2.91
CA CYS A 107 14.92 3.41 -2.61
C CYS A 107 16.07 4.41 -2.87
N ARG A 108 15.71 5.69 -2.88
CA ARG A 108 16.62 6.84 -2.88
C ARG A 108 17.40 6.98 -1.57
N ASP A 109 18.40 7.84 -1.55
CA ASP A 109 19.39 8.07 -0.49
C ASP A 109 18.75 8.22 0.90
N LEU A 110 19.28 7.44 1.84
CA LEU A 110 18.95 7.42 3.27
C LEU A 110 19.77 8.49 4.02
N GLY A 1 -6.38 -14.83 -15.59
CA GLY A 1 -7.74 -15.26 -15.25
C GLY A 1 -8.40 -14.27 -14.30
N ALA A 2 -9.64 -14.53 -13.89
CA ALA A 2 -10.34 -13.68 -12.91
C ALA A 2 -9.64 -13.66 -11.55
N MET A 3 -9.73 -12.54 -10.84
CA MET A 3 -9.23 -12.39 -9.49
C MET A 3 -10.14 -13.14 -8.50
N VAL A 4 -9.51 -13.86 -7.58
CA VAL A 4 -10.11 -14.41 -6.36
C VAL A 4 -9.35 -13.87 -5.13
N LYS A 5 -9.87 -14.02 -3.90
CA LYS A 5 -9.22 -13.51 -2.68
C LYS A 5 -7.78 -14.02 -2.53
N LYS A 6 -7.54 -15.28 -2.93
CA LYS A 6 -6.21 -15.90 -3.01
C LYS A 6 -5.21 -15.14 -3.90
N ASP A 7 -5.65 -14.46 -4.97
CA ASP A 7 -4.75 -13.67 -5.82
C ASP A 7 -4.25 -12.39 -5.15
N ILE A 8 -5.07 -11.77 -4.29
CA ILE A 8 -4.61 -10.66 -3.45
C ILE A 8 -3.67 -11.21 -2.37
N ASP A 9 -4.05 -12.29 -1.69
CA ASP A 9 -3.24 -12.88 -0.60
C ASP A 9 -1.86 -13.36 -1.08
N ASP A 10 -1.78 -13.97 -2.26
CA ASP A 10 -0.55 -14.40 -2.92
C ASP A 10 0.30 -13.21 -3.41
N THR A 11 -0.34 -12.16 -3.92
CA THR A 11 0.36 -10.93 -4.35
C THR A 11 0.90 -10.14 -3.15
N ILE A 12 0.19 -10.11 -2.02
CA ILE A 12 0.68 -9.56 -0.74
C ILE A 12 1.96 -10.29 -0.28
N LYS A 13 2.10 -11.58 -0.58
CA LYS A 13 3.26 -12.43 -0.28
C LYS A 13 4.42 -12.34 -1.30
N SER A 14 4.15 -11.92 -2.53
CA SER A 14 5.12 -11.86 -3.64
C SER A 14 5.61 -10.44 -3.98
N GLU A 15 4.85 -9.39 -3.64
CA GLU A 15 5.26 -7.99 -3.68
C GLU A 15 5.76 -7.56 -2.29
N ASP A 16 6.69 -6.62 -2.22
CA ASP A 16 7.32 -6.18 -0.96
C ASP A 16 6.60 -4.97 -0.36
N VAL A 17 5.93 -4.20 -1.22
CA VAL A 17 5.15 -2.99 -0.92
C VAL A 17 3.79 -3.10 -1.61
N VAL A 18 2.70 -3.05 -0.84
CA VAL A 18 1.32 -3.15 -1.36
C VAL A 18 0.42 -2.09 -0.73
N THR A 19 -0.47 -1.48 -1.50
CA THR A 19 -1.39 -0.43 -1.02
C THR A 19 -2.81 -0.62 -1.55
N PHE A 20 -3.81 -0.30 -0.73
CA PHE A 20 -5.24 -0.34 -1.06
C PHE A 20 -5.78 1.10 -1.12
N ILE A 21 -6.28 1.53 -2.27
CA ILE A 21 -6.60 2.94 -2.57
C ILE A 21 -7.93 3.13 -3.34
N LYS A 22 -8.35 4.39 -3.49
CA LYS A 22 -9.46 4.82 -4.36
C LYS A 22 -8.93 5.27 -5.74
N GLY A 23 -8.52 4.32 -6.59
CA GLY A 23 -8.29 4.54 -8.03
C GLY A 23 -7.15 3.66 -8.58
N LEU A 24 -6.79 3.83 -9.85
CA LEU A 24 -5.49 3.45 -10.39
C LEU A 24 -4.37 4.35 -9.80
N PRO A 25 -3.12 3.88 -9.75
CA PRO A 25 -2.00 4.65 -9.20
C PRO A 25 -1.50 5.72 -10.18
N GLU A 26 -1.85 5.62 -11.47
CA GLU A 26 -1.61 6.65 -12.49
C GLU A 26 -2.73 7.71 -12.59
N ALA A 27 -3.93 7.39 -12.09
CA ALA A 27 -5.10 8.27 -12.06
C ALA A 27 -5.98 8.03 -10.81
N PRO A 28 -5.49 8.33 -9.59
CA PRO A 28 -6.23 8.14 -8.35
C PRO A 28 -7.40 9.13 -8.26
N MET A 29 -8.56 8.63 -7.86
CA MET A 29 -9.83 9.37 -7.88
C MET A 29 -10.01 10.30 -6.68
N CYS A 30 -9.18 10.16 -5.64
CA CYS A 30 -9.40 10.68 -4.30
C CYS A 30 -8.10 11.20 -3.64
N ALA A 31 -8.17 12.28 -2.85
CA ALA A 31 -7.01 13.06 -2.40
C ALA A 31 -5.95 12.25 -1.64
N TYR A 32 -6.33 11.51 -0.59
CA TYR A 32 -5.38 10.73 0.21
C TYR A 32 -4.82 9.54 -0.57
N SER A 33 -5.55 9.05 -1.58
CA SER A 33 -5.07 8.03 -2.52
C SER A 33 -3.99 8.57 -3.46
N LYS A 34 -4.10 9.84 -3.89
CA LYS A 34 -2.99 10.57 -4.54
C LYS A 34 -1.80 10.72 -3.57
N ARG A 35 -2.05 11.24 -2.36
CA ARG A 35 -1.01 11.49 -1.35
C ARG A 35 -0.25 10.23 -0.90
N MET A 36 -0.89 9.05 -0.91
CA MET A 36 -0.25 7.74 -0.74
C MET A 36 0.73 7.42 -1.88
N ILE A 37 0.29 7.51 -3.14
CA ILE A 37 1.15 7.23 -4.29
C ILE A 37 2.34 8.21 -4.34
N ASP A 38 2.16 9.45 -3.89
CA ASP A 38 3.21 10.47 -3.68
C ASP A 38 4.19 10.17 -2.54
N VAL A 39 3.90 9.22 -1.66
CA VAL A 39 4.94 8.62 -0.78
C VAL A 39 5.76 7.59 -1.55
N LEU A 40 5.09 6.71 -2.31
CA LEU A 40 5.71 5.55 -2.96
C LEU A 40 6.51 5.92 -4.23
N GLU A 41 6.03 6.88 -5.01
CA GLU A 41 6.73 7.48 -6.15
C GLU A 41 7.87 8.39 -5.70
N ALA A 42 7.66 9.23 -4.68
CA ALA A 42 8.64 10.22 -4.25
C ALA A 42 9.88 9.60 -3.58
N LEU A 43 9.80 8.33 -3.14
CA LEU A 43 10.94 7.51 -2.69
C LEU A 43 11.43 6.51 -3.75
N GLY A 44 10.85 6.45 -4.94
CA GLY A 44 11.32 5.62 -6.06
C GLY A 44 11.05 4.11 -5.94
N LEU A 45 10.04 3.71 -5.16
CA LEU A 45 9.78 2.32 -4.80
C LEU A 45 9.06 1.54 -5.92
N GLU A 46 9.19 0.22 -5.83
CA GLU A 46 8.39 -0.77 -6.54
C GLU A 46 7.26 -1.28 -5.66
N TYR A 47 6.03 -1.17 -6.15
CA TYR A 47 4.80 -1.51 -5.42
C TYR A 47 3.72 -2.07 -6.34
N THR A 48 2.71 -2.72 -5.74
CA THR A 48 1.43 -3.04 -6.39
C THR A 48 0.29 -2.31 -5.67
N SER A 49 -0.57 -1.65 -6.45
CA SER A 49 -1.74 -0.92 -5.96
C SER A 49 -3.06 -1.62 -6.32
N PHE A 50 -3.96 -1.70 -5.35
CA PHE A 50 -5.29 -2.34 -5.43
C PHE A 50 -6.43 -1.33 -5.21
N ASP A 51 -7.39 -1.27 -6.13
CA ASP A 51 -8.52 -0.33 -6.05
C ASP A 51 -9.80 -0.96 -5.47
N VAL A 52 -10.29 -0.41 -4.36
CA VAL A 52 -11.53 -0.87 -3.69
C VAL A 52 -12.80 -0.59 -4.49
N LEU A 53 -12.71 0.33 -5.44
CA LEU A 53 -13.80 0.76 -6.33
C LEU A 53 -13.95 -0.09 -7.59
N ALA A 54 -13.03 -1.05 -7.80
CA ALA A 54 -12.90 -1.80 -9.05
C ALA A 54 -13.21 -3.30 -8.94
N HIS A 55 -13.28 -3.88 -7.74
CA HIS A 55 -13.61 -5.29 -7.54
C HIS A 55 -14.06 -5.54 -6.08
N PRO A 56 -15.18 -6.23 -5.84
CA PRO A 56 -15.69 -6.51 -4.49
C PRO A 56 -14.68 -7.29 -3.63
N VAL A 57 -13.93 -8.22 -4.23
CA VAL A 57 -12.86 -8.97 -3.56
C VAL A 57 -11.80 -8.06 -2.93
N VAL A 58 -11.45 -6.92 -3.56
CA VAL A 58 -10.44 -6.00 -3.02
C VAL A 58 -10.90 -5.35 -1.72
N ARG A 59 -12.12 -4.83 -1.66
CA ARG A 59 -12.66 -4.20 -0.43
C ARG A 59 -13.08 -5.22 0.64
N SER A 60 -13.43 -6.44 0.21
CA SER A 60 -13.61 -7.60 1.09
C SER A 60 -12.29 -8.03 1.74
N TYR A 61 -11.17 -8.06 1.02
CA TYR A 61 -9.84 -8.36 1.57
C TYR A 61 -9.47 -7.38 2.68
N VAL A 62 -9.70 -6.07 2.47
CA VAL A 62 -9.49 -5.06 3.52
C VAL A 62 -10.33 -5.35 4.77
N LYS A 63 -11.64 -5.58 4.62
CA LYS A 63 -12.54 -5.80 5.77
C LYS A 63 -12.22 -7.08 6.53
N GLU A 64 -11.81 -8.15 5.84
CA GLU A 64 -11.60 -9.47 6.45
C GLU A 64 -10.14 -9.76 6.84
N VAL A 65 -9.14 -9.13 6.23
CA VAL A 65 -7.71 -9.44 6.45
C VAL A 65 -6.93 -8.27 7.07
N SER A 66 -7.21 -7.01 6.69
CA SER A 66 -6.72 -5.84 7.43
C SER A 66 -7.52 -5.65 8.72
N GLU A 67 -8.86 -5.71 8.61
CA GLU A 67 -9.89 -5.45 9.64
C GLU A 67 -9.88 -4.04 10.27
N TRP A 68 -8.86 -3.23 9.96
CA TRP A 68 -8.77 -1.80 10.23
C TRP A 68 -9.71 -1.00 9.31
N PRO A 69 -10.42 0.03 9.82
CA PRO A 69 -11.44 0.76 9.04
C PRO A 69 -10.88 1.70 7.97
N THR A 70 -9.77 2.39 8.26
CA THR A 70 -9.30 3.54 7.47
C THR A 70 -8.86 3.14 6.06
N ILE A 71 -9.33 3.83 5.02
CA ILE A 71 -8.81 3.81 3.64
C ILE A 71 -8.21 5.19 3.29
N PRO A 72 -7.09 5.26 2.54
CA PRO A 72 -6.28 4.17 2.01
C PRO A 72 -5.37 3.50 3.06
N GLN A 73 -4.78 2.35 2.69
CA GLN A 73 -3.92 1.51 3.54
C GLN A 73 -2.60 1.15 2.87
N LEU A 74 -1.56 0.89 3.67
CA LEU A 74 -0.24 0.42 3.26
C LEU A 74 0.15 -0.88 4.01
N PHE A 75 0.78 -1.79 3.27
CA PHE A 75 1.42 -3.02 3.75
C PHE A 75 2.89 -3.05 3.30
N ILE A 76 3.78 -3.58 4.15
CA ILE A 76 5.20 -3.84 3.84
C ILE A 76 5.54 -5.28 4.24
N LYS A 77 6.19 -6.04 3.34
CA LYS A 77 6.56 -7.46 3.50
C LYS A 77 5.44 -8.28 4.18
N ALA A 78 4.25 -8.23 3.57
CA ALA A 78 3.02 -8.91 4.01
C ALA A 78 2.49 -8.56 5.42
N GLU A 79 2.84 -7.44 6.05
CA GLU A 79 2.22 -6.94 7.27
C GLU A 79 1.58 -5.56 7.07
N PHE A 80 0.41 -5.31 7.68
CA PHE A 80 -0.23 -3.99 7.69
C PHE A 80 0.64 -2.96 8.46
N VAL A 81 0.78 -1.77 7.87
CA VAL A 81 1.66 -0.69 8.34
C VAL A 81 0.87 0.52 8.84
N GLY A 82 -0.22 0.90 8.17
CA GLY A 82 -1.11 1.99 8.58
C GLY A 82 -1.77 2.73 7.42
N GLY A 83 -2.50 3.79 7.76
CA GLY A 83 -3.01 4.79 6.82
C GLY A 83 -2.01 5.89 6.43
N LEU A 84 -2.50 6.87 5.66
CA LEU A 84 -1.77 8.00 5.09
C LEU A 84 -1.16 8.94 6.15
N ASP A 85 -1.82 9.12 7.29
CA ASP A 85 -1.24 9.81 8.46
C ASP A 85 -0.02 9.06 9.00
N ILE A 86 -0.17 7.75 9.26
CA ILE A 86 0.87 6.94 9.90
C ILE A 86 2.13 6.80 9.03
N VAL A 87 1.99 6.49 7.73
CA VAL A 87 3.13 6.44 6.79
C VAL A 87 3.93 7.73 6.78
N THR A 88 3.22 8.85 6.82
CA THR A 88 3.84 10.18 6.83
C THR A 88 4.46 10.53 8.17
N LYS A 89 3.84 10.21 9.31
CA LYS A 89 4.48 10.37 10.63
C LYS A 89 5.73 9.51 10.78
N MET A 90 5.69 8.27 10.30
CA MET A 90 6.86 7.39 10.19
C MET A 90 7.95 7.96 9.27
N LEU A 91 7.61 8.69 8.21
CA LEU A 91 8.56 9.39 7.33
C LEU A 91 9.25 10.55 8.08
N GLU A 92 8.47 11.41 8.75
CA GLU A 92 9.00 12.49 9.61
C GLU A 92 9.93 11.93 10.70
N SER A 93 9.57 10.77 11.26
CA SER A 93 10.34 10.01 12.25
C SER A 93 11.52 9.21 11.66
N GLY A 94 11.71 9.20 10.34
CA GLY A 94 12.71 8.38 9.63
C GLY A 94 12.36 6.89 9.54
N ASP A 95 11.64 6.33 10.51
CA ASP A 95 11.24 4.91 10.66
C ASP A 95 10.71 4.27 9.36
N LEU A 96 9.96 5.01 8.53
CA LEU A 96 9.47 4.56 7.21
C LEU A 96 10.62 4.31 6.24
N LYS A 97 11.47 5.33 6.04
CA LYS A 97 12.68 5.27 5.22
C LYS A 97 13.70 4.30 5.79
N LYS A 98 13.66 4.04 7.11
CA LYS A 98 14.49 3.04 7.79
C LYS A 98 14.03 1.62 7.47
N MET A 99 12.72 1.34 7.45
CA MET A 99 12.20 0.01 7.17
C MET A 99 12.60 -0.51 5.78
N LEU A 100 12.65 0.36 4.76
CA LEU A 100 13.02 -0.01 3.38
C LEU A 100 14.45 -0.57 3.32
N ARG A 101 15.43 0.16 3.86
CA ARG A 101 16.83 -0.30 3.91
C ARG A 101 17.02 -1.50 4.82
N ASP A 102 16.27 -1.56 5.93
CA ASP A 102 16.30 -2.68 6.88
C ASP A 102 15.84 -4.00 6.26
N LYS A 103 14.73 -3.96 5.50
CA LYS A 103 14.12 -5.12 4.81
C LYS A 103 14.73 -5.44 3.44
N GLY A 104 15.60 -4.57 2.90
CA GLY A 104 16.18 -4.75 1.57
C GLY A 104 15.24 -4.43 0.40
N ILE A 105 14.56 -3.26 0.46
CA ILE A 105 13.63 -2.77 -0.57
C ILE A 105 14.26 -1.61 -1.36
N THR A 106 13.96 -1.51 -2.66
CA THR A 106 14.46 -0.45 -3.56
C THR A 106 13.98 0.95 -3.15
N CYS A 107 14.86 1.94 -3.15
CA CYS A 107 14.50 3.35 -2.93
C CYS A 107 15.57 4.35 -3.40
N ARG A 108 15.22 5.63 -3.38
CA ARG A 108 16.11 6.80 -3.41
C ARG A 108 16.96 6.89 -2.14
N ASP A 109 17.98 7.74 -2.17
CA ASP A 109 19.10 7.79 -1.25
C ASP A 109 18.73 7.79 0.24
N LEU A 110 19.54 7.02 0.96
CA LEU A 110 19.37 6.64 2.36
C LEU A 110 19.85 7.72 3.33
N GLY A 1 -12.90 -15.86 -16.53
CA GLY A 1 -11.76 -15.60 -15.64
C GLY A 1 -12.07 -14.46 -14.68
N ALA A 2 -11.62 -14.57 -13.42
CA ALA A 2 -11.85 -13.54 -12.40
C ALA A 2 -10.81 -13.56 -11.27
N MET A 3 -10.53 -12.40 -10.70
CA MET A 3 -9.75 -12.27 -9.45
C MET A 3 -10.41 -13.04 -8.31
N VAL A 4 -9.61 -13.62 -7.42
CA VAL A 4 -10.05 -14.31 -6.20
C VAL A 4 -9.32 -13.77 -4.97
N LYS A 5 -9.84 -14.00 -3.77
CA LYS A 5 -9.23 -13.49 -2.53
C LYS A 5 -7.79 -13.99 -2.30
N LYS A 6 -7.48 -15.20 -2.79
CA LYS A 6 -6.13 -15.80 -2.87
C LYS A 6 -5.16 -15.02 -3.76
N ASP A 7 -5.62 -14.35 -4.82
CA ASP A 7 -4.75 -13.52 -5.68
C ASP A 7 -4.13 -12.37 -4.89
N ILE A 8 -4.95 -11.68 -4.08
CA ILE A 8 -4.48 -10.59 -3.22
C ILE A 8 -3.58 -11.14 -2.12
N ASP A 9 -3.96 -12.26 -1.50
CA ASP A 9 -3.18 -12.84 -0.40
C ASP A 9 -1.78 -13.32 -0.85
N ASP A 10 -1.66 -13.88 -2.07
CA ASP A 10 -0.38 -14.26 -2.66
C ASP A 10 0.42 -13.06 -3.18
N THR A 11 -0.25 -12.02 -3.69
CA THR A 11 0.40 -10.77 -4.07
C THR A 11 1.04 -10.10 -2.84
N ILE A 12 0.35 -10.06 -1.69
CA ILE A 12 0.90 -9.53 -0.44
C ILE A 12 2.11 -10.34 0.07
N LYS A 13 2.21 -11.64 -0.24
CA LYS A 13 3.35 -12.50 0.09
C LYS A 13 4.56 -12.38 -0.85
N SER A 14 4.38 -11.96 -2.11
CA SER A 14 5.41 -12.02 -3.14
C SER A 14 5.91 -10.67 -3.69
N GLU A 15 5.15 -9.59 -3.53
CA GLU A 15 5.65 -8.21 -3.71
C GLU A 15 6.35 -7.77 -2.40
N ASP A 16 7.11 -6.68 -2.43
CA ASP A 16 7.68 -6.09 -1.20
C ASP A 16 6.75 -5.01 -0.63
N VAL A 17 5.94 -4.39 -1.49
CA VAL A 17 5.09 -3.23 -1.16
C VAL A 17 3.72 -3.41 -1.84
N VAL A 18 2.65 -3.37 -1.04
CA VAL A 18 1.26 -3.44 -1.55
C VAL A 18 0.40 -2.38 -0.87
N THR A 19 -0.45 -1.70 -1.63
CA THR A 19 -1.39 -0.70 -1.10
C THR A 19 -2.80 -0.85 -1.67
N PHE A 20 -3.80 -0.44 -0.88
CA PHE A 20 -5.21 -0.39 -1.24
C PHE A 20 -5.66 1.08 -1.29
N ILE A 21 -6.19 1.52 -2.44
CA ILE A 21 -6.60 2.90 -2.70
C ILE A 21 -7.98 3.01 -3.34
N LYS A 22 -8.42 4.25 -3.60
CA LYS A 22 -9.71 4.62 -4.21
C LYS A 22 -9.46 5.19 -5.63
N GLY A 23 -9.08 4.34 -6.57
CA GLY A 23 -8.92 4.67 -7.99
C GLY A 23 -7.75 3.92 -8.65
N LEU A 24 -7.37 4.34 -9.86
CA LEU A 24 -6.06 4.09 -10.43
C LEU A 24 -4.96 4.85 -9.67
N PRO A 25 -3.69 4.43 -9.75
CA PRO A 25 -2.59 5.09 -9.06
C PRO A 25 -2.14 6.38 -9.78
N GLU A 26 -2.26 6.41 -11.12
CA GLU A 26 -2.03 7.60 -11.96
C GLU A 26 -3.26 8.50 -12.15
N ALA A 27 -4.45 7.99 -11.80
CA ALA A 27 -5.72 8.72 -11.81
C ALA A 27 -6.66 8.34 -10.64
N PRO A 28 -6.26 8.59 -9.38
CA PRO A 28 -7.08 8.27 -8.23
C PRO A 28 -8.29 9.19 -8.17
N MET A 29 -9.38 8.66 -7.65
CA MET A 29 -10.66 9.36 -7.53
C MET A 29 -10.71 10.23 -6.25
N CYS A 30 -9.59 10.33 -5.51
CA CYS A 30 -9.52 10.93 -4.18
C CYS A 30 -8.13 11.49 -3.82
N ALA A 31 -8.08 12.62 -3.10
CA ALA A 31 -6.89 13.31 -2.63
C ALA A 31 -5.95 12.42 -1.80
N TYR A 32 -6.47 11.66 -0.83
CA TYR A 32 -5.65 10.81 0.04
C TYR A 32 -4.99 9.66 -0.74
N SER A 33 -5.69 9.10 -1.73
CA SER A 33 -5.16 8.05 -2.59
C SER A 33 -4.00 8.56 -3.45
N LYS A 34 -4.13 9.78 -4.00
CA LYS A 34 -3.01 10.53 -4.61
C LYS A 34 -1.85 10.70 -3.64
N ARG A 35 -2.13 11.17 -2.41
CA ARG A 35 -1.11 11.50 -1.40
C ARG A 35 -0.30 10.29 -0.92
N MET A 36 -0.88 9.08 -0.88
CA MET A 36 -0.11 7.85 -0.62
C MET A 36 0.77 7.46 -1.80
N ILE A 37 0.24 7.48 -3.03
CA ILE A 37 1.02 7.18 -4.24
C ILE A 37 2.24 8.11 -4.35
N ASP A 38 2.10 9.39 -4.01
CA ASP A 38 3.23 10.33 -3.94
C ASP A 38 4.34 9.94 -2.95
N VAL A 39 4.02 9.29 -1.83
CA VAL A 39 5.04 8.74 -0.91
C VAL A 39 5.84 7.63 -1.61
N LEU A 40 5.13 6.71 -2.25
CA LEU A 40 5.69 5.52 -2.90
C LEU A 40 6.48 5.88 -4.18
N GLU A 41 6.05 6.92 -4.90
CA GLU A 41 6.67 7.45 -6.11
C GLU A 41 7.79 8.46 -5.84
N ALA A 42 7.71 9.26 -4.76
CA ALA A 42 8.75 10.21 -4.40
C ALA A 42 9.96 9.52 -3.77
N LEU A 43 9.75 8.52 -2.90
CA LEU A 43 10.82 7.63 -2.40
C LEU A 43 11.25 6.62 -3.47
N GLY A 44 10.45 6.42 -4.52
CA GLY A 44 10.80 5.64 -5.70
C GLY A 44 10.88 4.14 -5.44
N LEU A 45 9.78 3.56 -4.96
CA LEU A 45 9.64 2.16 -4.59
C LEU A 45 8.96 1.35 -5.71
N GLU A 46 9.25 0.06 -5.76
CA GLU A 46 8.50 -0.92 -6.55
C GLU A 46 7.27 -1.40 -5.75
N TYR A 47 6.05 -1.16 -6.24
CA TYR A 47 4.81 -1.58 -5.56
C TYR A 47 3.70 -2.06 -6.50
N THR A 48 2.70 -2.73 -5.92
CA THR A 48 1.39 -3.00 -6.55
C THR A 48 0.29 -2.27 -5.79
N SER A 49 -0.61 -1.60 -6.53
CA SER A 49 -1.76 -0.87 -6.01
C SER A 49 -3.07 -1.53 -6.44
N PHE A 50 -3.98 -1.74 -5.50
CA PHE A 50 -5.32 -2.28 -5.72
C PHE A 50 -6.39 -1.19 -5.49
N ASP A 51 -7.44 -1.18 -6.30
CA ASP A 51 -8.58 -0.27 -6.20
C ASP A 51 -9.80 -0.98 -5.58
N VAL A 52 -10.31 -0.46 -4.46
CA VAL A 52 -11.53 -0.98 -3.80
C VAL A 52 -12.79 -0.77 -4.64
N LEU A 53 -12.77 0.19 -5.54
CA LEU A 53 -13.91 0.53 -6.41
C LEU A 53 -13.96 -0.30 -7.69
N ALA A 54 -12.92 -1.12 -7.96
CA ALA A 54 -12.81 -1.91 -9.18
C ALA A 54 -13.20 -3.40 -9.04
N HIS A 55 -13.27 -3.95 -7.82
CA HIS A 55 -13.58 -5.36 -7.57
C HIS A 55 -14.01 -5.58 -6.09
N PRO A 56 -15.20 -6.11 -5.81
CA PRO A 56 -15.67 -6.44 -4.45
C PRO A 56 -14.68 -7.26 -3.62
N VAL A 57 -14.02 -8.27 -4.20
CA VAL A 57 -12.93 -9.05 -3.54
C VAL A 57 -11.86 -8.16 -2.89
N VAL A 58 -11.47 -7.04 -3.51
CA VAL A 58 -10.45 -6.11 -2.96
C VAL A 58 -10.97 -5.41 -1.70
N ARG A 59 -12.20 -4.87 -1.73
CA ARG A 59 -12.80 -4.21 -0.56
C ARG A 59 -13.23 -5.20 0.54
N SER A 60 -13.44 -6.47 0.18
CA SER A 60 -13.64 -7.58 1.11
C SER A 60 -12.35 -7.92 1.87
N TYR A 61 -11.21 -8.03 1.17
CA TYR A 61 -9.90 -8.36 1.78
C TYR A 61 -9.51 -7.36 2.88
N VAL A 62 -9.68 -6.05 2.67
CA VAL A 62 -9.41 -5.06 3.72
C VAL A 62 -10.38 -5.16 4.90
N LYS A 63 -11.67 -5.47 4.66
CA LYS A 63 -12.69 -5.54 5.70
C LYS A 63 -12.53 -6.76 6.61
N GLU A 64 -12.29 -7.93 6.00
CA GLU A 64 -12.24 -9.21 6.72
C GLU A 64 -10.83 -9.65 7.15
N VAL A 65 -9.78 -9.34 6.36
CA VAL A 65 -8.42 -9.88 6.52
C VAL A 65 -7.42 -8.84 7.03
N SER A 66 -7.46 -7.59 6.53
CA SER A 66 -6.69 -6.49 7.15
C SER A 66 -7.37 -6.01 8.44
N GLU A 67 -8.70 -5.89 8.40
CA GLU A 67 -9.61 -5.40 9.45
C GLU A 67 -9.48 -3.90 9.77
N TRP A 68 -8.48 -3.19 9.23
CA TRP A 68 -8.32 -1.75 9.41
C TRP A 68 -9.30 -0.94 8.54
N PRO A 69 -10.00 0.07 9.08
CA PRO A 69 -11.12 0.75 8.39
C PRO A 69 -10.67 1.74 7.29
N THR A 70 -9.47 2.31 7.42
CA THR A 70 -9.03 3.46 6.64
C THR A 70 -8.51 3.08 5.24
N ILE A 71 -9.00 3.77 4.22
CA ILE A 71 -8.40 3.84 2.88
C ILE A 71 -7.79 5.24 2.69
N PRO A 72 -6.61 5.38 2.04
CA PRO A 72 -5.73 4.29 1.61
C PRO A 72 -4.92 3.69 2.77
N GLN A 73 -4.50 2.43 2.60
CA GLN A 73 -3.67 1.71 3.58
C GLN A 73 -2.51 0.93 2.91
N LEU A 74 -1.45 0.67 3.69
CA LEU A 74 -0.17 0.15 3.22
C LEU A 74 0.22 -1.18 3.91
N PHE A 75 0.85 -2.07 3.14
CA PHE A 75 1.52 -3.30 3.58
C PHE A 75 2.98 -3.31 3.09
N ILE A 76 3.92 -3.80 3.92
CA ILE A 76 5.35 -3.99 3.60
C ILE A 76 5.80 -5.40 4.00
N LYS A 77 6.44 -6.14 3.07
CA LYS A 77 6.91 -7.54 3.22
C LYS A 77 5.89 -8.42 4.00
N ALA A 78 4.64 -8.46 3.52
CA ALA A 78 3.50 -9.19 4.07
C ALA A 78 2.96 -8.78 5.47
N GLU A 79 3.33 -7.60 6.00
CA GLU A 79 2.72 -7.01 7.21
C GLU A 79 1.95 -5.71 6.92
N PHE A 80 0.83 -5.48 7.60
CA PHE A 80 0.15 -4.17 7.65
C PHE A 80 1.01 -3.11 8.34
N VAL A 81 1.00 -1.89 7.78
CA VAL A 81 1.90 -0.78 8.15
C VAL A 81 1.17 0.49 8.60
N GLY A 82 -0.03 0.78 8.07
CA GLY A 82 -0.86 1.91 8.51
C GLY A 82 -1.69 2.57 7.41
N GLY A 83 -2.50 3.55 7.81
CA GLY A 83 -3.20 4.49 6.94
C GLY A 83 -2.33 5.70 6.50
N LEU A 84 -2.96 6.65 5.82
CA LEU A 84 -2.31 7.80 5.19
C LEU A 84 -1.70 8.81 6.19
N ASP A 85 -2.29 8.91 7.39
CA ASP A 85 -1.74 9.70 8.51
C ASP A 85 -0.45 9.11 9.08
N ILE A 86 -0.33 7.79 9.05
CA ILE A 86 0.82 7.05 9.61
C ILE A 86 2.03 7.09 8.67
N VAL A 87 1.85 6.90 7.36
CA VAL A 87 3.00 6.79 6.44
C VAL A 87 3.86 8.06 6.39
N THR A 88 3.24 9.23 6.54
CA THR A 88 3.96 10.50 6.66
C THR A 88 4.64 10.65 8.02
N LYS A 89 4.00 10.20 9.11
CA LYS A 89 4.59 10.13 10.45
C LYS A 89 5.87 9.31 10.47
N MET A 90 5.89 8.16 9.80
CA MET A 90 7.09 7.34 9.58
C MET A 90 8.16 8.04 8.73
N LEU A 91 7.76 8.85 7.75
CA LEU A 91 8.67 9.58 6.85
C LEU A 91 9.38 10.70 7.61
N GLU A 92 8.62 11.52 8.33
CA GLU A 92 9.10 12.60 9.22
C GLU A 92 10.01 12.07 10.33
N SER A 93 9.64 10.93 10.92
CA SER A 93 10.44 10.22 11.93
C SER A 93 11.70 9.56 11.35
N GLY A 94 11.72 9.27 10.04
CA GLY A 94 12.76 8.48 9.37
C GLY A 94 12.59 6.94 9.51
N ASP A 95 11.62 6.47 10.30
CA ASP A 95 11.28 5.05 10.50
C ASP A 95 10.95 4.33 9.19
N LEU A 96 10.32 5.00 8.22
CA LEU A 96 9.95 4.40 6.95
C LEU A 96 11.21 4.04 6.14
N LYS A 97 12.18 4.97 6.05
CA LYS A 97 13.50 4.74 5.45
C LYS A 97 14.27 3.64 6.19
N LYS A 98 14.18 3.58 7.52
CA LYS A 98 14.74 2.49 8.34
C LYS A 98 14.16 1.14 7.94
N MET A 99 12.84 0.97 7.90
CA MET A 99 12.25 -0.30 7.52
C MET A 99 12.61 -0.74 6.10
N LEU A 100 12.64 0.16 5.12
CA LEU A 100 13.02 -0.17 3.74
C LEU A 100 14.44 -0.71 3.67
N ARG A 101 15.43 -0.03 4.28
CA ARG A 101 16.81 -0.57 4.32
C ARG A 101 16.93 -1.87 5.12
N ASP A 102 16.23 -1.98 6.24
CA ASP A 102 16.21 -3.19 7.09
C ASP A 102 15.71 -4.41 6.30
N LYS A 103 14.62 -4.22 5.54
CA LYS A 103 13.97 -5.26 4.71
C LYS A 103 14.63 -5.46 3.33
N GLY A 104 15.57 -4.60 2.94
CA GLY A 104 16.26 -4.70 1.65
C GLY A 104 15.51 -4.13 0.44
N ILE A 105 14.64 -3.13 0.62
CA ILE A 105 13.78 -2.56 -0.43
C ILE A 105 14.50 -1.46 -1.21
N THR A 106 14.11 -1.25 -2.48
CA THR A 106 14.56 -0.07 -3.25
C THR A 106 13.97 1.23 -2.70
N CYS A 107 14.80 2.26 -2.55
CA CYS A 107 14.39 3.63 -2.24
C CYS A 107 15.51 4.63 -2.55
N ARG A 108 15.19 5.93 -2.40
CA ARG A 108 16.15 7.03 -2.41
C ARG A 108 17.10 7.01 -1.19
N ASP A 109 18.15 7.84 -1.24
CA ASP A 109 19.42 7.69 -0.53
C ASP A 109 19.35 7.32 0.96
N LEU A 110 20.30 6.48 1.33
CA LEU A 110 20.31 5.64 2.54
C LEU A 110 21.01 6.28 3.73
N GLY A 1 -9.62 -11.15 -17.82
CA GLY A 1 -9.50 -12.34 -16.97
C GLY A 1 -9.92 -12.03 -15.56
N ALA A 2 -10.69 -12.92 -14.94
CA ALA A 2 -11.19 -12.76 -13.56
C ALA A 2 -10.07 -12.79 -12.50
N MET A 3 -10.32 -12.13 -11.36
CA MET A 3 -9.42 -12.11 -10.20
C MET A 3 -10.13 -12.68 -8.97
N VAL A 4 -9.47 -13.61 -8.27
CA VAL A 4 -9.98 -14.27 -7.06
C VAL A 4 -9.26 -13.77 -5.80
N LYS A 5 -9.82 -14.03 -4.61
CA LYS A 5 -9.29 -13.53 -3.33
C LYS A 5 -7.85 -14.01 -3.05
N LYS A 6 -7.52 -15.23 -3.49
CA LYS A 6 -6.17 -15.79 -3.49
C LYS A 6 -5.15 -14.98 -4.31
N ASP A 7 -5.56 -14.35 -5.43
CA ASP A 7 -4.66 -13.54 -6.25
C ASP A 7 -4.09 -12.35 -5.47
N ILE A 8 -4.91 -11.74 -4.60
CA ILE A 8 -4.53 -10.65 -3.68
C ILE A 8 -3.69 -11.21 -2.51
N ASP A 9 -4.07 -12.36 -1.97
CA ASP A 9 -3.37 -12.98 -0.84
C ASP A 9 -1.92 -13.37 -1.19
N ASP A 10 -1.72 -14.01 -2.35
CA ASP A 10 -0.39 -14.31 -2.87
C ASP A 10 0.36 -13.05 -3.34
N THR A 11 -0.34 -11.97 -3.74
CA THR A 11 0.31 -10.67 -4.00
C THR A 11 0.94 -10.10 -2.73
N ILE A 12 0.22 -10.10 -1.60
CA ILE A 12 0.78 -9.59 -0.32
C ILE A 12 2.00 -10.39 0.15
N LYS A 13 2.10 -11.66 -0.23
CA LYS A 13 3.27 -12.51 0.02
C LYS A 13 4.42 -12.32 -0.97
N SER A 14 4.15 -11.96 -2.22
CA SER A 14 5.11 -11.99 -3.33
C SER A 14 5.74 -10.63 -3.66
N GLU A 15 5.02 -9.53 -3.41
CA GLU A 15 5.53 -8.16 -3.45
C GLU A 15 6.23 -7.81 -2.13
N ASP A 16 7.00 -6.73 -2.09
CA ASP A 16 7.60 -6.21 -0.85
C ASP A 16 6.80 -5.03 -0.28
N VAL A 17 6.05 -4.33 -1.13
CA VAL A 17 5.21 -3.16 -0.81
C VAL A 17 3.83 -3.31 -1.47
N VAL A 18 2.76 -3.20 -0.68
CA VAL A 18 1.37 -3.25 -1.18
C VAL A 18 0.49 -2.16 -0.56
N THR A 19 -0.45 -1.61 -1.31
CA THR A 19 -1.42 -0.61 -0.82
C THR A 19 -2.84 -0.84 -1.35
N PHE A 20 -3.85 -0.45 -0.57
CA PHE A 20 -5.26 -0.44 -0.94
C PHE A 20 -5.77 1.02 -0.93
N ILE A 21 -6.32 1.50 -2.05
CA ILE A 21 -6.69 2.91 -2.25
C ILE A 21 -8.05 3.07 -2.97
N LYS A 22 -8.60 4.29 -2.98
CA LYS A 22 -9.77 4.70 -3.79
C LYS A 22 -9.30 5.20 -5.17
N GLY A 23 -8.93 4.29 -6.06
CA GLY A 23 -8.72 4.55 -7.49
C GLY A 23 -7.55 3.75 -8.07
N LEU A 24 -7.22 3.96 -9.35
CA LEU A 24 -5.93 3.62 -9.93
C LEU A 24 -4.83 4.58 -9.46
N PRO A 25 -3.54 4.19 -9.50
CA PRO A 25 -2.43 4.99 -8.99
C PRO A 25 -2.03 6.13 -9.95
N GLU A 26 -2.43 6.04 -11.22
CA GLU A 26 -2.32 7.09 -12.24
C GLU A 26 -3.50 8.09 -12.25
N ALA A 27 -4.68 7.64 -11.80
CA ALA A 27 -5.88 8.47 -11.75
C ALA A 27 -6.73 8.15 -10.51
N PRO A 28 -6.22 8.44 -9.29
CA PRO A 28 -6.96 8.14 -8.06
C PRO A 28 -8.21 9.01 -7.95
N MET A 29 -9.24 8.46 -7.33
CA MET A 29 -10.55 9.09 -7.18
C MET A 29 -10.65 9.89 -5.87
N CYS A 30 -9.54 10.03 -5.13
CA CYS A 30 -9.55 10.50 -3.74
C CYS A 30 -8.19 11.13 -3.35
N ALA A 31 -8.19 12.23 -2.58
CA ALA A 31 -6.99 13.02 -2.31
C ALA A 31 -5.89 12.23 -1.57
N TYR A 32 -6.25 11.53 -0.49
CA TYR A 32 -5.31 10.74 0.30
C TYR A 32 -4.79 9.52 -0.49
N SER A 33 -5.58 9.02 -1.45
CA SER A 33 -5.17 7.95 -2.36
C SER A 33 -4.11 8.44 -3.36
N LYS A 34 -4.18 9.70 -3.81
CA LYS A 34 -3.08 10.37 -4.53
C LYS A 34 -1.85 10.54 -3.66
N ARG A 35 -2.04 11.05 -2.44
CA ARG A 35 -0.96 11.38 -1.49
C ARG A 35 -0.15 10.16 -1.05
N MET A 36 -0.79 8.99 -0.93
CA MET A 36 -0.11 7.68 -0.73
C MET A 36 0.87 7.37 -1.85
N ILE A 37 0.41 7.40 -3.11
CA ILE A 37 1.21 7.02 -4.28
C ILE A 37 2.45 7.92 -4.43
N ASP A 38 2.33 9.21 -4.10
CA ASP A 38 3.45 10.16 -4.08
C ASP A 38 4.55 9.78 -3.07
N VAL A 39 4.24 9.13 -1.96
CA VAL A 39 5.25 8.62 -1.01
C VAL A 39 6.07 7.50 -1.68
N LEU A 40 5.39 6.59 -2.37
CA LEU A 40 5.99 5.41 -3.01
C LEU A 40 6.76 5.78 -4.27
N GLU A 41 6.24 6.72 -5.06
CA GLU A 41 6.85 7.22 -6.29
C GLU A 41 7.97 8.24 -6.02
N ALA A 42 7.89 9.04 -4.95
CA ALA A 42 8.94 10.02 -4.61
C ALA A 42 10.17 9.41 -3.90
N LEU A 43 10.01 8.25 -3.24
CA LEU A 43 11.14 7.47 -2.70
C LEU A 43 11.68 6.42 -3.69
N GLY A 44 11.01 6.22 -4.82
CA GLY A 44 11.46 5.34 -5.92
C GLY A 44 11.31 3.85 -5.61
N LEU A 45 10.17 3.45 -5.06
CA LEU A 45 9.86 2.08 -4.63
C LEU A 45 9.05 1.35 -5.72
N GLU A 46 9.24 0.05 -5.86
CA GLU A 46 8.29 -0.83 -6.53
C GLU A 46 7.21 -1.30 -5.55
N TYR A 47 5.96 -1.23 -5.99
CA TYR A 47 4.77 -1.62 -5.23
C TYR A 47 3.66 -2.16 -6.12
N THR A 48 2.63 -2.75 -5.52
CA THR A 48 1.32 -3.00 -6.14
C THR A 48 0.23 -2.22 -5.41
N SER A 49 -0.64 -1.56 -6.15
CA SER A 49 -1.78 -0.77 -5.67
C SER A 49 -3.10 -1.39 -6.13
N PHE A 50 -4.02 -1.61 -5.19
CA PHE A 50 -5.35 -2.18 -5.42
C PHE A 50 -6.45 -1.12 -5.25
N ASP A 51 -7.42 -1.09 -6.18
CA ASP A 51 -8.57 -0.18 -6.13
C ASP A 51 -9.81 -0.87 -5.53
N VAL A 52 -10.33 -0.34 -4.42
CA VAL A 52 -11.56 -0.86 -3.77
C VAL A 52 -12.82 -0.63 -4.61
N LEU A 53 -12.77 0.34 -5.52
CA LEU A 53 -13.89 0.72 -6.39
C LEU A 53 -13.93 -0.08 -7.70
N ALA A 54 -12.80 -0.67 -8.10
CA ALA A 54 -12.69 -1.45 -9.34
C ALA A 54 -13.15 -2.91 -9.22
N HIS A 55 -13.16 -3.46 -7.99
CA HIS A 55 -13.31 -4.90 -7.75
C HIS A 55 -13.85 -5.19 -6.33
N PRO A 56 -15.10 -5.68 -6.18
CA PRO A 56 -15.66 -6.11 -4.90
C PRO A 56 -14.76 -7.03 -4.06
N VAL A 57 -14.08 -8.01 -4.68
CA VAL A 57 -13.11 -8.89 -3.99
C VAL A 57 -11.98 -8.12 -3.28
N VAL A 58 -11.52 -6.98 -3.82
CA VAL A 58 -10.47 -6.16 -3.19
C VAL A 58 -10.96 -5.57 -1.87
N ARG A 59 -12.15 -4.95 -1.84
CA ARG A 59 -12.67 -4.36 -0.59
C ARG A 59 -13.13 -5.43 0.41
N SER A 60 -13.58 -6.59 -0.08
CA SER A 60 -13.87 -7.77 0.74
C SER A 60 -12.62 -8.39 1.36
N TYR A 61 -11.44 -8.34 0.71
CA TYR A 61 -10.17 -8.72 1.33
C TYR A 61 -9.87 -7.81 2.54
N VAL A 62 -10.05 -6.49 2.38
CA VAL A 62 -9.88 -5.52 3.48
C VAL A 62 -10.93 -5.74 4.59
N LYS A 63 -12.19 -6.06 4.25
CA LYS A 63 -13.27 -6.29 5.23
C LYS A 63 -12.95 -7.45 6.18
N GLU A 64 -12.46 -8.57 5.64
CA GLU A 64 -12.29 -9.84 6.39
C GLU A 64 -10.85 -10.09 6.89
N VAL A 65 -9.83 -9.64 6.14
CA VAL A 65 -8.42 -10.07 6.29
C VAL A 65 -7.48 -8.93 6.71
N SER A 66 -7.84 -7.66 6.44
CA SER A 66 -7.14 -6.46 6.94
C SER A 66 -8.13 -5.53 7.65
N GLU A 67 -8.62 -5.96 8.81
CA GLU A 67 -9.81 -5.42 9.47
C GLU A 67 -9.72 -3.96 9.95
N TRP A 68 -8.59 -3.28 9.73
CA TRP A 68 -8.41 -1.87 10.04
C TRP A 68 -9.44 -0.98 9.29
N PRO A 69 -10.07 0.01 9.98
CA PRO A 69 -11.16 0.80 9.40
C PRO A 69 -10.74 1.67 8.22
N THR A 70 -9.54 2.26 8.25
CA THR A 70 -9.15 3.30 7.28
C THR A 70 -8.75 2.74 5.91
N ILE A 71 -9.34 3.34 4.86
CA ILE A 71 -8.77 3.44 3.51
C ILE A 71 -8.29 4.88 3.30
N PRO A 72 -7.15 5.13 2.61
CA PRO A 72 -6.20 4.14 2.11
C PRO A 72 -5.28 3.56 3.20
N GLN A 73 -4.64 2.42 2.94
CA GLN A 73 -3.76 1.72 3.88
C GLN A 73 -2.54 1.05 3.21
N LEU A 74 -1.48 0.80 4.00
CA LEU A 74 -0.15 0.35 3.57
C LEU A 74 0.27 -0.98 4.23
N PHE A 75 0.97 -1.81 3.45
CA PHE A 75 1.61 -3.07 3.84
C PHE A 75 3.08 -3.11 3.40
N ILE A 76 3.97 -3.63 4.26
CA ILE A 76 5.40 -3.87 3.96
C ILE A 76 5.77 -5.31 4.35
N LYS A 77 6.40 -6.06 3.43
CA LYS A 77 6.86 -7.46 3.61
C LYS A 77 5.81 -8.33 4.34
N ALA A 78 4.61 -8.43 3.76
CA ALA A 78 3.45 -9.17 4.29
C ALA A 78 2.97 -8.76 5.71
N GLU A 79 3.16 -7.51 6.14
CA GLU A 79 2.64 -6.96 7.40
C GLU A 79 1.95 -5.60 7.21
N PHE A 80 0.86 -5.35 7.92
CA PHE A 80 0.14 -4.07 7.92
C PHE A 80 0.92 -2.98 8.71
N VAL A 81 0.92 -1.75 8.20
CA VAL A 81 1.71 -0.62 8.74
C VAL A 81 0.86 0.54 9.26
N GLY A 82 -0.19 0.95 8.53
CA GLY A 82 -1.04 2.09 8.88
C GLY A 82 -1.74 2.75 7.66
N GLY A 83 -2.46 3.84 7.93
CA GLY A 83 -3.06 4.72 6.92
C GLY A 83 -2.13 5.82 6.38
N LEU A 84 -2.66 6.72 5.55
CA LEU A 84 -1.91 7.86 4.98
C LEU A 84 -1.36 8.79 6.07
N ASP A 85 -2.16 9.02 7.13
CA ASP A 85 -1.76 9.77 8.33
C ASP A 85 -0.44 9.26 8.96
N ILE A 86 -0.19 7.95 8.88
CA ILE A 86 0.95 7.29 9.52
C ILE A 86 2.21 7.33 8.63
N VAL A 87 2.11 6.97 7.35
CA VAL A 87 3.29 6.87 6.45
C VAL A 87 4.05 8.19 6.33
N THR A 88 3.33 9.31 6.31
CA THR A 88 3.91 10.66 6.21
C THR A 88 4.56 11.12 7.52
N LYS A 89 4.02 10.71 8.67
CA LYS A 89 4.60 10.93 10.01
C LYS A 89 5.89 10.11 10.21
N MET A 90 5.86 8.84 9.80
CA MET A 90 7.03 7.95 9.76
C MET A 90 8.09 8.40 8.73
N LEU A 91 7.72 9.13 7.68
CA LEU A 91 8.68 9.75 6.74
C LEU A 91 9.51 10.83 7.45
N GLU A 92 8.85 11.76 8.14
CA GLU A 92 9.54 12.91 8.78
C GLU A 92 10.37 12.56 10.02
N SER A 93 10.11 11.41 10.65
CA SER A 93 10.97 10.83 11.70
C SER A 93 12.10 9.96 11.12
N GLY A 94 11.97 9.56 9.85
CA GLY A 94 12.84 8.64 9.13
C GLY A 94 12.45 7.16 9.28
N ASP A 95 11.52 6.79 10.16
CA ASP A 95 11.19 5.39 10.48
C ASP A 95 10.62 4.58 9.29
N LEU A 96 9.99 5.28 8.34
CA LEU A 96 9.53 4.72 7.06
C LEU A 96 10.72 4.34 6.17
N LYS A 97 11.66 5.27 5.99
CA LYS A 97 12.93 5.04 5.31
C LYS A 97 13.75 3.96 6.04
N LYS A 98 13.69 3.90 7.38
CA LYS A 98 14.39 2.90 8.19
C LYS A 98 13.89 1.49 7.89
N MET A 99 12.58 1.26 7.88
CA MET A 99 12.04 -0.07 7.58
C MET A 99 12.40 -0.56 6.17
N LEU A 100 12.36 0.31 5.14
CA LEU A 100 12.72 -0.06 3.77
C LEU A 100 14.16 -0.55 3.67
N ARG A 101 15.11 0.23 4.24
CA ARG A 101 16.54 -0.14 4.26
C ARG A 101 16.85 -1.34 5.13
N ASP A 102 16.15 -1.51 6.24
CA ASP A 102 16.23 -2.68 7.12
C ASP A 102 15.79 -3.98 6.42
N LYS A 103 14.67 -3.90 5.70
CA LYS A 103 14.05 -5.03 4.98
C LYS A 103 14.62 -5.24 3.56
N GLY A 104 15.49 -4.36 3.09
CA GLY A 104 16.23 -4.55 1.83
C GLY A 104 15.54 -4.09 0.54
N ILE A 105 14.66 -3.07 0.60
CA ILE A 105 13.79 -2.65 -0.51
C ILE A 105 14.46 -1.57 -1.38
N THR A 106 14.10 -1.52 -2.67
CA THR A 106 14.54 -0.48 -3.62
C THR A 106 14.06 0.92 -3.21
N CYS A 107 14.97 1.89 -3.10
CA CYS A 107 14.67 3.29 -2.76
C CYS A 107 15.83 4.24 -3.13
N ARG A 108 15.61 5.56 -2.99
CA ARG A 108 16.65 6.59 -3.03
C ARG A 108 17.60 6.51 -1.83
N ASP A 109 18.80 7.07 -1.97
CA ASP A 109 19.96 6.90 -1.11
C ASP A 109 19.71 7.09 0.39
N LEU A 110 20.35 6.19 1.14
CA LEU A 110 20.06 5.82 2.52
C LEU A 110 20.59 6.80 3.57
N GLY A 1 -9.94 -9.86 -16.89
CA GLY A 1 -9.80 -11.28 -16.53
C GLY A 1 -9.94 -11.45 -15.04
N ALA A 2 -10.66 -12.48 -14.58
CA ALA A 2 -11.15 -12.59 -13.21
C ALA A 2 -10.03 -12.63 -12.16
N MET A 3 -10.26 -11.93 -11.05
CA MET A 3 -9.47 -11.95 -9.82
C MET A 3 -10.27 -12.54 -8.66
N VAL A 4 -9.65 -13.41 -7.87
CA VAL A 4 -10.23 -14.03 -6.67
C VAL A 4 -9.48 -13.58 -5.41
N LYS A 5 -10.06 -13.80 -4.22
CA LYS A 5 -9.46 -13.39 -2.93
C LYS A 5 -8.04 -13.94 -2.73
N LYS A 6 -7.79 -15.17 -3.18
CA LYS A 6 -6.47 -15.82 -3.24
C LYS A 6 -5.43 -15.02 -4.04
N ASP A 7 -5.81 -14.30 -5.09
CA ASP A 7 -4.85 -13.49 -5.87
C ASP A 7 -4.29 -12.31 -5.06
N ILE A 8 -5.08 -11.76 -4.13
CA ILE A 8 -4.66 -10.67 -3.23
C ILE A 8 -3.80 -11.25 -2.08
N ASP A 9 -4.24 -12.37 -1.50
CA ASP A 9 -3.49 -13.09 -0.45
C ASP A 9 -2.10 -13.55 -0.96
N ASP A 10 -2.03 -14.01 -2.21
CA ASP A 10 -0.82 -14.37 -2.95
C ASP A 10 0.06 -13.15 -3.27
N THR A 11 -0.55 -12.05 -3.75
CA THR A 11 0.16 -10.80 -4.04
C THR A 11 0.83 -10.24 -2.78
N ILE A 12 0.11 -10.15 -1.64
CA ILE A 12 0.70 -9.65 -0.38
C ILE A 12 1.87 -10.51 0.12
N LYS A 13 1.87 -11.83 -0.15
CA LYS A 13 2.99 -12.74 0.14
C LYS A 13 4.18 -12.64 -0.82
N SER A 14 4.00 -12.02 -1.99
CA SER A 14 4.91 -12.11 -3.13
C SER A 14 5.46 -10.76 -3.62
N GLU A 15 4.88 -9.65 -3.18
CA GLU A 15 5.40 -8.27 -3.35
C GLU A 15 6.22 -7.79 -2.16
N ASP A 16 6.98 -6.70 -2.33
CA ASP A 16 7.67 -6.00 -1.24
C ASP A 16 6.77 -4.92 -0.62
N VAL A 17 5.91 -4.31 -1.44
CA VAL A 17 5.09 -3.14 -1.09
C VAL A 17 3.69 -3.28 -1.69
N VAL A 18 2.65 -3.23 -0.84
CA VAL A 18 1.24 -3.31 -1.29
C VAL A 18 0.39 -2.21 -0.66
N THR A 19 -0.56 -1.66 -1.41
CA THR A 19 -1.50 -0.63 -0.93
C THR A 19 -2.93 -0.81 -1.49
N PHE A 20 -3.92 -0.32 -0.74
CA PHE A 20 -5.34 -0.33 -1.09
C PHE A 20 -5.86 1.11 -1.13
N ILE A 21 -6.43 1.55 -2.26
CA ILE A 21 -6.75 2.96 -2.54
C ILE A 21 -8.10 3.17 -3.25
N LYS A 22 -8.60 4.42 -3.29
CA LYS A 22 -9.71 4.84 -4.17
C LYS A 22 -9.20 5.17 -5.58
N GLY A 23 -8.84 4.17 -6.40
CA GLY A 23 -8.66 4.32 -7.85
C GLY A 23 -7.54 3.44 -8.41
N LEU A 24 -7.13 3.71 -9.66
CA LEU A 24 -5.83 3.40 -10.19
C LEU A 24 -4.74 4.24 -9.51
N PRO A 25 -3.47 3.79 -9.51
CA PRO A 25 -2.38 4.50 -8.85
C PRO A 25 -1.95 5.73 -9.66
N GLU A 26 -1.98 5.63 -10.99
CA GLU A 26 -1.71 6.72 -11.92
C GLU A 26 -2.91 7.69 -12.09
N ALA A 27 -4.12 7.23 -11.78
CA ALA A 27 -5.37 8.00 -11.87
C ALA A 27 -6.31 7.73 -10.68
N PRO A 28 -5.96 8.19 -9.45
CA PRO A 28 -6.79 8.00 -8.27
C PRO A 28 -8.01 8.92 -8.30
N MET A 29 -9.12 8.39 -7.80
CA MET A 29 -10.39 9.07 -7.67
C MET A 29 -10.49 9.90 -6.37
N CYS A 30 -9.39 10.04 -5.61
CA CYS A 30 -9.39 10.69 -4.30
C CYS A 30 -8.03 11.29 -3.93
N ALA A 31 -8.04 12.42 -3.23
CA ALA A 31 -6.86 13.17 -2.80
C ALA A 31 -5.85 12.35 -1.98
N TYR A 32 -6.28 11.69 -0.90
CA TYR A 32 -5.38 10.89 -0.06
C TYR A 32 -4.83 9.67 -0.81
N SER A 33 -5.59 9.13 -1.76
CA SER A 33 -5.12 8.05 -2.63
C SER A 33 -4.01 8.52 -3.58
N LYS A 34 -4.09 9.75 -4.11
CA LYS A 34 -2.95 10.41 -4.77
C LYS A 34 -1.77 10.55 -3.80
N ARG A 35 -2.02 11.05 -2.59
CA ARG A 35 -0.97 11.29 -1.59
C ARG A 35 -0.21 10.02 -1.18
N MET A 36 -0.89 8.87 -1.08
CA MET A 36 -0.24 7.57 -0.84
C MET A 36 0.72 7.21 -1.98
N ILE A 37 0.29 7.37 -3.24
CA ILE A 37 1.15 7.10 -4.40
C ILE A 37 2.32 8.09 -4.48
N ASP A 38 2.12 9.37 -4.16
CA ASP A 38 3.23 10.34 -4.11
C ASP A 38 4.31 9.96 -3.10
N VAL A 39 3.96 9.46 -1.90
CA VAL A 39 4.92 8.91 -0.92
C VAL A 39 5.76 7.79 -1.54
N LEU A 40 5.07 6.84 -2.19
CA LEU A 40 5.69 5.63 -2.74
C LEU A 40 6.58 5.96 -3.96
N GLU A 41 6.17 6.93 -4.79
CA GLU A 41 6.98 7.45 -5.90
C GLU A 41 8.07 8.42 -5.45
N ALA A 42 7.87 9.18 -4.36
CA ALA A 42 8.84 10.14 -3.82
C ALA A 42 9.98 9.43 -3.07
N LEU A 43 9.71 8.27 -2.48
CA LEU A 43 10.75 7.33 -2.02
C LEU A 43 11.25 6.42 -3.16
N GLY A 44 10.54 6.38 -4.30
CA GLY A 44 10.93 5.68 -5.53
C GLY A 44 10.89 4.16 -5.40
N LEU A 45 9.87 3.62 -4.72
CA LEU A 45 9.66 2.19 -4.53
C LEU A 45 8.95 1.57 -5.75
N GLU A 46 8.95 0.25 -5.80
CA GLU A 46 8.23 -0.56 -6.79
C GLU A 46 7.18 -1.43 -6.08
N TYR A 47 5.90 -1.25 -6.43
CA TYR A 47 4.75 -1.66 -5.61
C TYR A 47 3.62 -2.31 -6.42
N THR A 48 2.60 -2.80 -5.72
CA THR A 48 1.30 -3.16 -6.29
C THR A 48 0.17 -2.46 -5.52
N SER A 49 -0.63 -1.68 -6.25
CA SER A 49 -1.79 -0.94 -5.74
C SER A 49 -3.10 -1.56 -6.21
N PHE A 50 -4.12 -1.57 -5.35
CA PHE A 50 -5.46 -2.10 -5.62
C PHE A 50 -6.55 -1.02 -5.44
N ASP A 51 -7.41 -0.84 -6.44
CA ASP A 51 -8.67 -0.09 -6.30
C ASP A 51 -9.71 -0.91 -5.52
N VAL A 52 -10.23 -0.38 -4.40
CA VAL A 52 -11.42 -0.92 -3.72
C VAL A 52 -12.70 -0.72 -4.51
N LEU A 53 -12.79 0.41 -5.22
CA LEU A 53 -14.01 0.84 -5.92
C LEU A 53 -14.29 0.01 -7.19
N ALA A 54 -13.24 -0.58 -7.77
CA ALA A 54 -13.30 -1.33 -9.02
C ALA A 54 -13.44 -2.84 -8.85
N HIS A 55 -13.33 -3.38 -7.62
CA HIS A 55 -13.53 -4.81 -7.40
C HIS A 55 -14.01 -5.14 -5.97
N PRO A 56 -15.15 -5.85 -5.81
CA PRO A 56 -15.71 -6.23 -4.52
C PRO A 56 -14.75 -7.14 -3.72
N VAL A 57 -14.04 -8.05 -4.40
CA VAL A 57 -13.01 -8.90 -3.78
C VAL A 57 -11.93 -8.08 -3.06
N VAL A 58 -11.56 -6.89 -3.56
CA VAL A 58 -10.56 -6.04 -2.90
C VAL A 58 -11.08 -5.49 -1.59
N ARG A 59 -12.26 -4.83 -1.58
CA ARG A 59 -12.84 -4.26 -0.35
C ARG A 59 -13.30 -5.33 0.64
N SER A 60 -13.65 -6.53 0.15
CA SER A 60 -13.92 -7.73 0.95
C SER A 60 -12.64 -8.26 1.65
N TYR A 61 -11.48 -8.29 0.98
CA TYR A 61 -10.19 -8.60 1.60
C TYR A 61 -9.83 -7.58 2.70
N VAL A 62 -10.07 -6.29 2.47
CA VAL A 62 -9.88 -5.26 3.53
C VAL A 62 -10.78 -5.52 4.74
N LYS A 63 -12.00 -6.04 4.54
CA LYS A 63 -12.97 -6.31 5.60
C LYS A 63 -12.63 -7.57 6.42
N GLU A 64 -12.38 -8.70 5.76
CA GLU A 64 -12.16 -10.01 6.44
C GLU A 64 -10.69 -10.29 6.83
N VAL A 65 -9.73 -9.68 6.14
CA VAL A 65 -8.30 -10.07 6.21
C VAL A 65 -7.41 -8.93 6.73
N SER A 66 -7.53 -7.70 6.21
CA SER A 66 -6.82 -6.54 6.78
C SER A 66 -7.41 -6.13 8.14
N GLU A 67 -8.75 -6.08 8.23
CA GLU A 67 -9.55 -5.68 9.40
C GLU A 67 -9.42 -4.19 9.81
N TRP A 68 -8.40 -3.46 9.34
CA TRP A 68 -8.30 -2.00 9.52
C TRP A 68 -9.24 -1.26 8.55
N PRO A 69 -9.98 -0.23 8.97
CA PRO A 69 -11.02 0.40 8.16
C PRO A 69 -10.50 1.48 7.20
N THR A 70 -9.41 2.17 7.55
CA THR A 70 -8.96 3.38 6.83
C THR A 70 -8.51 3.06 5.40
N ILE A 71 -9.01 3.83 4.43
CA ILE A 71 -8.47 3.88 3.06
C ILE A 71 -7.90 5.28 2.82
N PRO A 72 -6.72 5.45 2.21
CA PRO A 72 -5.79 4.38 1.80
C PRO A 72 -4.93 3.82 2.96
N GLN A 73 -4.46 2.58 2.79
CA GLN A 73 -3.62 1.84 3.77
C GLN A 73 -2.44 1.11 3.10
N LEU A 74 -1.40 0.77 3.88
CA LEU A 74 -0.10 0.30 3.40
C LEU A 74 0.35 -1.00 4.11
N PHE A 75 1.01 -1.89 3.36
CA PHE A 75 1.64 -3.14 3.80
C PHE A 75 3.09 -3.22 3.27
N ILE A 76 4.04 -3.68 4.10
CA ILE A 76 5.44 -3.92 3.72
C ILE A 76 5.83 -5.37 4.02
N LYS A 77 6.38 -6.06 3.01
CA LYS A 77 6.79 -7.48 3.01
C LYS A 77 5.82 -8.39 3.80
N ALA A 78 4.53 -8.32 3.48
CA ALA A 78 3.41 -9.08 4.05
C ALA A 78 2.88 -8.68 5.45
N GLU A 79 3.22 -7.53 6.02
CA GLU A 79 2.59 -7.01 7.25
C GLU A 79 2.15 -5.54 7.18
N PHE A 80 1.00 -5.24 7.79
CA PHE A 80 0.33 -3.94 7.83
C PHE A 80 1.15 -2.85 8.54
N VAL A 81 1.21 -1.65 7.95
CA VAL A 81 1.96 -0.48 8.45
C VAL A 81 1.07 0.56 9.13
N GLY A 82 -0.09 0.86 8.50
CA GLY A 82 -0.99 1.94 8.89
C GLY A 82 -1.67 2.64 7.70
N GLY A 83 -2.42 3.71 8.00
CA GLY A 83 -3.02 4.61 7.02
C GLY A 83 -2.07 5.72 6.51
N LEU A 84 -2.62 6.64 5.70
CA LEU A 84 -1.90 7.76 5.07
C LEU A 84 -1.22 8.71 6.09
N ASP A 85 -1.85 8.96 7.23
CA ASP A 85 -1.23 9.76 8.30
C ASP A 85 -0.07 9.05 8.99
N ILE A 86 -0.08 7.71 9.03
CA ILE A 86 1.02 6.93 9.62
C ILE A 86 2.25 6.92 8.70
N VAL A 87 2.08 6.65 7.41
CA VAL A 87 3.22 6.60 6.48
C VAL A 87 3.95 7.94 6.38
N THR A 88 3.19 9.04 6.44
CA THR A 88 3.75 10.41 6.48
C THR A 88 4.47 10.70 7.80
N LYS A 89 3.99 10.19 8.94
CA LYS A 89 4.67 10.27 10.24
C LYS A 89 5.98 9.49 10.29
N MET A 90 6.04 8.33 9.63
CA MET A 90 7.28 7.58 9.40
C MET A 90 8.25 8.26 8.42
N LEU A 91 7.72 9.08 7.51
CA LEU A 91 8.50 9.90 6.57
C LEU A 91 9.23 11.01 7.34
N GLU A 92 8.51 11.75 8.18
CA GLU A 92 9.08 12.76 9.08
C GLU A 92 10.12 12.18 10.06
N SER A 93 9.81 11.09 10.77
CA SER A 93 10.72 10.48 11.75
C SER A 93 11.90 9.69 11.13
N GLY A 94 11.92 9.50 9.81
CA GLY A 94 12.89 8.64 9.13
C GLY A 94 12.67 7.13 9.33
N ASP A 95 11.65 6.72 10.10
CA ASP A 95 11.33 5.30 10.39
C ASP A 95 10.98 4.50 9.12
N LEU A 96 10.44 5.14 8.08
CA LEU A 96 10.03 4.46 6.86
C LEU A 96 11.27 4.01 6.05
N LYS A 97 12.23 4.91 5.79
CA LYS A 97 13.54 4.57 5.22
C LYS A 97 14.33 3.60 6.11
N LYS A 98 14.17 3.68 7.44
CA LYS A 98 14.75 2.72 8.39
C LYS A 98 14.22 1.30 8.20
N MET A 99 12.91 1.09 8.05
CA MET A 99 12.35 -0.21 7.68
C MET A 99 12.78 -0.68 6.29
N LEU A 100 12.70 0.18 5.27
CA LEU A 100 13.04 -0.18 3.88
C LEU A 100 14.50 -0.63 3.74
N ARG A 101 15.43 0.08 4.40
CA ARG A 101 16.86 -0.32 4.40
C ARG A 101 17.14 -1.63 5.15
N ASP A 102 16.40 -1.90 6.22
CA ASP A 102 16.38 -3.20 6.91
C ASP A 102 15.88 -4.34 5.99
N LYS A 103 14.81 -4.05 5.25
CA LYS A 103 14.14 -4.95 4.30
C LYS A 103 14.89 -5.12 2.97
N GLY A 104 15.86 -4.24 2.68
CA GLY A 104 16.63 -4.25 1.43
C GLY A 104 15.92 -3.67 0.21
N ILE A 105 14.88 -2.85 0.38
CA ILE A 105 13.97 -2.38 -0.68
C ILE A 105 14.58 -1.21 -1.47
N THR A 106 14.15 -1.05 -2.73
CA THR A 106 14.58 0.07 -3.60
C THR A 106 14.04 1.41 -3.08
N CYS A 107 14.91 2.29 -2.58
CA CYS A 107 14.50 3.58 -2.03
C CYS A 107 15.57 4.68 -2.09
N ARG A 108 15.13 5.94 -1.96
CA ARG A 108 15.93 7.17 -2.07
C ARG A 108 16.76 7.46 -0.82
N ASP A 109 17.68 8.42 -0.96
CA ASP A 109 18.94 8.53 -0.23
C ASP A 109 18.87 8.42 1.32
N LEU A 110 19.41 7.32 1.83
CA LEU A 110 19.28 6.82 3.21
C LEU A 110 20.05 7.64 4.27
N GLY A 1 -15.52 -12.19 -16.36
CA GLY A 1 -14.09 -11.90 -16.15
C GLY A 1 -13.88 -11.24 -14.81
N ALA A 2 -13.28 -11.98 -13.86
CA ALA A 2 -13.17 -11.60 -12.45
C ALA A 2 -11.87 -12.06 -11.77
N MET A 3 -11.32 -11.19 -10.91
CA MET A 3 -10.28 -11.54 -9.94
C MET A 3 -10.86 -12.39 -8.80
N VAL A 4 -10.01 -13.11 -8.06
CA VAL A 4 -10.41 -13.91 -6.88
C VAL A 4 -9.56 -13.57 -5.66
N LYS A 5 -10.08 -13.80 -4.44
CA LYS A 5 -9.45 -13.37 -3.18
C LYS A 5 -8.05 -13.96 -2.96
N LYS A 6 -7.79 -15.17 -3.48
CA LYS A 6 -6.45 -15.80 -3.58
C LYS A 6 -5.43 -14.96 -4.37
N ASP A 7 -5.84 -14.22 -5.41
CA ASP A 7 -4.93 -13.39 -6.22
C ASP A 7 -4.27 -12.29 -5.38
N ILE A 8 -5.05 -11.66 -4.49
CA ILE A 8 -4.54 -10.62 -3.60
C ILE A 8 -3.64 -11.24 -2.54
N ASP A 9 -4.04 -12.36 -1.91
CA ASP A 9 -3.23 -12.99 -0.86
C ASP A 9 -1.87 -13.49 -1.39
N ASP A 10 -1.85 -14.03 -2.61
CA ASP A 10 -0.64 -14.45 -3.36
C ASP A 10 0.26 -13.26 -3.70
N THR A 11 -0.35 -12.14 -4.09
CA THR A 11 0.37 -10.88 -4.37
C THR A 11 0.95 -10.27 -3.09
N ILE A 12 0.21 -10.29 -1.98
CA ILE A 12 0.67 -9.87 -0.64
C ILE A 12 1.91 -10.67 -0.21
N LYS A 13 1.95 -11.97 -0.54
CA LYS A 13 3.08 -12.89 -0.32
C LYS A 13 4.23 -12.75 -1.33
N SER A 14 3.97 -12.26 -2.54
CA SER A 14 4.97 -12.10 -3.62
C SER A 14 5.69 -10.74 -3.60
N GLU A 15 4.93 -9.64 -3.44
CA GLU A 15 5.43 -8.27 -3.54
C GLU A 15 6.00 -7.76 -2.21
N ASP A 16 6.95 -6.85 -2.25
CA ASP A 16 7.59 -6.30 -1.04
C ASP A 16 6.78 -5.12 -0.47
N VAL A 17 6.00 -4.44 -1.33
CA VAL A 17 5.16 -3.28 -1.04
C VAL A 17 3.79 -3.44 -1.70
N VAL A 18 2.71 -3.40 -0.90
CA VAL A 18 1.32 -3.46 -1.41
C VAL A 18 0.44 -2.38 -0.78
N THR A 19 -0.38 -1.69 -1.56
CA THR A 19 -1.29 -0.64 -1.07
C THR A 19 -2.71 -0.77 -1.64
N PHE A 20 -3.71 -0.31 -0.88
CA PHE A 20 -5.13 -0.37 -1.19
C PHE A 20 -5.71 1.05 -1.22
N ILE A 21 -6.23 1.49 -2.37
CA ILE A 21 -6.54 2.90 -2.69
C ILE A 21 -7.89 3.11 -3.39
N LYS A 22 -8.31 4.37 -3.55
CA LYS A 22 -9.46 4.80 -4.37
C LYS A 22 -9.00 5.25 -5.76
N GLY A 23 -8.62 4.32 -6.63
CA GLY A 23 -8.45 4.59 -8.07
C GLY A 23 -7.32 3.78 -8.71
N LEU A 24 -6.94 4.16 -9.93
CA LEU A 24 -5.61 3.91 -10.46
C LEU A 24 -4.52 4.61 -9.64
N PRO A 25 -3.29 4.07 -9.65
CA PRO A 25 -2.14 4.66 -8.97
C PRO A 25 -1.55 5.83 -9.78
N GLU A 26 -1.87 5.90 -11.09
CA GLU A 26 -1.53 7.00 -12.00
C GLU A 26 -2.65 8.04 -12.18
N ALA A 27 -3.88 7.68 -11.79
CA ALA A 27 -5.05 8.56 -11.79
C ALA A 27 -6.02 8.27 -10.63
N PRO A 28 -5.65 8.52 -9.35
CA PRO A 28 -6.50 8.21 -8.21
C PRO A 28 -7.68 9.17 -8.10
N MET A 29 -8.85 8.61 -7.75
CA MET A 29 -10.13 9.30 -7.57
C MET A 29 -10.26 9.95 -6.17
N CYS A 30 -9.13 10.14 -5.47
CA CYS A 30 -9.05 10.63 -4.09
C CYS A 30 -7.69 11.29 -3.80
N ALA A 31 -7.72 12.47 -3.18
CA ALA A 31 -6.54 13.19 -2.71
C ALA A 31 -5.62 12.38 -1.78
N TYR A 32 -6.20 11.64 -0.84
CA TYR A 32 -5.44 10.79 0.11
C TYR A 32 -4.81 9.58 -0.60
N SER A 33 -5.42 9.10 -1.69
CA SER A 33 -4.84 8.04 -2.54
C SER A 33 -3.67 8.55 -3.38
N LYS A 34 -3.76 9.76 -3.95
CA LYS A 34 -2.58 10.49 -4.47
C LYS A 34 -1.50 10.59 -3.40
N ARG A 35 -1.86 11.02 -2.18
CA ARG A 35 -0.90 11.25 -1.10
C ARG A 35 -0.21 9.97 -0.62
N MET A 36 -0.85 8.79 -0.69
CA MET A 36 -0.20 7.48 -0.47
C MET A 36 0.80 7.18 -1.59
N ILE A 37 0.35 7.22 -2.85
CA ILE A 37 1.19 6.90 -4.02
C ILE A 37 2.40 7.84 -4.12
N ASP A 38 2.25 9.11 -3.75
CA ASP A 38 3.36 10.06 -3.66
C ASP A 38 4.49 9.59 -2.72
N VAL A 39 4.20 8.94 -1.60
CA VAL A 39 5.22 8.36 -0.70
C VAL A 39 5.98 7.23 -1.40
N LEU A 40 5.27 6.44 -2.20
CA LEU A 40 5.78 5.24 -2.88
C LEU A 40 6.57 5.60 -4.14
N GLU A 41 6.14 6.62 -4.88
CA GLU A 41 6.84 7.20 -6.02
C GLU A 41 8.01 8.10 -5.57
N ALA A 42 7.85 8.95 -4.55
CA ALA A 42 8.88 9.91 -4.12
C ALA A 42 10.07 9.27 -3.40
N LEU A 43 9.95 7.99 -3.02
CA LEU A 43 11.05 7.15 -2.53
C LEU A 43 11.57 6.16 -3.58
N GLY A 44 10.98 6.10 -4.78
CA GLY A 44 11.46 5.29 -5.91
C GLY A 44 11.21 3.78 -5.80
N LEU A 45 10.16 3.36 -5.09
CA LEU A 45 9.86 1.96 -4.79
C LEU A 45 9.19 1.28 -5.98
N GLU A 46 9.36 -0.04 -6.05
CA GLU A 46 8.61 -0.96 -6.89
C GLU A 46 7.49 -1.63 -6.06
N TYR A 47 6.23 -1.34 -6.39
CA TYR A 47 5.05 -1.69 -5.59
C TYR A 47 3.87 -2.18 -6.44
N THR A 48 2.86 -2.76 -5.79
CA THR A 48 1.58 -3.12 -6.41
C THR A 48 0.43 -2.43 -5.67
N SER A 49 -0.49 -1.83 -6.43
CA SER A 49 -1.62 -1.04 -5.94
C SER A 49 -2.96 -1.65 -6.38
N PHE A 50 -3.93 -1.73 -5.47
CA PHE A 50 -5.27 -2.29 -5.67
C PHE A 50 -6.37 -1.26 -5.36
N ASP A 51 -7.48 -1.29 -6.11
CA ASP A 51 -8.59 -0.35 -5.99
C ASP A 51 -9.86 -0.93 -5.35
N VAL A 52 -10.29 -0.35 -4.21
CA VAL A 52 -11.50 -0.77 -3.47
C VAL A 52 -12.80 -0.45 -4.18
N LEU A 53 -12.74 0.43 -5.18
CA LEU A 53 -13.88 0.88 -5.98
C LEU A 53 -14.19 -0.06 -7.16
N ALA A 54 -13.22 -0.88 -7.58
CA ALA A 54 -13.29 -1.67 -8.81
C ALA A 54 -13.70 -3.15 -8.63
N HIS A 55 -13.56 -3.72 -7.42
CA HIS A 55 -13.78 -5.14 -7.18
C HIS A 55 -14.10 -5.39 -5.68
N PRO A 56 -15.27 -5.96 -5.35
CA PRO A 56 -15.65 -6.33 -3.97
C PRO A 56 -14.57 -7.11 -3.20
N VAL A 57 -13.90 -8.07 -3.85
CA VAL A 57 -12.75 -8.82 -3.31
C VAL A 57 -11.65 -7.91 -2.74
N VAL A 58 -11.35 -6.76 -3.37
CA VAL A 58 -10.28 -5.85 -2.89
C VAL A 58 -10.64 -5.24 -1.54
N ARG A 59 -11.88 -4.74 -1.38
CA ARG A 59 -12.31 -4.10 -0.13
C ARG A 59 -12.62 -5.10 0.98
N SER A 60 -13.11 -6.30 0.64
CA SER A 60 -13.27 -7.38 1.63
C SER A 60 -11.93 -8.00 2.05
N TYR A 61 -10.90 -8.05 1.19
CA TYR A 61 -9.54 -8.46 1.60
C TYR A 61 -8.99 -7.54 2.71
N VAL A 62 -9.18 -6.22 2.58
CA VAL A 62 -8.86 -5.25 3.65
C VAL A 62 -9.63 -5.60 4.93
N LYS A 63 -10.97 -5.72 4.86
CA LYS A 63 -11.82 -5.97 6.02
C LYS A 63 -11.52 -7.30 6.74
N GLU A 64 -10.98 -8.29 6.02
CA GLU A 64 -10.77 -9.66 6.50
C GLU A 64 -9.30 -10.02 6.82
N VAL A 65 -8.32 -9.21 6.37
CA VAL A 65 -6.87 -9.47 6.56
C VAL A 65 -6.09 -8.31 7.21
N SER A 66 -6.47 -7.04 7.03
CA SER A 66 -5.99 -5.96 7.94
C SER A 66 -6.98 -5.67 9.06
N GLU A 67 -8.27 -5.88 8.81
CA GLU A 67 -9.38 -5.71 9.77
C GLU A 67 -9.49 -4.28 10.33
N TRP A 68 -9.01 -3.30 9.56
CA TRP A 68 -8.85 -1.89 9.94
C TRP A 68 -9.77 -0.95 9.12
N PRO A 69 -10.32 0.14 9.71
CA PRO A 69 -11.31 1.02 9.06
C PRO A 69 -10.72 2.03 8.05
N THR A 70 -9.49 2.50 8.26
CA THR A 70 -8.92 3.64 7.53
C THR A 70 -8.72 3.32 6.04
N ILE A 71 -9.00 4.26 5.13
CA ILE A 71 -8.63 4.17 3.70
C ILE A 71 -7.90 5.44 3.26
N PRO A 72 -6.82 5.38 2.47
CA PRO A 72 -6.13 4.17 1.96
C PRO A 72 -5.20 3.51 2.98
N GLN A 73 -4.69 2.30 2.67
CA GLN A 73 -3.82 1.48 3.55
C GLN A 73 -2.53 1.01 2.86
N LEU A 74 -1.52 0.68 3.67
CA LEU A 74 -0.22 0.14 3.27
C LEU A 74 0.11 -1.20 3.98
N PHE A 75 0.74 -2.11 3.24
CA PHE A 75 1.41 -3.33 3.69
C PHE A 75 2.89 -3.31 3.23
N ILE A 76 3.79 -3.82 4.06
CA ILE A 76 5.20 -4.07 3.74
C ILE A 76 5.56 -5.51 4.12
N LYS A 77 6.19 -6.26 3.20
CA LYS A 77 6.62 -7.66 3.37
C LYS A 77 5.53 -8.55 4.01
N ALA A 78 4.34 -8.56 3.40
CA ALA A 78 3.13 -9.29 3.81
C ALA A 78 2.43 -8.86 5.12
N GLU A 79 2.87 -7.79 5.80
CA GLU A 79 2.25 -7.30 7.03
C GLU A 79 1.74 -5.85 6.90
N PHE A 80 0.60 -5.57 7.55
CA PHE A 80 -0.06 -4.26 7.60
C PHE A 80 0.76 -3.22 8.38
N VAL A 81 0.75 -1.98 7.87
CA VAL A 81 1.62 -0.86 8.32
C VAL A 81 0.81 0.32 8.88
N GLY A 82 -0.33 0.66 8.27
CA GLY A 82 -1.19 1.77 8.70
C GLY A 82 -1.99 2.41 7.55
N GLY A 83 -2.77 3.44 7.88
CA GLY A 83 -3.40 4.34 6.92
C GLY A 83 -2.48 5.47 6.42
N LEU A 84 -3.05 6.41 5.67
CA LEU A 84 -2.34 7.53 5.05
C LEU A 84 -1.71 8.48 6.09
N ASP A 85 -2.46 8.83 7.13
CA ASP A 85 -1.99 9.73 8.20
C ASP A 85 -0.82 9.15 9.02
N ILE A 86 -0.73 7.82 9.04
CA ILE A 86 0.39 7.10 9.68
C ILE A 86 1.65 7.19 8.82
N VAL A 87 1.58 6.90 7.51
CA VAL A 87 2.77 6.87 6.65
C VAL A 87 3.45 8.23 6.56
N THR A 88 2.69 9.32 6.54
CA THR A 88 3.24 10.69 6.53
C THR A 88 3.98 11.03 7.82
N LYS A 89 3.51 10.54 8.97
CA LYS A 89 4.20 10.67 10.27
C LYS A 89 5.51 9.89 10.30
N MET A 90 5.50 8.63 9.82
CA MET A 90 6.71 7.80 9.66
C MET A 90 7.72 8.37 8.66
N LEU A 91 7.29 9.23 7.73
CA LEU A 91 8.16 9.85 6.73
C LEU A 91 9.00 10.96 7.35
N GLU A 92 8.36 11.81 8.16
CA GLU A 92 9.03 12.94 8.84
C GLU A 92 10.00 12.51 9.93
N SER A 93 9.69 11.43 10.66
CA SER A 93 10.60 10.77 11.61
C SER A 93 11.67 9.89 10.94
N GLY A 94 11.52 9.64 9.64
CA GLY A 94 12.32 8.71 8.86
C GLY A 94 12.11 7.23 9.21
N ASP A 95 11.19 6.85 10.10
CA ASP A 95 10.95 5.45 10.48
C ASP A 95 10.47 4.58 9.30
N LEU A 96 9.76 5.19 8.34
CA LEU A 96 9.32 4.53 7.11
C LEU A 96 10.53 4.17 6.23
N LYS A 97 11.42 5.15 6.01
CA LYS A 97 12.69 4.98 5.31
C LYS A 97 13.62 4.01 6.07
N LYS A 98 13.53 3.99 7.41
CA LYS A 98 14.25 3.05 8.27
C LYS A 98 13.76 1.61 8.04
N MET A 99 12.45 1.40 7.85
CA MET A 99 11.92 0.08 7.48
C MET A 99 12.40 -0.39 6.11
N LEU A 100 12.44 0.47 5.08
CA LEU A 100 12.88 0.07 3.73
C LEU A 100 14.32 -0.44 3.72
N ARG A 101 15.24 0.31 4.35
CA ARG A 101 16.67 -0.06 4.47
C ARG A 101 16.92 -1.29 5.33
N ASP A 102 16.13 -1.47 6.38
CA ASP A 102 16.10 -2.67 7.20
C ASP A 102 15.60 -3.89 6.41
N LYS A 103 14.58 -3.72 5.56
CA LYS A 103 13.93 -4.77 4.76
C LYS A 103 14.61 -5.03 3.41
N GLY A 104 15.60 -4.22 3.03
CA GLY A 104 16.32 -4.38 1.77
C GLY A 104 15.62 -3.88 0.50
N ILE A 105 14.60 -3.01 0.61
CA ILE A 105 13.71 -2.64 -0.50
C ILE A 105 14.34 -1.53 -1.36
N THR A 106 14.11 -1.59 -2.69
CA THR A 106 14.56 -0.57 -3.65
C THR A 106 14.09 0.83 -3.28
N CYS A 107 15.00 1.79 -3.03
CA CYS A 107 14.65 3.18 -2.74
C CYS A 107 15.79 4.19 -2.97
N ARG A 108 15.40 5.47 -3.09
CA ARG A 108 16.24 6.68 -3.08
C ARG A 108 16.82 6.97 -1.67
N ASP A 109 17.79 7.88 -1.63
CA ASP A 109 18.69 8.13 -0.51
C ASP A 109 18.00 8.27 0.86
N LEU A 110 18.62 7.56 1.81
CA LEU A 110 18.06 7.05 3.08
C LEU A 110 18.01 8.08 4.22
#